data_7YUA
#
_entry.id   7YUA
#
_cell.length_a   58.843
_cell.length_b   155.155
_cell.length_c   94.636
_cell.angle_alpha   90.000
_cell.angle_beta   97.450
_cell.angle_gamma   90.000
#
_symmetry.space_group_name_H-M   'P 1 21 1'
#
loop_
_entity.id
_entity.type
_entity.pdbx_description
1 polymer Transglycosylse
2 non-polymer "GUANOSINE-5'-DIPHOSPHATE"
3 non-polymer 'MAGNESIUM ION'
4 non-polymer 'SULFATE ION'
5 water water
#
_entity_poly.entity_id   1
_entity_poly.type   'polypeptide(L)'
_entity_poly.pdbx_seq_one_letter_code
;MSGRDISTAVVVTTISDGGFLDRLAPALRDAGARLIVIPDRNTGPALFAACERHRRLGLDVVCPSVAEQQDLLERLAVPD
LIPYHSDNRRNVGYLMAWMEGFDVIVSMDDDNLPTTDDFVERHQVVCQGPRTQPVTASSDGWFNNCALLEVEPTEVFPRG
FPFHARPAHAQARTSVCERPADVRINAGLWLGDPDVDAITRLAVRPNALAHSGGSVVLAEGTWCPVNSQNTAVHRDALPA
YYFLRMGQPVDGVPMERFGDIFSGYFVQVCAQHLGHAVRFGDPVVEHPRNEHDLLDDLHKEVPAVRLLDDILDHLRDHPL
EGGDYLETYESLSYALQEIAERVNGRAWSPDARAFLHRSAHLMRSWTGALRTVAGT
;
_entity_poly.pdbx_strand_id   A,B,C,D
#
loop_
_chem_comp.id
_chem_comp.type
_chem_comp.name
_chem_comp.formula
GDP RNA linking GUANOSINE-5'-DIPHOSPHATE 'C10 H15 N5 O11 P2'
MG non-polymer 'MAGNESIUM ION' 'Mg 2'
SO4 non-polymer 'SULFATE ION' 'O4 S -2'
#
# COMPACT_ATOMS: atom_id res chain seq x y z
N ASP A 5 41.17 35.14 8.69
CA ASP A 5 40.82 34.15 9.70
C ASP A 5 39.48 33.49 9.33
N ILE A 6 39.48 32.17 9.18
CA ILE A 6 38.30 31.44 8.73
C ILE A 6 37.88 30.46 9.82
N SER A 7 36.76 30.74 10.47
CA SER A 7 36.22 29.83 11.49
C SER A 7 35.44 28.71 10.81
N THR A 8 35.78 27.47 11.14
CA THR A 8 35.23 26.28 10.49
C THR A 8 34.53 25.38 11.50
N ALA A 9 33.38 24.84 11.11
CA ALA A 9 32.63 23.90 11.95
C ALA A 9 32.35 22.64 11.14
N VAL A 10 32.68 21.49 11.68
CA VAL A 10 32.30 20.22 11.06
C VAL A 10 31.06 19.69 11.77
N VAL A 11 30.08 19.28 11.00
CA VAL A 11 28.82 18.79 11.55
C VAL A 11 28.73 17.30 11.26
N VAL A 12 28.45 16.53 12.32
CA VAL A 12 28.22 15.10 12.22
C VAL A 12 27.03 14.75 13.11
N THR A 13 26.26 13.76 12.68
CA THR A 13 25.21 13.18 13.49
C THR A 13 25.47 11.68 13.57
N THR A 14 25.41 11.13 14.78
CA THR A 14 25.82 9.75 14.95
C THR A 14 24.97 9.05 15.99
N ILE A 15 24.81 7.75 15.80
CA ILE A 15 24.29 6.86 16.82
C ILE A 15 25.35 5.86 17.27
N SER A 16 26.62 6.18 17.01
CA SER A 16 27.75 5.37 17.43
C SER A 16 28.12 5.67 18.88
N ASP A 17 29.07 4.90 19.41
CA ASP A 17 29.53 5.13 20.76
C ASP A 17 30.63 6.17 20.84
N GLY A 18 31.12 6.67 19.70
CA GLY A 18 32.07 7.75 19.69
C GLY A 18 33.45 7.36 19.18
N GLY A 19 33.63 6.10 18.78
CA GLY A 19 34.96 5.64 18.38
C GLY A 19 35.50 6.38 17.19
N PHE A 20 34.64 6.74 16.24
CA PHE A 20 35.07 7.52 15.08
C PHE A 20 35.86 8.76 15.49
N LEU A 21 35.64 9.27 16.69
CA LEU A 21 36.41 10.44 17.13
C LEU A 21 37.91 10.18 17.05
N ASP A 22 38.35 8.99 17.50
CA ASP A 22 39.78 8.74 17.62
C ASP A 22 40.52 9.08 16.32
N ARG A 23 40.06 8.54 15.20
CA ARG A 23 40.76 8.78 13.94
C ARG A 23 40.29 10.04 13.23
N LEU A 24 39.15 10.62 13.61
CA LEU A 24 38.70 11.84 12.95
C LEU A 24 39.18 13.11 13.63
N ALA A 25 39.46 13.09 14.93
CA ALA A 25 39.79 14.30 15.68
C ALA A 25 41.12 14.97 15.27
N PRO A 26 42.16 14.22 14.86
CA PRO A 26 43.45 14.84 14.51
C PRO A 26 43.39 16.05 13.57
N ALA A 27 42.92 15.85 12.33
CA ALA A 27 42.95 16.92 11.35
C ALA A 27 42.08 18.11 11.77
N LEU A 28 41.04 17.86 12.57
CA LEU A 28 40.23 18.96 13.08
C LEU A 28 40.92 19.62 14.27
N ARG A 29 41.56 18.81 15.11
CA ARG A 29 42.26 19.32 16.28
C ARG A 29 43.38 20.26 15.87
N ASP A 30 44.31 19.76 15.05
CA ASP A 30 45.45 20.55 14.58
C ASP A 30 45.02 21.77 13.76
N ALA A 31 43.82 21.74 13.16
CA ALA A 31 43.35 22.86 12.37
C ALA A 31 42.50 23.83 13.18
N GLY A 32 42.19 23.51 14.44
CA GLY A 32 41.37 24.39 15.24
C GLY A 32 39.93 24.48 14.80
N ALA A 33 39.40 23.41 14.21
CA ALA A 33 38.01 23.36 13.77
C ALA A 33 37.12 22.93 14.93
N ARG A 34 35.94 23.52 15.01
CA ARG A 34 34.93 23.05 15.93
C ARG A 34 34.24 21.81 15.36
N LEU A 35 33.88 20.88 16.23
CA LEU A 35 33.18 19.68 15.81
C LEU A 35 31.87 19.60 16.56
N ILE A 36 30.77 19.69 15.83
CA ILE A 36 29.43 19.53 16.39
C ILE A 36 28.97 18.11 16.06
N VAL A 37 28.82 17.28 17.09
CA VAL A 37 28.27 15.94 16.94
C VAL A 37 26.84 15.99 17.46
N ILE A 38 25.88 15.60 16.62
CA ILE A 38 24.47 15.70 16.99
C ILE A 38 24.00 14.29 17.38
N PRO A 39 23.77 14.02 18.65
CA PRO A 39 23.24 12.71 19.04
C PRO A 39 21.74 12.64 18.83
N ASP A 40 21.24 11.41 18.83
CA ASP A 40 19.83 11.09 18.67
C ASP A 40 19.33 10.36 19.91
N ARG A 41 18.02 10.13 19.96
CA ARG A 41 17.44 9.41 21.10
C ARG A 41 18.04 8.02 21.22
N ASN A 42 18.38 7.39 20.08
CA ASN A 42 18.99 6.07 20.05
C ASN A 42 20.53 6.12 20.10
N THR A 43 21.11 7.20 20.64
CA THR A 43 22.56 7.32 20.82
C THR A 43 22.90 6.94 22.27
N GLY A 44 23.61 5.82 22.44
CA GLY A 44 24.04 5.39 23.75
C GLY A 44 24.99 6.37 24.41
N PRO A 45 25.10 6.30 25.73
CA PRO A 45 25.88 7.32 26.47
C PRO A 45 27.38 7.28 26.22
N ALA A 46 27.93 6.19 25.68
CA ALA A 46 29.38 6.15 25.45
C ALA A 46 29.84 7.30 24.55
N LEU A 47 28.98 7.71 23.61
CA LEU A 47 29.30 8.81 22.71
C LEU A 47 29.66 10.07 23.49
N PHE A 48 28.86 10.43 24.49
CA PHE A 48 29.10 11.66 25.21
C PHE A 48 30.43 11.63 25.95
N ALA A 49 30.77 10.50 26.56
CA ALA A 49 32.07 10.36 27.22
C ALA A 49 33.19 10.53 26.21
N ALA A 50 33.10 9.83 25.08
CA ALA A 50 34.12 9.93 24.04
C ALA A 50 34.40 11.39 23.67
N CYS A 51 33.36 12.24 23.69
CA CYS A 51 33.56 13.65 23.37
C CYS A 51 34.37 14.35 24.43
N GLU A 52 33.93 14.26 25.70
CA GLU A 52 34.67 14.96 26.76
C GLU A 52 36.10 14.46 26.84
N ARG A 53 36.33 13.22 26.45
CA ARG A 53 37.70 12.74 26.35
C ARG A 53 38.46 13.49 25.27
N HIS A 54 37.85 13.65 24.09
CA HIS A 54 38.53 14.34 23.01
C HIS A 54 38.59 15.84 23.24
N ARG A 55 37.59 16.42 23.88
CA ARG A 55 37.71 17.81 24.31
C ARG A 55 38.90 17.97 25.25
N ARG A 56 39.08 17.01 26.15
CA ARG A 56 40.25 17.06 27.03
C ARG A 56 41.54 16.87 26.25
N LEU A 57 41.49 16.19 25.11
CA LEU A 57 42.66 16.02 24.27
C LEU A 57 42.87 17.18 23.29
N GLY A 58 42.16 18.30 23.48
CA GLY A 58 42.44 19.52 22.76
C GLY A 58 41.48 19.85 21.62
N LEU A 59 40.53 18.97 21.30
CA LEU A 59 39.58 19.20 20.22
C LEU A 59 38.38 19.98 20.73
N ASP A 60 37.96 20.99 19.98
CA ASP A 60 36.82 21.83 20.33
C ASP A 60 35.56 21.14 19.81
N VAL A 61 35.16 20.08 20.49
CA VAL A 61 34.01 19.30 20.11
C VAL A 61 32.91 19.54 21.13
N VAL A 62 31.69 19.71 20.63
CA VAL A 62 30.49 19.82 21.44
C VAL A 62 29.51 18.78 20.92
N CYS A 63 28.54 18.46 21.76
CA CYS A 63 27.67 17.32 21.51
C CYS A 63 26.36 17.54 22.26
N PRO A 64 25.48 18.39 21.74
CA PRO A 64 24.29 18.78 22.50
C PRO A 64 23.34 17.61 22.73
N SER A 65 22.87 17.47 23.96
CA SER A 65 21.88 16.44 24.26
C SER A 65 20.58 16.73 23.53
N VAL A 66 19.83 15.66 23.26
CA VAL A 66 18.54 15.80 22.61
C VAL A 66 17.68 16.82 23.34
N ALA A 67 17.73 16.80 24.67
CA ALA A 67 16.93 17.77 25.43
C ALA A 67 17.37 19.19 25.13
N GLU A 68 18.69 19.40 24.98
CA GLU A 68 19.18 20.71 24.56
C GLU A 68 18.73 21.02 23.14
N GLN A 69 18.95 20.08 22.23
CA GLN A 69 18.51 20.27 20.85
C GLN A 69 17.06 20.70 20.79
N GLN A 70 16.19 19.94 21.47
CA GLN A 70 14.75 20.21 21.41
C GLN A 70 14.41 21.58 21.98
N ASP A 71 15.14 21.99 23.03
CA ASP A 71 14.93 23.32 23.62
C ASP A 71 15.19 24.40 22.59
N LEU A 72 16.33 24.32 21.89
CA LEU A 72 16.62 25.28 20.83
C LEU A 72 15.51 25.29 19.79
N LEU A 73 15.17 24.11 19.27
CA LEU A 73 14.17 24.05 18.22
C LEU A 73 12.81 24.54 18.73
N GLU A 74 12.54 24.34 20.03
CA GLU A 74 11.28 24.81 20.60
C GLU A 74 11.24 26.34 20.68
N ARG A 75 12.35 26.96 21.10
CA ARG A 75 12.38 28.42 21.18
C ARG A 75 12.33 29.06 19.81
N LEU A 76 12.84 28.41 18.77
CA LEU A 76 12.69 28.94 17.44
C LEU A 76 11.38 28.53 16.77
N ALA A 77 10.42 28.00 17.55
CA ALA A 77 9.08 27.67 17.08
C ALA A 77 9.06 26.59 16.01
N VAL A 78 10.09 25.76 15.92
CA VAL A 78 10.08 24.65 14.95
C VAL A 78 10.19 23.34 15.72
N PRO A 79 9.31 23.09 16.69
CA PRO A 79 9.49 21.92 17.56
C PRO A 79 9.39 20.59 16.83
N ASP A 80 8.58 20.49 15.78
CA ASP A 80 8.35 19.22 15.10
C ASP A 80 9.16 19.10 13.83
N LEU A 81 9.98 20.11 13.52
CA LEU A 81 10.62 20.16 12.21
C LEU A 81 11.50 18.94 11.97
N ILE A 82 12.25 18.52 12.98
CA ILE A 82 13.33 17.57 12.78
C ILE A 82 13.01 16.30 13.58
N PRO A 83 12.76 15.17 12.93
CA PRO A 83 12.46 13.94 13.66
C PRO A 83 13.68 13.38 14.37
N TYR A 84 13.42 12.57 15.38
CA TYR A 84 14.41 11.73 16.01
C TYR A 84 14.46 10.36 15.31
N HIS A 85 15.45 9.56 15.68
CA HIS A 85 15.71 8.29 14.99
C HIS A 85 15.89 8.53 13.50
N SER A 86 16.55 9.64 13.16
CA SER A 86 16.86 9.99 11.78
C SER A 86 18.20 10.71 11.69
N ASP A 87 18.91 10.47 10.59
CA ASP A 87 20.08 11.30 10.34
C ASP A 87 19.67 12.73 9.83
N ASN A 88 18.36 12.97 9.80
CA ASN A 88 17.86 14.33 9.64
C ASN A 88 18.39 15.28 10.71
N ARG A 89 18.68 14.77 11.91
CA ARG A 89 19.19 15.62 13.00
C ARG A 89 20.47 16.36 12.62
N ARG A 90 21.13 15.95 11.55
CA ARG A 90 22.09 16.80 10.84
C ARG A 90 21.70 18.28 10.93
N ASN A 91 20.46 18.57 10.54
CA ASN A 91 20.04 19.94 10.42
C ASN A 91 20.28 20.72 11.71
N VAL A 92 20.33 20.03 12.85
CA VAL A 92 20.59 20.74 14.09
C VAL A 92 21.97 21.37 14.07
N GLY A 93 22.99 20.60 13.71
CA GLY A 93 24.34 21.15 13.65
C GLY A 93 24.48 22.30 12.67
N TYR A 94 23.90 22.15 11.47
CA TYR A 94 23.90 23.24 10.50
C TYR A 94 23.38 24.52 11.14
N LEU A 95 22.28 24.39 11.87
CA LEU A 95 21.65 25.55 12.50
C LEU A 95 22.54 26.12 13.59
N MET A 96 23.14 25.24 14.39
CA MET A 96 23.98 25.72 15.48
C MET A 96 25.21 26.44 14.92
N ALA A 97 25.92 25.80 13.99
CA ALA A 97 27.10 26.42 13.41
C ALA A 97 26.76 27.77 12.76
N TRP A 98 25.60 27.86 12.14
CA TRP A 98 25.20 29.11 11.53
C TRP A 98 24.86 30.15 12.59
N MET A 99 24.05 29.76 13.58
CA MET A 99 23.75 30.67 14.69
C MET A 99 25.02 31.27 15.27
N GLU A 100 26.06 30.44 15.42
CA GLU A 100 27.27 30.85 16.13
C GLU A 100 28.28 31.56 15.23
N GLY A 101 27.91 31.87 14.00
CA GLY A 101 28.72 32.72 13.16
C GLY A 101 29.88 32.07 12.44
N PHE A 102 29.92 30.75 12.33
CA PHE A 102 30.99 30.11 11.60
C PHE A 102 30.89 30.45 10.11
N ASP A 103 32.04 30.68 9.48
CA ASP A 103 32.07 30.97 8.05
C ASP A 103 31.87 29.72 7.21
N VAL A 104 32.50 28.61 7.59
CA VAL A 104 32.52 27.38 6.80
C VAL A 104 31.91 26.26 7.62
N ILE A 105 30.92 25.59 7.05
CA ILE A 105 30.28 24.41 7.64
C ILE A 105 30.65 23.22 6.76
N VAL A 106 31.25 22.19 7.35
CA VAL A 106 31.66 20.99 6.64
C VAL A 106 30.78 19.85 7.13
N SER A 107 29.99 19.28 6.22
CA SER A 107 29.05 18.22 6.56
C SER A 107 29.72 16.88 6.30
N MET A 108 29.76 16.03 7.33
CA MET A 108 30.41 14.73 7.22
C MET A 108 29.52 13.66 7.80
N ASP A 109 29.73 12.43 7.35
CA ASP A 109 29.29 11.25 8.08
C ASP A 109 30.33 10.87 9.12
N ASP A 110 29.90 10.13 10.13
CA ASP A 110 30.84 9.70 11.15
C ASP A 110 31.75 8.56 10.70
N ASP A 111 31.58 8.03 9.49
CA ASP A 111 32.48 6.99 8.99
C ASP A 111 33.49 7.50 7.95
N ASN A 112 33.33 8.73 7.44
CA ASN A 112 34.32 9.29 6.53
C ASN A 112 35.56 9.74 7.29
N LEU A 113 36.73 9.46 6.73
CA LEU A 113 37.99 9.76 7.39
C LEU A 113 38.86 10.59 6.47
N PRO A 114 39.27 11.80 6.88
CA PRO A 114 40.18 12.58 6.05
C PRO A 114 41.45 11.80 5.73
N THR A 115 41.96 11.98 4.51
CA THR A 115 43.16 11.31 4.08
C THR A 115 44.37 12.23 3.96
N THR A 116 44.26 13.51 4.30
CA THR A 116 45.38 14.44 4.18
C THR A 116 45.39 15.40 5.35
N ASP A 117 46.59 15.93 5.65
CA ASP A 117 46.75 16.88 6.74
C ASP A 117 46.00 18.18 6.48
N ASP A 118 45.79 18.52 5.20
CA ASP A 118 45.19 19.80 4.84
C ASP A 118 43.69 19.69 4.53
N PHE A 119 43.01 18.72 5.15
CA PHE A 119 41.56 18.56 4.97
C PHE A 119 40.80 19.88 5.18
N VAL A 120 40.97 20.52 6.34
CA VAL A 120 40.19 21.73 6.61
C VAL A 120 40.59 22.88 5.69
N GLU A 121 41.90 23.07 5.50
CA GLU A 121 42.37 24.12 4.61
C GLU A 121 41.72 24.01 3.24
N ARG A 122 41.57 22.79 2.72
CA ARG A 122 41.06 22.63 1.36
C ARG A 122 39.57 22.95 1.28
N HIS A 123 38.78 22.49 2.24
CA HIS A 123 37.37 22.88 2.26
C HIS A 123 37.18 24.38 2.41
N GLN A 124 38.25 25.13 2.72
CA GLN A 124 38.07 26.55 2.90
C GLN A 124 38.12 27.30 1.59
N VAL A 125 38.43 26.63 0.49
CA VAL A 125 38.24 27.22 -0.83
C VAL A 125 36.89 27.93 -0.91
N VAL A 126 35.88 27.46 -0.18
CA VAL A 126 34.57 28.13 -0.24
C VAL A 126 34.59 29.53 0.33
N CYS A 127 35.65 29.88 1.05
CA CYS A 127 35.86 31.24 1.53
C CYS A 127 36.77 32.05 0.61
N GLN A 128 37.21 31.49 -0.52
CA GLN A 128 37.86 32.32 -1.51
C GLN A 128 36.91 33.43 -1.94
N GLY A 129 37.44 34.45 -2.57
CA GLY A 129 36.55 35.39 -3.19
C GLY A 129 36.07 34.90 -4.53
N PRO A 130 35.30 35.74 -5.22
CA PRO A 130 35.13 35.55 -6.67
C PRO A 130 36.47 35.67 -7.39
N ARG A 131 36.64 34.83 -8.41
CA ARG A 131 37.90 34.75 -9.13
C ARG A 131 37.66 34.42 -10.59
N THR A 132 38.53 34.94 -11.46
CA THR A 132 38.61 34.46 -12.83
C THR A 132 39.38 33.16 -12.81
N GLN A 133 38.76 32.11 -13.34
CA GLN A 133 39.01 30.74 -12.88
C GLN A 133 38.66 29.79 -14.01
N PRO A 134 39.33 28.65 -14.11
CA PRO A 134 38.88 27.63 -15.06
C PRO A 134 37.54 27.06 -14.60
N VAL A 135 36.54 27.17 -15.45
CA VAL A 135 35.20 26.70 -15.16
C VAL A 135 34.84 25.63 -16.17
N THR A 136 34.15 24.59 -15.71
CA THR A 136 33.93 23.38 -16.50
C THR A 136 32.47 23.31 -16.92
N ALA A 137 32.21 23.22 -18.22
CA ALA A 137 30.86 23.13 -18.75
C ALA A 137 30.69 21.85 -19.53
N SER A 138 29.46 21.35 -19.55
CA SER A 138 29.11 20.17 -20.34
C SER A 138 27.92 20.49 -21.23
N SER A 139 28.01 20.08 -22.50
CA SER A 139 26.96 20.38 -23.46
C SER A 139 25.59 19.88 -23.00
N ASP A 140 25.54 18.83 -22.19
CA ASP A 140 24.27 18.25 -21.78
C ASP A 140 23.83 18.67 -20.38
N GLY A 141 24.52 19.63 -19.77
CA GLY A 141 24.10 20.13 -18.48
C GLY A 141 24.55 19.33 -17.27
N TRP A 142 25.31 18.26 -17.45
CA TRP A 142 25.71 17.41 -16.34
C TRP A 142 27.22 17.20 -16.32
N PHE A 143 27.72 16.99 -15.12
CA PHE A 143 29.12 16.64 -14.94
C PHE A 143 29.18 15.46 -13.97
N ASN A 144 30.01 14.46 -14.29
CA ASN A 144 30.09 13.24 -13.49
C ASN A 144 31.36 13.31 -12.65
N ASN A 145 31.21 13.62 -11.36
CA ASN A 145 32.36 13.79 -10.50
C ASN A 145 33.13 12.49 -10.30
N CYS A 146 32.46 11.34 -10.36
CA CYS A 146 33.16 10.05 -10.29
C CYS A 146 34.18 9.90 -11.41
N ALA A 147 34.00 10.65 -12.50
CA ALA A 147 35.02 10.65 -13.55
C ALA A 147 36.35 11.18 -13.04
N LEU A 148 36.37 11.91 -11.92
CA LEU A 148 37.62 12.36 -11.35
C LEU A 148 38.35 11.25 -10.59
N LEU A 149 37.71 10.11 -10.35
CA LEU A 149 38.31 9.03 -9.58
C LEU A 149 38.71 7.89 -10.50
N GLU A 150 39.72 7.13 -10.07
CA GLU A 150 39.97 5.80 -10.65
C GLU A 150 39.06 4.81 -9.93
N VAL A 151 38.08 4.28 -10.65
CA VAL A 151 37.07 3.39 -10.08
C VAL A 151 37.27 2.00 -10.68
N GLU A 152 37.48 1.01 -9.82
CA GLU A 152 38.01 -0.24 -10.35
C GLU A 152 37.11 -0.85 -11.41
N PRO A 153 35.98 -1.44 -11.02
CA PRO A 153 35.31 -2.37 -11.95
C PRO A 153 35.04 -1.72 -13.29
N THR A 154 34.43 -0.54 -13.28
CA THR A 154 33.97 0.10 -14.50
C THR A 154 33.56 1.52 -14.12
N GLU A 155 33.29 2.35 -15.13
CA GLU A 155 32.87 3.72 -14.85
C GLU A 155 31.56 3.72 -14.07
N VAL A 156 31.40 4.72 -13.19
CA VAL A 156 30.18 4.90 -12.41
C VAL A 156 29.83 6.37 -12.28
N PHE A 157 28.54 6.63 -12.04
CA PHE A 157 27.96 7.93 -11.70
C PHE A 157 27.71 8.04 -10.21
N PRO A 158 27.71 9.25 -9.66
CA PRO A 158 27.39 9.40 -8.23
C PRO A 158 25.91 9.22 -7.95
N ARG A 159 25.63 8.92 -6.67
CA ARG A 159 24.25 8.80 -6.24
C ARG A 159 23.50 10.10 -6.53
N GLY A 160 22.31 9.97 -7.12
CA GLY A 160 21.51 11.12 -7.42
C GLY A 160 21.73 11.70 -8.79
N PHE A 161 22.71 11.18 -9.53
CA PHE A 161 22.90 11.61 -10.91
C PHE A 161 21.70 11.12 -11.72
N PRO A 162 21.01 11.98 -12.47
CA PRO A 162 19.79 11.54 -13.17
C PRO A 162 20.09 10.39 -14.12
N PHE A 163 19.07 9.54 -14.34
CA PHE A 163 19.27 8.32 -15.11
C PHE A 163 19.10 8.54 -16.60
N HIS A 164 18.08 9.31 -17.01
CA HIS A 164 17.85 9.61 -18.41
C HIS A 164 19.08 10.17 -19.11
N ALA A 165 19.96 10.85 -18.39
CA ALA A 165 21.09 11.51 -19.01
C ALA A 165 22.30 10.60 -19.11
N ARG A 166 22.33 9.51 -18.36
CA ARG A 166 23.50 8.63 -18.30
C ARG A 166 23.84 7.98 -19.63
N PRO A 167 22.89 7.44 -20.39
CA PRO A 167 23.27 6.74 -21.62
C PRO A 167 24.07 7.60 -22.59
N ALA A 168 23.67 8.86 -22.77
CA ALA A 168 24.28 9.76 -23.74
C ALA A 168 25.40 10.62 -23.17
N HIS A 169 25.55 10.67 -21.84
CA HIS A 169 26.51 11.59 -21.23
C HIS A 169 27.91 11.46 -21.83
N ALA A 170 28.36 10.22 -22.06
CA ALA A 170 29.71 10.01 -22.58
C ALA A 170 29.93 10.69 -23.92
N GLN A 171 28.87 11.02 -24.65
CA GLN A 171 29.00 11.74 -25.91
C GLN A 171 28.86 13.24 -25.75
N ALA A 172 28.86 13.75 -24.52
CA ALA A 172 28.66 15.18 -24.32
C ALA A 172 29.98 15.91 -24.43
N ARG A 173 29.90 17.18 -24.83
CA ARG A 173 31.08 18.04 -24.99
C ARG A 173 31.40 18.69 -23.65
N THR A 174 32.58 18.39 -23.12
CA THR A 174 33.08 19.04 -21.91
C THR A 174 34.08 20.12 -22.29
N SER A 175 33.87 21.33 -21.77
CA SER A 175 34.66 22.51 -22.11
C SER A 175 35.16 23.21 -20.85
N VAL A 176 36.39 23.69 -20.90
CA VAL A 176 36.95 24.53 -19.85
C VAL A 176 37.10 25.94 -20.39
N CYS A 177 36.67 26.92 -19.60
CA CYS A 177 36.75 28.33 -19.97
C CYS A 177 37.05 29.13 -18.72
N GLU A 178 37.76 30.24 -18.91
CA GLU A 178 37.96 31.22 -17.84
C GLU A 178 36.75 32.15 -17.78
N ARG A 179 36.11 32.18 -16.61
CA ARG A 179 35.01 33.07 -16.28
C ARG A 179 35.16 33.48 -14.83
N PRO A 180 34.53 34.56 -14.41
CA PRO A 180 34.44 34.84 -12.97
C PRO A 180 33.62 33.74 -12.31
N ALA A 181 34.07 33.31 -11.13
CA ALA A 181 33.39 32.26 -10.41
C ALA A 181 33.61 32.45 -8.91
N ASP A 182 32.57 32.19 -8.13
CA ASP A 182 32.57 32.41 -6.68
C ASP A 182 32.11 31.12 -6.02
N VAL A 183 33.07 30.29 -5.61
CA VAL A 183 32.78 28.97 -5.06
C VAL A 183 32.18 29.13 -3.68
N ARG A 184 31.00 28.57 -3.47
CA ARG A 184 30.40 28.54 -2.14
C ARG A 184 30.13 27.14 -1.62
N ILE A 185 30.34 26.10 -2.43
CA ILE A 185 30.10 24.73 -1.99
C ILE A 185 31.23 23.88 -2.49
N ASN A 186 31.94 23.23 -1.58
CA ASN A 186 33.00 22.33 -1.98
C ASN A 186 32.62 20.88 -1.67
N ALA A 187 32.39 20.09 -2.71
CA ALA A 187 32.03 18.67 -2.59
C ALA A 187 33.29 17.83 -2.75
N GLY A 188 33.90 17.47 -1.63
CA GLY A 188 35.08 16.65 -1.68
C GLY A 188 34.74 15.18 -1.88
N LEU A 189 35.63 14.46 -2.54
CA LEU A 189 35.29 13.14 -3.00
C LEU A 189 35.71 12.07 -1.99
N TRP A 190 35.68 10.82 -2.43
CA TRP A 190 35.74 9.69 -1.51
C TRP A 190 36.47 8.56 -2.18
N LEU A 191 37.34 7.92 -1.43
CA LEU A 191 38.03 6.73 -1.88
C LEU A 191 37.47 5.53 -1.14
N GLY A 192 37.67 4.35 -1.72
CA GLY A 192 37.11 3.13 -1.18
C GLY A 192 35.73 2.97 -1.73
N ASP A 193 34.71 3.01 -0.87
CA ASP A 193 33.33 2.88 -1.32
C ASP A 193 32.80 4.26 -1.71
N PRO A 194 32.66 4.56 -3.00
CA PRO A 194 32.25 5.91 -3.41
C PRO A 194 30.74 6.11 -3.30
N ASP A 195 30.33 7.38 -3.30
CA ASP A 195 28.91 7.71 -3.15
C ASP A 195 28.18 7.40 -4.47
N VAL A 196 27.87 6.12 -4.65
CA VAL A 196 27.01 5.66 -5.74
C VAL A 196 25.67 5.25 -5.15
N ASP A 197 24.66 5.19 -6.00
CA ASP A 197 23.34 4.75 -5.54
C ASP A 197 23.31 3.22 -5.42
N ALA A 198 22.25 2.73 -4.77
CA ALA A 198 22.15 1.32 -4.44
C ALA A 198 22.06 0.46 -5.69
N ILE A 199 21.50 1.01 -6.77
CA ILE A 199 21.50 0.33 -8.07
C ILE A 199 22.93 0.00 -8.47
N THR A 200 23.76 1.03 -8.58
CA THR A 200 25.15 0.84 -8.99
C THR A 200 25.91 -0.05 -8.02
N ARG A 201 25.79 0.20 -6.72
CA ARG A 201 26.55 -0.61 -5.77
C ARG A 201 26.25 -2.08 -5.98
N LEU A 202 24.94 -2.42 -6.05
CA LEU A 202 24.50 -3.80 -6.26
C LEU A 202 25.04 -4.37 -7.57
N ALA A 203 25.14 -3.54 -8.61
CA ALA A 203 25.47 -4.05 -9.93
C ALA A 203 26.97 -4.22 -10.15
N VAL A 204 27.82 -3.42 -9.49
CA VAL A 204 29.26 -3.55 -9.73
C VAL A 204 30.13 -3.28 -8.51
N ARG A 205 29.55 -3.21 -7.32
CA ARG A 205 30.30 -2.98 -6.08
C ARG A 205 31.58 -2.19 -6.31
N PRO A 206 31.50 -0.96 -6.80
CA PRO A 206 32.71 -0.28 -7.26
C PRO A 206 33.65 0.08 -6.12
N ASN A 207 34.92 0.20 -6.50
CA ASN A 207 35.97 0.57 -5.56
C ASN A 207 36.68 1.79 -6.11
N ALA A 208 36.66 2.88 -5.36
CA ALA A 208 37.36 4.09 -5.79
C ALA A 208 38.80 3.96 -5.32
N LEU A 209 39.72 3.95 -6.27
CA LEU A 209 41.11 3.64 -5.97
C LEU A 209 41.94 4.90 -5.72
N ALA A 210 41.79 5.91 -6.57
CA ALA A 210 42.58 7.12 -6.41
C ALA A 210 41.78 8.33 -6.85
N HIS A 211 42.23 9.50 -6.43
CA HIS A 211 41.75 10.78 -6.95
C HIS A 211 42.78 11.23 -7.98
N SER A 212 42.44 11.03 -9.26
CA SER A 212 43.36 11.22 -10.36
C SER A 212 43.09 12.49 -11.17
N GLY A 213 41.86 12.99 -11.19
CA GLY A 213 41.49 14.03 -12.11
C GLY A 213 41.51 15.46 -11.61
N GLY A 214 42.03 15.70 -10.41
CA GLY A 214 42.06 17.06 -9.91
C GLY A 214 40.69 17.55 -9.46
N SER A 215 40.49 18.85 -9.55
CA SER A 215 39.26 19.48 -9.12
C SER A 215 38.69 20.30 -10.26
N VAL A 216 37.42 20.67 -10.10
CA VAL A 216 36.69 21.41 -11.13
C VAL A 216 35.71 22.35 -10.45
N VAL A 217 35.24 23.34 -11.20
CA VAL A 217 34.23 24.29 -10.76
C VAL A 217 33.24 24.38 -11.90
N LEU A 218 31.99 24.01 -11.64
CA LEU A 218 31.03 23.82 -12.72
C LEU A 218 30.45 25.15 -13.16
N ALA A 219 30.44 25.38 -14.48
CA ALA A 219 29.82 26.56 -15.07
C ALA A 219 28.33 26.59 -14.79
N GLU A 220 27.77 27.80 -14.79
CA GLU A 220 26.32 27.96 -14.74
C GLU A 220 25.64 27.05 -15.76
N GLY A 221 24.56 26.39 -15.35
CA GLY A 221 23.89 25.46 -16.22
C GLY A 221 24.46 24.05 -16.26
N THR A 222 25.60 23.80 -15.62
CA THR A 222 26.12 22.45 -15.47
C THR A 222 25.99 22.03 -14.01
N TRP A 223 25.34 20.88 -13.79
CA TRP A 223 25.06 20.38 -12.46
C TRP A 223 25.69 19.01 -12.25
N CYS A 224 25.95 18.70 -10.98
CA CYS A 224 26.32 17.39 -10.52
C CYS A 224 25.77 17.25 -9.10
N PRO A 225 25.31 16.07 -8.70
CA PRO A 225 24.79 15.92 -7.33
C PRO A 225 25.86 16.22 -6.29
N VAL A 226 25.43 16.83 -5.18
CA VAL A 226 26.29 17.16 -4.06
C VAL A 226 25.71 16.47 -2.81
N ASN A 227 26.51 15.65 -2.16
CA ASN A 227 26.05 14.92 -0.99
C ASN A 227 26.46 15.65 0.29
N SER A 228 26.02 15.14 1.43
CA SER A 228 26.36 15.69 2.73
C SER A 228 27.47 14.92 3.43
N GLN A 229 28.21 14.09 2.69
CA GLN A 229 29.21 13.23 3.32
C GLN A 229 30.56 13.93 3.52
N ASN A 230 30.96 14.80 2.58
CA ASN A 230 32.29 15.39 2.58
C ASN A 230 32.22 16.75 1.86
N THR A 231 31.53 17.71 2.48
CA THR A 231 31.02 18.85 1.73
C THR A 231 31.08 20.12 2.56
N ALA A 232 31.83 21.09 2.06
CA ALA A 232 31.94 22.37 2.73
C ALA A 232 30.93 23.33 2.13
N VAL A 233 30.28 24.09 3.00
CA VAL A 233 29.31 25.08 2.59
C VAL A 233 29.67 26.38 3.27
N HIS A 234 29.67 27.46 2.50
CA HIS A 234 29.90 28.77 3.07
C HIS A 234 28.64 29.27 3.76
N ARG A 235 28.84 30.03 4.85
CA ARG A 235 27.74 30.32 5.76
C ARG A 235 26.55 30.97 5.04
N ASP A 236 26.82 31.78 4.02
CA ASP A 236 25.73 32.40 3.27
C ASP A 236 24.86 31.39 2.53
N ALA A 237 25.42 30.24 2.12
CA ALA A 237 24.61 29.25 1.41
C ALA A 237 23.89 28.31 2.36
N LEU A 238 24.35 28.20 3.59
CA LEU A 238 23.73 27.28 4.54
C LEU A 238 22.20 27.37 4.60
N PRO A 239 21.56 28.51 4.44
CA PRO A 239 20.08 28.49 4.46
C PRO A 239 19.47 27.53 3.45
N ALA A 240 20.08 27.38 2.27
CA ALA A 240 19.55 26.48 1.25
C ALA A 240 20.06 25.05 1.39
N TYR A 241 20.76 24.72 2.48
CA TYR A 241 21.36 23.41 2.63
C TYR A 241 20.55 22.52 3.57
N TYR A 242 19.29 22.87 3.77
CA TYR A 242 18.39 22.04 4.57
C TYR A 242 18.37 20.62 4.03
N PHE A 243 18.66 19.66 4.92
CA PHE A 243 18.59 18.23 4.64
C PHE A 243 17.12 17.80 4.66
N LEU A 244 16.59 17.39 3.51
CA LEU A 244 15.16 17.13 3.42
C LEU A 244 14.71 15.91 4.25
N ARG A 245 13.51 16.01 4.77
CA ARG A 245 12.88 14.91 5.50
C ARG A 245 12.51 13.77 4.54
N MET A 246 13.01 12.57 4.83
CA MET A 246 12.60 11.34 4.17
C MET A 246 11.33 10.75 4.80
N GLY A 247 10.91 9.62 4.26
CA GLY A 247 9.79 8.89 4.77
C GLY A 247 8.51 9.05 3.99
N GLN A 248 8.47 9.93 3.01
CA GLN A 248 7.21 10.12 2.31
C GLN A 248 7.01 9.00 1.30
N PRO A 249 5.84 8.37 1.26
CA PRO A 249 5.63 7.31 0.29
C PRO A 249 5.47 7.87 -1.12
N VAL A 250 6.08 7.17 -2.07
CA VAL A 250 5.80 7.29 -3.50
C VAL A 250 5.08 6.01 -3.89
N ASP A 251 3.85 6.14 -4.38
CA ASP A 251 3.08 4.96 -4.75
C ASP A 251 3.02 3.97 -3.59
N GLY A 252 2.92 4.51 -2.38
CA GLY A 252 2.85 3.68 -1.20
C GLY A 252 4.17 3.28 -0.57
N VAL A 253 5.30 3.47 -1.26
CA VAL A 253 6.60 3.03 -0.76
C VAL A 253 7.35 4.25 -0.21
N PRO A 254 7.78 4.23 1.05
CA PRO A 254 8.45 5.40 1.61
C PRO A 254 9.86 5.58 1.07
N MET A 255 10.20 6.84 0.80
CA MET A 255 11.53 7.13 0.28
C MET A 255 12.50 7.30 1.45
N GLU A 256 13.74 6.84 1.25
CA GLU A 256 14.78 7.15 2.22
C GLU A 256 16.09 7.41 1.48
N ARG A 257 17.10 7.84 2.24
CA ARG A 257 18.47 7.91 1.80
C ARG A 257 18.73 8.99 0.74
N PHE A 258 17.76 9.86 0.44
CA PHE A 258 17.97 10.89 -0.58
C PHE A 258 17.82 12.31 -0.04
N GLY A 259 17.92 12.50 1.28
CA GLY A 259 17.69 13.82 1.82
C GLY A 259 18.74 14.83 1.42
N ASP A 260 19.98 14.38 1.26
CA ASP A 260 21.07 15.24 0.84
C ASP A 260 21.21 15.32 -0.67
N ILE A 261 20.50 14.48 -1.41
CA ILE A 261 20.46 14.65 -2.86
C ILE A 261 19.60 15.85 -3.20
N PHE A 262 18.42 15.93 -2.60
CA PHE A 262 17.62 17.13 -2.76
C PHE A 262 18.38 18.35 -2.27
N SER A 263 19.02 18.25 -1.10
CA SER A 263 19.69 19.41 -0.54
C SER A 263 20.85 19.85 -1.42
N GLY A 264 21.63 18.89 -1.94
CA GLY A 264 22.78 19.23 -2.76
C GLY A 264 22.41 19.79 -4.13
N TYR A 265 21.23 19.44 -4.64
CA TYR A 265 20.71 20.13 -5.82
C TYR A 265 20.11 21.49 -5.43
N PHE A 266 19.49 21.58 -4.26
CA PHE A 266 18.79 22.82 -3.90
C PHE A 266 19.80 23.94 -3.64
N VAL A 267 20.79 23.65 -2.80
CA VAL A 267 21.84 24.63 -2.56
C VAL A 267 22.53 24.99 -3.86
N GLN A 268 22.58 24.05 -4.81
CA GLN A 268 23.32 24.27 -6.05
C GLN A 268 22.53 25.16 -6.99
N VAL A 269 21.23 24.86 -7.16
CA VAL A 269 20.32 25.73 -7.90
C VAL A 269 20.33 27.13 -7.33
N CYS A 270 20.11 27.27 -6.02
CA CYS A 270 20.15 28.59 -5.40
C CYS A 270 21.47 29.29 -5.71
N ALA A 271 22.59 28.59 -5.53
CA ALA A 271 23.89 29.22 -5.68
C ALA A 271 24.05 29.81 -7.09
N GLN A 272 23.75 29.00 -8.10
CA GLN A 272 23.88 29.51 -9.45
C GLN A 272 23.00 30.74 -9.63
N HIS A 273 21.74 30.68 -9.15
CA HIS A 273 20.86 31.84 -9.22
C HIS A 273 21.53 33.10 -8.65
N LEU A 274 22.26 32.95 -7.55
CA LEU A 274 22.94 34.08 -6.92
C LEU A 274 24.32 34.35 -7.52
N GLY A 275 24.68 33.70 -8.62
CA GLY A 275 25.98 33.89 -9.23
C GLY A 275 27.13 33.19 -8.54
N HIS A 276 26.87 32.10 -7.82
CA HIS A 276 27.89 31.36 -7.11
C HIS A 276 28.08 30.00 -7.78
N ALA A 277 29.08 29.24 -7.31
CA ALA A 277 29.49 28.03 -8.01
C ALA A 277 29.72 26.88 -7.04
N VAL A 278 29.72 25.67 -7.59
CA VAL A 278 30.01 24.45 -6.83
C VAL A 278 31.29 23.83 -7.36
N ARG A 279 32.16 23.42 -6.44
CA ARG A 279 33.44 22.82 -6.76
C ARG A 279 33.41 21.34 -6.39
N PHE A 280 34.13 20.51 -7.17
CA PHE A 280 34.27 19.09 -6.88
C PHE A 280 35.74 18.70 -6.92
N GLY A 281 36.15 17.88 -5.95
CA GLY A 281 37.52 17.41 -5.89
C GLY A 281 38.04 17.23 -4.49
N ASP A 282 39.19 17.84 -4.16
CA ASP A 282 39.74 17.65 -2.83
C ASP A 282 39.03 18.55 -1.83
N PRO A 283 39.21 18.28 -0.54
CA PRO A 283 39.95 17.13 -0.03
C PRO A 283 39.14 15.84 -0.11
N VAL A 284 39.82 14.69 -0.25
CA VAL A 284 39.13 13.42 -0.36
C VAL A 284 39.14 12.71 1.00
N VAL A 285 38.06 12.01 1.29
CA VAL A 285 37.96 11.21 2.51
C VAL A 285 38.07 9.73 2.14
N GLU A 286 38.22 8.90 3.17
CA GLU A 286 38.14 7.45 3.03
C GLU A 286 36.78 6.99 3.52
N HIS A 287 35.97 6.45 2.62
CA HIS A 287 34.68 5.88 2.96
C HIS A 287 34.80 4.36 2.97
N PRO A 288 34.77 3.71 4.13
CA PRO A 288 34.90 2.24 4.15
C PRO A 288 33.65 1.57 3.62
N ARG A 289 33.83 0.39 3.04
CA ARG A 289 32.74 -0.39 2.46
C ARG A 289 31.93 -1.01 3.58
N ASN A 290 30.75 -0.44 3.84
CA ASN A 290 29.90 -0.91 4.96
C ASN A 290 29.38 -2.34 4.74
N GLU A 291 29.22 -2.80 3.49
CA GLU A 291 28.62 -4.11 3.29
C GLU A 291 27.50 -4.44 4.28
N HIS A 292 26.30 -3.86 4.17
CA HIS A 292 25.21 -4.24 5.06
C HIS A 292 24.12 -4.88 4.25
N ASP A 293 23.04 -4.18 3.91
CA ASP A 293 21.87 -4.79 3.30
C ASP A 293 21.59 -4.02 2.02
N LEU A 294 22.22 -4.45 0.93
CA LEU A 294 22.11 -3.71 -0.31
C LEU A 294 20.70 -3.75 -0.88
N LEU A 295 20.01 -4.88 -0.74
CA LEU A 295 18.64 -4.94 -1.23
C LEU A 295 17.71 -4.00 -0.47
N ASP A 296 17.95 -3.81 0.83
CA ASP A 296 17.13 -2.86 1.57
C ASP A 296 17.44 -1.42 1.14
N ASP A 297 18.71 -1.09 0.93
CA ASP A 297 19.05 0.24 0.43
C ASP A 297 18.35 0.52 -0.89
N LEU A 298 18.33 -0.46 -1.77
CA LEU A 298 17.63 -0.30 -3.04
C LEU A 298 16.16 -0.03 -2.80
N HIS A 299 15.53 -0.81 -1.91
CA HIS A 299 14.11 -0.62 -1.67
C HIS A 299 13.83 0.78 -1.15
N LYS A 300 14.72 1.31 -0.30
CA LYS A 300 14.56 2.64 0.24
C LYS A 300 14.74 3.71 -0.84
N GLU A 301 15.80 3.59 -1.68
CA GLU A 301 16.15 4.62 -2.64
C GLU A 301 15.24 4.69 -3.87
N VAL A 302 14.56 3.60 -4.23
CA VAL A 302 13.80 3.58 -5.49
C VAL A 302 12.73 4.66 -5.54
N PRO A 303 11.93 4.88 -4.50
CA PRO A 303 10.90 5.94 -4.58
C PRO A 303 11.44 7.30 -4.99
N ALA A 304 12.58 7.72 -4.45
CA ALA A 304 13.13 9.00 -4.86
C ALA A 304 13.63 8.96 -6.31
N VAL A 305 14.36 7.89 -6.67
CA VAL A 305 14.86 7.73 -8.04
C VAL A 305 13.73 7.86 -9.07
N ARG A 306 12.55 7.29 -8.76
CA ARG A 306 11.45 7.34 -9.72
C ARG A 306 10.96 8.75 -9.96
N LEU A 307 11.23 9.67 -9.03
CA LEU A 307 10.80 11.07 -9.13
C LEU A 307 11.90 12.03 -9.60
N LEU A 308 13.17 11.75 -9.30
CA LEU A 308 14.22 12.77 -9.41
C LEU A 308 14.37 13.33 -10.82
N ASP A 309 14.48 12.46 -11.83
CA ASP A 309 14.71 12.96 -13.19
C ASP A 309 13.69 14.06 -13.55
N ASP A 310 12.40 13.80 -13.28
CA ASP A 310 11.36 14.77 -13.60
C ASP A 310 11.51 16.05 -12.80
N ILE A 311 11.76 15.93 -11.50
CA ILE A 311 11.99 17.11 -10.68
C ILE A 311 13.18 17.92 -11.23
N LEU A 312 14.27 17.24 -11.61
CA LEU A 312 15.43 17.96 -12.13
C LEU A 312 15.12 18.62 -13.47
N ASP A 313 14.34 17.96 -14.34
CA ASP A 313 13.95 18.60 -15.58
C ASP A 313 13.14 19.86 -15.33
N HIS A 314 12.23 19.82 -14.36
CA HIS A 314 11.35 20.97 -14.16
C HIS A 314 12.09 22.12 -13.48
N LEU A 315 13.14 21.82 -12.71
CA LEU A 315 13.87 22.91 -12.06
C LEU A 315 14.61 23.76 -13.08
N ARG A 316 15.23 23.14 -14.09
CA ARG A 316 15.87 23.90 -15.16
C ARG A 316 14.97 24.98 -15.71
N ASP A 317 13.75 24.60 -16.08
CA ASP A 317 12.84 25.57 -16.69
C ASP A 317 12.52 26.70 -15.72
N HIS A 318 12.51 26.44 -14.42
CA HIS A 318 11.83 27.34 -13.48
C HIS A 318 12.75 28.49 -13.06
N PRO A 319 12.38 29.73 -13.33
CA PRO A 319 13.19 30.85 -12.86
C PRO A 319 12.79 31.22 -11.44
N LEU A 320 13.79 31.58 -10.64
CA LEU A 320 13.62 31.81 -9.23
C LEU A 320 13.73 33.30 -8.92
N GLU A 321 13.43 33.65 -7.69
CA GLU A 321 13.58 35.00 -7.20
C GLU A 321 14.30 35.00 -5.87
N GLY A 322 14.93 36.11 -5.57
CA GLY A 322 15.53 36.33 -4.26
C GLY A 322 16.91 36.90 -4.43
N GLY A 323 17.37 37.58 -3.39
CA GLY A 323 18.67 38.23 -3.44
C GLY A 323 19.65 37.66 -2.44
N ASP A 324 19.22 36.68 -1.66
CA ASP A 324 20.13 35.93 -0.84
C ASP A 324 19.62 34.49 -0.79
N TYR A 325 20.33 33.62 -0.05
CA TYR A 325 19.99 32.21 -0.12
C TYR A 325 18.64 31.90 0.55
N LEU A 326 18.26 32.66 1.59
CA LEU A 326 16.97 32.42 2.24
C LEU A 326 15.83 32.71 1.30
N GLU A 327 15.87 33.86 0.63
CA GLU A 327 14.76 34.24 -0.21
C GLU A 327 14.66 33.32 -1.42
N THR A 328 15.81 33.08 -2.05
CA THR A 328 15.84 32.17 -3.20
C THR A 328 15.34 30.79 -2.81
N TYR A 329 15.77 30.29 -1.63
CA TYR A 329 15.30 28.98 -1.19
C TYR A 329 13.80 28.96 -0.99
N GLU A 330 13.26 30.02 -0.39
CA GLU A 330 11.82 30.14 -0.23
C GLU A 330 11.12 30.17 -1.57
N SER A 331 11.67 30.92 -2.53
CA SER A 331 11.08 30.95 -3.87
C SER A 331 11.10 29.56 -4.50
N LEU A 332 12.24 28.85 -4.36
CA LEU A 332 12.36 27.46 -4.81
C LEU A 332 11.25 26.56 -4.25
N SER A 333 11.00 26.64 -2.94
CA SER A 333 9.93 25.84 -2.36
C SER A 333 8.59 26.10 -3.05
N TYR A 334 8.27 27.35 -3.39
CA TYR A 334 7.04 27.60 -4.14
C TYR A 334 7.10 27.00 -5.52
N ALA A 335 8.28 27.00 -6.15
CA ALA A 335 8.40 26.42 -7.48
C ALA A 335 8.15 24.92 -7.44
N LEU A 336 8.66 24.25 -6.39
CA LEU A 336 8.41 22.82 -6.23
C LEU A 336 6.92 22.52 -6.14
N GLN A 337 6.15 23.42 -5.50
CA GLN A 337 4.71 23.21 -5.40
C GLN A 337 4.03 23.41 -6.75
N GLU A 338 4.49 24.38 -7.56
CA GLU A 338 4.00 24.49 -8.93
C GLU A 338 4.39 23.27 -9.74
N ILE A 339 5.60 22.75 -9.52
CA ILE A 339 6.02 21.56 -10.23
C ILE A 339 5.21 20.34 -9.78
N ALA A 340 5.00 20.18 -8.47
CA ALA A 340 4.23 19.06 -7.97
C ALA A 340 2.93 18.87 -8.74
N GLU A 341 2.32 19.97 -9.20
CA GLU A 341 1.05 19.88 -9.91
C GLU A 341 1.23 19.77 -11.42
N ARG A 342 2.33 20.31 -11.96
CA ARG A 342 2.52 20.30 -13.40
C ARG A 342 3.14 18.99 -13.90
N VAL A 343 3.89 18.28 -13.06
CA VAL A 343 4.60 17.08 -13.51
C VAL A 343 3.62 15.94 -13.80
N ASN A 344 4.03 15.04 -14.69
CA ASN A 344 3.19 13.97 -15.19
C ASN A 344 3.96 12.67 -15.37
N GLY A 345 3.31 11.56 -15.07
CA GLY A 345 3.92 10.25 -15.28
C GLY A 345 3.45 9.24 -14.25
N ARG A 346 3.82 7.99 -14.50
CA ARG A 346 3.33 6.85 -13.73
C ARG A 346 3.75 6.90 -12.27
N ALA A 347 4.90 7.48 -11.97
CA ALA A 347 5.31 7.55 -10.58
C ALA A 347 4.56 8.63 -9.80
N TRP A 348 3.80 9.50 -10.46
CA TRP A 348 3.28 10.72 -9.83
C TRP A 348 1.83 10.52 -9.36
N SER A 349 1.69 9.65 -8.39
CA SER A 349 0.43 9.46 -7.70
C SER A 349 0.19 10.57 -6.69
N PRO A 350 -1.03 10.66 -6.12
CA PRO A 350 -1.28 11.70 -5.12
C PRO A 350 -0.25 11.77 -4.00
N ASP A 351 0.21 10.64 -3.45
CA ASP A 351 1.22 10.75 -2.40
C ASP A 351 2.53 11.30 -2.95
N ALA A 352 2.85 10.99 -4.21
CA ALA A 352 4.10 11.49 -4.77
C ALA A 352 4.02 12.99 -5.03
N ARG A 353 2.91 13.47 -5.58
CA ARG A 353 2.71 14.92 -5.67
C ARG A 353 2.77 15.55 -4.28
N ALA A 354 2.01 14.98 -3.34
CA ALA A 354 1.91 15.58 -2.01
C ALA A 354 3.25 15.65 -1.30
N PHE A 355 4.18 14.72 -1.60
CA PHE A 355 5.52 14.77 -1.02
C PHE A 355 6.20 16.12 -1.29
N LEU A 356 6.08 16.65 -2.51
CA LEU A 356 6.65 17.95 -2.81
C LEU A 356 6.02 19.04 -1.94
N HIS A 357 4.68 19.09 -1.89
CA HIS A 357 4.01 20.13 -1.11
C HIS A 357 4.42 20.07 0.35
N ARG A 358 4.53 18.88 0.95
CA ARG A 358 4.99 18.84 2.34
C ARG A 358 6.44 19.29 2.45
N SER A 359 7.28 18.87 1.51
CA SER A 359 8.68 19.24 1.59
C SER A 359 8.84 20.76 1.50
N ALA A 360 8.03 21.40 0.65
CA ALA A 360 8.10 22.84 0.51
C ALA A 360 7.74 23.55 1.81
N HIS A 361 6.72 23.05 2.51
CA HIS A 361 6.38 23.65 3.81
C HIS A 361 7.46 23.44 4.84
N LEU A 362 8.12 22.27 4.81
CA LEU A 362 9.22 22.05 5.75
C LEU A 362 10.43 22.93 5.40
N MET A 363 10.65 23.23 4.12
CA MET A 363 11.75 24.11 3.74
C MET A 363 11.51 25.54 4.24
N ARG A 364 10.25 26.00 4.23
CA ARG A 364 9.96 27.35 4.71
C ARG A 364 9.90 27.41 6.23
N SER A 365 9.50 26.31 6.86
CA SER A 365 9.61 26.21 8.31
C SER A 365 11.07 26.24 8.75
N TRP A 366 11.99 25.79 7.87
CA TRP A 366 13.41 25.87 8.17
C TRP A 366 13.92 27.31 8.04
N THR A 367 13.76 27.92 6.85
CA THR A 367 14.16 29.32 6.71
C THR A 367 13.50 30.17 7.76
N GLY A 368 12.24 29.88 8.08
CA GLY A 368 11.55 30.60 9.13
C GLY A 368 12.28 30.59 10.45
N ALA A 369 12.91 29.45 10.79
CA ALA A 369 13.74 29.41 11.98
C ALA A 369 15.00 30.24 11.80
N LEU A 370 15.54 30.29 10.59
CA LEU A 370 16.73 31.10 10.37
C LEU A 370 16.41 32.58 10.48
N ARG A 371 15.22 32.99 10.03
CA ARG A 371 14.79 34.36 10.22
C ARG A 371 14.61 34.68 11.69
N THR A 372 13.84 33.86 12.41
CA THR A 372 13.69 34.05 13.85
C THR A 372 15.04 34.28 14.53
N VAL A 373 16.03 33.46 14.18
CA VAL A 373 17.37 33.67 14.69
C VAL A 373 17.85 35.07 14.32
N ALA A 374 17.61 35.49 13.08
CA ALA A 374 18.15 36.72 12.54
C ALA A 374 17.22 37.93 12.70
N GLY A 375 16.04 37.76 13.30
CA GLY A 375 15.10 38.85 13.37
C GLY A 375 14.58 39.30 12.02
N THR A 376 14.49 38.39 11.05
CA THR A 376 13.98 38.72 9.72
C THR A 376 12.50 38.43 9.58
N ASP B 5 12.59 -38.83 -36.86
CA ASP B 5 12.60 -37.37 -36.89
C ASP B 5 12.22 -36.79 -35.53
N ILE B 6 12.65 -35.56 -35.27
CA ILE B 6 12.36 -34.85 -34.03
C ILE B 6 11.44 -33.69 -34.34
N SER B 7 10.28 -33.66 -33.69
CA SER B 7 9.29 -32.61 -33.90
C SER B 7 9.45 -31.50 -32.88
N THR B 8 9.36 -30.27 -33.34
CA THR B 8 9.63 -29.10 -32.51
C THR B 8 8.54 -28.06 -32.70
N ALA B 9 8.14 -27.42 -31.60
CA ALA B 9 7.17 -26.32 -31.63
C ALA B 9 7.79 -25.12 -30.92
N VAL B 10 7.93 -24.00 -31.64
CA VAL B 10 8.34 -22.73 -31.05
C VAL B 10 7.09 -22.03 -30.53
N VAL B 11 7.12 -21.59 -29.28
CA VAL B 11 6.00 -20.89 -28.66
C VAL B 11 6.36 -19.41 -28.49
N VAL B 12 5.49 -18.54 -28.96
CA VAL B 12 5.66 -17.10 -28.85
C VAL B 12 4.30 -16.47 -28.53
N THR B 13 4.26 -15.61 -27.53
CA THR B 13 3.08 -14.81 -27.25
C THR B 13 3.38 -13.37 -27.67
N THR B 14 2.37 -12.68 -28.18
CA THR B 14 2.65 -11.35 -28.73
C THR B 14 1.39 -10.50 -28.74
N ILE B 15 1.60 -9.19 -28.84
CA ILE B 15 0.53 -8.20 -28.96
C ILE B 15 0.83 -7.26 -30.12
N SER B 16 1.40 -7.79 -31.21
CA SER B 16 2.02 -6.93 -32.22
C SER B 16 1.43 -7.23 -33.60
N ASP B 17 1.90 -6.46 -34.58
CA ASP B 17 1.39 -6.55 -35.95
C ASP B 17 1.67 -7.91 -36.58
N GLY B 18 2.76 -8.57 -36.18
CA GLY B 18 3.26 -9.74 -36.87
C GLY B 18 4.47 -9.50 -37.75
N GLY B 19 4.96 -8.27 -37.82
CA GLY B 19 6.13 -8.00 -38.63
C GLY B 19 7.32 -8.85 -38.24
N PHE B 20 7.41 -9.22 -36.95
CA PHE B 20 8.50 -10.09 -36.50
C PHE B 20 8.50 -11.43 -37.24
N LEU B 21 7.34 -11.89 -37.70
CA LEU B 21 7.31 -13.16 -38.42
C LEU B 21 8.28 -13.14 -39.60
N ASP B 22 8.48 -11.97 -40.19
CA ASP B 22 9.25 -11.90 -41.43
C ASP B 22 10.67 -12.40 -41.23
N ARG B 23 11.37 -11.91 -40.20
CA ARG B 23 12.73 -12.32 -39.91
C ARG B 23 12.83 -13.57 -39.04
N LEU B 24 11.70 -14.14 -38.61
CA LEU B 24 11.76 -15.34 -37.79
C LEU B 24 11.25 -16.58 -38.53
N ALA B 25 10.53 -16.42 -39.63
CA ALA B 25 10.01 -17.59 -40.33
C ALA B 25 11.12 -18.42 -40.95
N PRO B 26 12.07 -17.81 -41.69
CA PRO B 26 13.12 -18.60 -42.39
C PRO B 26 13.64 -19.83 -41.65
N ALA B 27 14.26 -19.62 -40.49
CA ALA B 27 14.81 -20.75 -39.75
C ALA B 27 13.73 -21.75 -39.40
N LEU B 28 12.57 -21.28 -38.94
CA LEU B 28 11.50 -22.21 -38.58
C LEU B 28 11.01 -22.96 -39.81
N ARG B 29 10.63 -22.24 -40.87
CA ARG B 29 10.01 -22.89 -42.02
C ARG B 29 10.93 -23.93 -42.63
N ASP B 30 12.22 -23.63 -42.76
CA ASP B 30 13.14 -24.58 -43.38
C ASP B 30 13.42 -25.79 -42.50
N ALA B 31 13.13 -25.72 -41.21
CA ALA B 31 13.31 -26.87 -40.36
C ALA B 31 12.04 -27.69 -40.22
N GLY B 32 10.93 -27.21 -40.75
CA GLY B 32 9.66 -27.86 -40.51
C GLY B 32 9.14 -27.69 -39.11
N ALA B 33 9.56 -26.65 -38.41
CA ALA B 33 9.14 -26.41 -37.04
C ALA B 33 7.74 -25.82 -37.01
N ARG B 34 7.00 -26.13 -35.95
CA ARG B 34 5.70 -25.51 -35.72
C ARG B 34 5.90 -24.23 -34.92
N LEU B 35 5.24 -23.16 -35.34
CA LEU B 35 5.26 -21.89 -34.62
C LEU B 35 3.87 -21.66 -34.04
N ILE B 36 3.77 -21.72 -32.71
CA ILE B 36 2.55 -21.37 -32.00
C ILE B 36 2.71 -19.92 -31.54
N VAL B 37 1.80 -19.05 -31.98
CA VAL B 37 1.75 -17.66 -31.56
C VAL B 37 0.53 -17.49 -30.67
N ILE B 38 0.73 -17.01 -29.45
CA ILE B 38 -0.40 -16.78 -28.57
C ILE B 38 -0.75 -15.30 -28.58
N PRO B 39 -1.82 -14.91 -29.28
CA PRO B 39 -2.27 -13.53 -29.25
C PRO B 39 -3.09 -13.25 -28.00
N ASP B 40 -3.22 -11.96 -27.69
CA ASP B 40 -3.92 -11.51 -26.49
C ASP B 40 -5.12 -10.65 -26.88
N ARG B 41 -5.87 -10.23 -25.88
CA ARG B 41 -6.96 -9.27 -26.09
C ARG B 41 -6.41 -7.97 -26.66
N ASN B 42 -5.41 -7.40 -26.01
CA ASN B 42 -4.77 -6.18 -26.50
C ASN B 42 -3.91 -6.46 -27.73
N THR B 43 -4.31 -7.40 -28.59
CA THR B 43 -3.55 -7.78 -29.78
C THR B 43 -4.35 -7.38 -31.02
N GLY B 44 -3.75 -6.52 -31.84
CA GLY B 44 -4.41 -6.08 -33.05
C GLY B 44 -4.67 -7.22 -34.01
N PRO B 45 -5.52 -6.96 -35.01
CA PRO B 45 -5.85 -8.00 -36.00
C PRO B 45 -4.80 -8.18 -37.08
N ALA B 46 -3.87 -7.25 -37.23
CA ALA B 46 -2.82 -7.42 -38.22
C ALA B 46 -2.12 -8.77 -38.07
N LEU B 47 -1.73 -9.09 -36.83
CA LEU B 47 -1.03 -10.33 -36.53
C LEU B 47 -1.64 -11.54 -37.21
N PHE B 48 -2.95 -11.74 -37.03
CA PHE B 48 -3.60 -12.91 -37.60
C PHE B 48 -3.47 -12.91 -39.11
N ALA B 49 -3.58 -11.73 -39.73
CA ALA B 49 -3.31 -11.63 -41.16
C ALA B 49 -1.86 -11.97 -41.48
N ALA B 50 -0.92 -11.48 -40.65
CA ALA B 50 0.50 -11.77 -40.86
C ALA B 50 0.78 -13.26 -40.86
N CYS B 51 0.17 -14.01 -39.93
CA CYS B 51 0.37 -15.46 -39.85
C CYS B 51 -0.13 -16.14 -41.10
N GLU B 52 -1.40 -15.90 -41.46
CA GLU B 52 -1.97 -16.53 -42.64
C GLU B 52 -1.07 -16.34 -43.85
N ARG B 53 -0.50 -15.14 -44.00
CA ARG B 53 0.42 -14.88 -45.10
C ARG B 53 1.62 -15.81 -45.03
N HIS B 54 2.30 -15.83 -43.87
CA HIS B 54 3.47 -16.69 -43.70
C HIS B 54 3.11 -18.16 -43.78
N ARG B 55 1.92 -18.53 -43.30
CA ARG B 55 1.47 -19.90 -43.53
C ARG B 55 1.41 -20.21 -45.01
N ARG B 56 0.79 -19.31 -45.80
CA ARG B 56 0.76 -19.50 -47.24
C ARG B 56 2.17 -19.66 -47.80
N LEU B 57 3.14 -18.97 -47.23
CA LEU B 57 4.52 -19.10 -47.70
C LEU B 57 5.25 -20.32 -47.15
N GLY B 58 4.58 -21.17 -46.38
CA GLY B 58 5.11 -22.48 -46.00
C GLY B 58 5.34 -22.68 -44.52
N LEU B 59 5.46 -21.61 -43.75
CA LEU B 59 5.69 -21.74 -42.31
C LEU B 59 4.47 -22.35 -41.63
N ASP B 60 4.66 -23.49 -40.96
CA ASP B 60 3.59 -24.14 -40.19
C ASP B 60 3.34 -23.34 -38.91
N VAL B 61 2.62 -22.22 -39.06
CA VAL B 61 2.30 -21.32 -37.95
C VAL B 61 0.83 -21.45 -37.58
N VAL B 62 0.52 -21.32 -36.29
CA VAL B 62 -0.85 -21.31 -35.80
C VAL B 62 -1.02 -20.12 -34.86
N CYS B 63 -2.25 -19.64 -34.78
CA CYS B 63 -2.51 -18.39 -34.11
C CYS B 63 -3.86 -18.42 -33.41
N PRO B 64 -4.06 -19.36 -32.50
CA PRO B 64 -5.39 -19.53 -31.88
C PRO B 64 -6.00 -18.25 -31.32
N SER B 65 -7.21 -17.92 -31.78
CA SER B 65 -7.99 -16.80 -31.26
C SER B 65 -8.04 -16.81 -29.74
N VAL B 66 -8.22 -15.64 -29.15
CA VAL B 66 -8.53 -15.62 -27.73
C VAL B 66 -9.69 -16.56 -27.42
N ALA B 67 -10.69 -16.59 -28.31
CA ALA B 67 -11.84 -17.46 -28.07
C ALA B 67 -11.44 -18.93 -28.10
N GLU B 68 -10.60 -19.32 -29.07
CA GLU B 68 -10.07 -20.68 -29.09
C GLU B 68 -9.40 -21.01 -27.76
N GLN B 69 -8.39 -20.22 -27.39
CA GLN B 69 -7.66 -20.50 -26.15
C GLN B 69 -8.60 -20.71 -24.98
N GLN B 70 -9.55 -19.77 -24.80
CA GLN B 70 -10.39 -19.83 -23.62
C GLN B 70 -11.25 -21.09 -23.58
N ASP B 71 -11.62 -21.63 -24.73
CA ASP B 71 -12.40 -22.86 -24.74
C ASP B 71 -11.56 -24.06 -24.35
N LEU B 72 -10.31 -24.11 -24.81
CA LEU B 72 -9.41 -25.16 -24.34
C LEU B 72 -9.33 -25.14 -22.81
N LEU B 73 -9.07 -23.96 -22.24
CA LEU B 73 -8.89 -23.85 -20.80
C LEU B 73 -10.18 -24.20 -20.04
N GLU B 74 -11.33 -23.81 -20.57
CA GLU B 74 -12.58 -24.21 -19.92
C GLU B 74 -12.74 -25.70 -19.97
N ARG B 75 -12.62 -26.27 -21.17
CA ARG B 75 -12.74 -27.72 -21.32
C ARG B 75 -11.77 -28.47 -20.42
N LEU B 76 -10.66 -27.85 -20.01
CA LEU B 76 -9.74 -28.47 -19.08
C LEU B 76 -9.98 -28.05 -17.63
N ALA B 77 -11.05 -27.28 -17.38
CA ALA B 77 -11.42 -26.85 -16.04
C ALA B 77 -10.36 -25.94 -15.41
N VAL B 78 -9.66 -25.16 -16.24
CA VAL B 78 -8.73 -24.15 -15.74
C VAL B 78 -9.10 -22.82 -16.41
N PRO B 79 -10.35 -22.37 -16.28
CA PRO B 79 -10.76 -21.16 -17.00
C PRO B 79 -10.13 -19.89 -16.47
N ASP B 80 -9.76 -19.85 -15.19
CA ASP B 80 -9.16 -18.67 -14.60
C ASP B 80 -7.63 -18.77 -14.48
N LEU B 81 -7.03 -19.90 -14.85
CA LEU B 81 -5.61 -20.11 -14.59
C LEU B 81 -4.75 -19.00 -15.19
N ILE B 82 -5.03 -18.63 -16.43
CA ILE B 82 -4.12 -17.83 -17.25
C ILE B 82 -4.73 -16.45 -17.46
N PRO B 83 -4.15 -15.40 -16.89
CA PRO B 83 -4.75 -14.06 -17.01
C PRO B 83 -4.64 -13.52 -18.43
N TYR B 84 -5.44 -12.51 -18.72
CA TYR B 84 -5.33 -11.78 -19.96
C TYR B 84 -4.54 -10.49 -19.76
N HIS B 85 -4.13 -9.90 -20.88
CA HIS B 85 -3.27 -8.72 -20.85
C HIS B 85 -1.94 -9.02 -20.13
N SER B 86 -1.32 -10.13 -20.50
CA SER B 86 -0.09 -10.56 -19.83
C SER B 86 0.66 -11.59 -20.68
N ASP B 87 1.98 -11.48 -20.67
CA ASP B 87 2.78 -12.53 -21.30
C ASP B 87 2.69 -13.85 -20.54
N ASN B 88 1.93 -13.93 -19.46
CA ASN B 88 1.60 -15.24 -18.91
C ASN B 88 0.93 -16.15 -19.93
N ARG B 89 0.42 -15.61 -21.03
CA ARG B 89 -0.29 -16.44 -21.98
C ARG B 89 0.61 -17.41 -22.74
N ARG B 90 1.94 -17.29 -22.63
CA ARG B 90 2.85 -18.35 -23.11
C ARG B 90 2.26 -19.71 -22.81
N ASN B 91 1.75 -19.85 -21.59
CA ASN B 91 1.41 -21.15 -21.05
C ASN B 91 0.43 -21.89 -21.96
N VAL B 92 -0.43 -21.17 -22.67
CA VAL B 92 -1.34 -21.84 -23.59
C VAL B 92 -0.55 -22.47 -24.72
N GLY B 93 0.43 -21.75 -25.26
CA GLY B 93 1.32 -22.35 -26.23
C GLY B 93 2.04 -23.55 -25.67
N TYR B 94 2.56 -23.43 -24.45
CA TYR B 94 3.21 -24.58 -23.84
C TYR B 94 2.24 -25.76 -23.81
N LEU B 95 1.00 -25.51 -23.38
CA LEU B 95 0.02 -26.58 -23.25
C LEU B 95 -0.33 -27.17 -24.60
N MET B 96 -0.62 -26.29 -25.56
CA MET B 96 -0.97 -26.77 -26.89
C MET B 96 0.14 -27.63 -27.47
N ALA B 97 1.41 -27.23 -27.25
CA ALA B 97 2.54 -27.99 -27.80
C ALA B 97 2.66 -29.34 -27.12
N TRP B 98 2.51 -29.35 -25.80
CA TRP B 98 2.47 -30.61 -25.04
C TRP B 98 1.33 -31.50 -25.53
N MET B 99 0.13 -30.92 -25.65
CA MET B 99 -1.04 -31.71 -26.03
C MET B 99 -0.83 -32.44 -27.35
N GLU B 100 -0.17 -31.78 -28.30
CA GLU B 100 -0.03 -32.33 -29.64
C GLU B 100 1.18 -33.23 -29.81
N GLY B 101 1.91 -33.52 -28.72
CA GLY B 101 2.96 -34.51 -28.75
C GLY B 101 4.30 -34.03 -29.27
N PHE B 102 4.54 -32.73 -29.33
CA PHE B 102 5.84 -32.28 -29.83
C PHE B 102 6.96 -32.75 -28.91
N ASP B 103 8.07 -33.16 -29.51
CA ASP B 103 9.23 -33.60 -28.72
C ASP B 103 9.87 -32.42 -28.01
N VAL B 104 10.08 -31.33 -28.74
CA VAL B 104 10.87 -30.19 -28.26
C VAL B 104 10.02 -28.95 -28.39
N ILE B 105 9.82 -28.25 -27.27
CA ILE B 105 9.17 -26.94 -27.23
C ILE B 105 10.26 -25.90 -26.99
N VAL B 106 10.34 -24.91 -27.87
CA VAL B 106 11.26 -23.79 -27.73
C VAL B 106 10.46 -22.56 -27.35
N SER B 107 10.82 -21.95 -26.24
CA SER B 107 10.16 -20.75 -25.75
C SER B 107 10.95 -19.54 -26.23
N MET B 108 10.24 -18.58 -26.85
CA MET B 108 10.89 -17.40 -27.41
C MET B 108 10.04 -16.18 -27.11
N ASP B 109 10.68 -15.01 -27.24
CA ASP B 109 9.99 -13.74 -27.29
C ASP B 109 9.85 -13.31 -28.75
N ASP B 110 8.79 -12.56 -29.05
CA ASP B 110 8.56 -12.21 -30.45
C ASP B 110 9.68 -11.34 -31.04
N ASP B 111 10.63 -10.87 -30.23
CA ASP B 111 11.65 -9.94 -30.70
C ASP B 111 13.04 -10.56 -30.76
N ASN B 112 13.15 -11.86 -30.54
CA ASN B 112 14.44 -12.55 -30.57
C ASN B 112 14.61 -13.17 -31.95
N LEU B 113 15.70 -12.82 -32.64
CA LEU B 113 15.94 -13.33 -34.00
C LEU B 113 17.00 -14.43 -33.99
N PRO B 114 16.72 -15.58 -34.57
CA PRO B 114 17.78 -16.57 -34.74
C PRO B 114 18.91 -16.00 -35.58
N THR B 115 20.15 -16.41 -35.25
CA THR B 115 21.34 -15.90 -35.93
C THR B 115 22.03 -16.94 -36.79
N THR B 116 21.46 -18.14 -36.91
CA THR B 116 22.04 -19.20 -37.72
C THR B 116 20.91 -20.03 -38.29
N ASP B 117 21.24 -20.82 -39.31
CA ASP B 117 20.25 -21.61 -40.03
C ASP B 117 19.86 -22.88 -39.29
N ASP B 118 20.73 -23.39 -38.43
CA ASP B 118 20.44 -24.61 -37.67
C ASP B 118 19.94 -24.30 -36.27
N PHE B 119 19.25 -23.16 -36.11
CA PHE B 119 18.64 -22.79 -34.84
C PHE B 119 17.84 -23.94 -34.23
N VAL B 120 16.91 -24.49 -35.01
CA VAL B 120 16.09 -25.58 -34.51
C VAL B 120 16.94 -26.78 -34.18
N GLU B 121 17.83 -27.15 -35.11
CA GLU B 121 18.65 -28.33 -34.89
C GLU B 121 19.47 -28.20 -33.60
N ARG B 122 20.04 -27.02 -33.34
CA ARG B 122 20.85 -26.86 -32.13
C ARG B 122 20.00 -27.04 -30.88
N HIS B 123 18.79 -26.50 -30.86
CA HIS B 123 17.93 -26.66 -29.70
C HIS B 123 17.47 -28.10 -29.54
N GLN B 124 17.61 -28.92 -30.58
CA GLN B 124 17.31 -30.34 -30.44
C GLN B 124 18.33 -31.08 -29.61
N VAL B 125 19.39 -30.41 -29.17
CA VAL B 125 20.31 -30.99 -28.19
C VAL B 125 19.56 -31.59 -27.01
N VAL B 126 18.38 -31.05 -26.66
CA VAL B 126 17.56 -31.59 -25.57
C VAL B 126 16.96 -32.94 -25.92
N CYS B 127 17.16 -33.41 -27.16
CA CYS B 127 16.67 -34.72 -27.58
C CYS B 127 17.76 -35.77 -27.67
N GLN B 128 19.04 -35.41 -27.49
CA GLN B 128 19.98 -36.48 -27.24
C GLN B 128 19.75 -36.97 -25.82
N GLY B 129 20.12 -38.20 -25.56
CA GLY B 129 19.77 -38.78 -24.28
C GLY B 129 20.86 -38.60 -23.26
N PRO B 130 20.88 -39.45 -22.25
CA PRO B 130 22.01 -39.45 -21.31
C PRO B 130 23.26 -40.05 -21.95
N ARG B 131 24.40 -39.49 -21.55
CA ARG B 131 25.73 -39.93 -21.96
C ARG B 131 26.75 -39.27 -21.04
N THR B 132 27.93 -39.87 -20.95
CA THR B 132 29.03 -39.22 -20.25
C THR B 132 29.51 -38.05 -21.10
N GLN B 133 29.65 -36.90 -20.48
CA GLN B 133 30.00 -35.68 -21.20
C GLN B 133 30.74 -34.77 -20.25
N PRO B 134 31.36 -33.71 -20.78
CA PRO B 134 31.97 -32.68 -19.92
C PRO B 134 30.91 -31.92 -19.15
N VAL B 135 31.04 -31.95 -17.83
CA VAL B 135 30.06 -31.36 -16.92
C VAL B 135 30.77 -30.29 -16.10
N THR B 136 30.06 -29.19 -15.85
CA THR B 136 30.66 -28.01 -15.21
C THR B 136 30.08 -27.85 -13.82
N ALA B 137 30.95 -27.80 -12.83
CA ALA B 137 30.54 -27.68 -11.43
C ALA B 137 31.23 -26.46 -10.83
N SER B 138 30.50 -25.72 -10.01
CA SER B 138 31.09 -24.58 -9.30
C SER B 138 31.11 -24.83 -7.79
N SER B 139 32.22 -24.46 -7.17
CA SER B 139 32.35 -24.61 -5.73
C SER B 139 31.32 -23.82 -4.93
N ASP B 140 30.67 -22.80 -5.49
CA ASP B 140 29.65 -22.07 -4.74
C ASP B 140 28.22 -22.39 -5.17
N GLY B 141 28.03 -23.37 -6.05
CA GLY B 141 26.70 -23.76 -6.47
C GLY B 141 26.11 -22.97 -7.62
N TRP B 142 26.79 -21.94 -8.13
CA TRP B 142 26.26 -21.06 -9.16
C TRP B 142 27.17 -21.05 -10.39
N PHE B 143 26.56 -20.90 -11.56
CA PHE B 143 27.30 -20.65 -12.79
C PHE B 143 26.76 -19.40 -13.48
N ASN B 144 27.65 -18.60 -14.05
CA ASN B 144 27.26 -17.31 -14.65
C ASN B 144 27.31 -17.43 -16.17
N ASN B 145 26.16 -17.74 -16.77
CA ASN B 145 26.15 -18.00 -18.20
C ASN B 145 26.63 -16.80 -19.01
N CYS B 146 26.47 -15.58 -18.46
CA CYS B 146 26.97 -14.39 -19.15
C CYS B 146 28.48 -14.34 -19.27
N ALA B 147 29.20 -15.04 -18.40
CA ALA B 147 30.64 -15.16 -18.61
C ALA B 147 30.99 -15.89 -19.91
N LEU B 148 30.05 -16.63 -20.50
CA LEU B 148 30.30 -17.25 -21.81
C LEU B 148 30.22 -16.25 -22.96
N LEU B 149 29.80 -15.02 -22.68
CA LEU B 149 29.65 -13.94 -23.66
C LEU B 149 30.71 -12.88 -23.44
N GLU B 150 31.10 -12.21 -24.52
CA GLU B 150 31.87 -10.98 -24.45
C GLU B 150 30.89 -9.81 -24.30
N VAL B 151 30.87 -9.20 -23.12
CA VAL B 151 29.91 -8.15 -22.80
C VAL B 151 30.65 -6.83 -22.70
N GLU B 152 30.11 -5.83 -23.38
CA GLU B 152 30.73 -4.55 -23.69
C GLU B 152 31.35 -3.84 -22.49
N PRO B 153 30.56 -3.28 -21.59
CA PRO B 153 31.17 -2.41 -20.58
C PRO B 153 31.95 -3.20 -19.54
N THR B 154 31.33 -4.18 -18.92
CA THR B 154 31.96 -4.84 -17.78
C THR B 154 31.27 -6.19 -17.60
N GLU B 155 31.76 -6.98 -16.63
CA GLU B 155 31.12 -8.27 -16.36
C GLU B 155 29.73 -8.05 -15.81
N VAL B 156 28.80 -8.94 -16.18
CA VAL B 156 27.43 -8.88 -15.71
C VAL B 156 26.93 -10.29 -15.40
N PHE B 157 25.88 -10.35 -14.61
CA PHE B 157 25.14 -11.53 -14.27
C PHE B 157 23.77 -11.51 -14.93
N PRO B 158 23.19 -12.67 -15.21
CA PRO B 158 21.84 -12.72 -15.79
C PRO B 158 20.79 -12.30 -14.77
N ARG B 159 19.67 -11.79 -15.29
CA ARG B 159 18.49 -11.58 -14.44
C ARG B 159 18.17 -12.88 -13.71
N GLY B 160 17.81 -12.76 -12.44
CA GLY B 160 17.49 -13.93 -11.63
C GLY B 160 18.65 -14.50 -10.84
N PHE B 161 19.91 -14.17 -11.21
CA PHE B 161 21.09 -14.62 -10.46
C PHE B 161 21.05 -14.04 -9.04
N PRO B 162 21.12 -14.88 -7.99
CA PRO B 162 21.02 -14.36 -6.62
C PRO B 162 22.05 -13.27 -6.35
N PHE B 163 21.66 -12.29 -5.53
CA PHE B 163 22.59 -11.20 -5.21
C PHE B 163 23.59 -11.60 -4.14
N HIS B 164 23.19 -12.41 -3.16
CA HIS B 164 24.15 -12.73 -2.11
C HIS B 164 25.35 -13.53 -2.62
N ALA B 165 25.22 -14.24 -3.75
CA ALA B 165 26.36 -14.98 -4.27
C ALA B 165 27.25 -14.18 -5.22
N ARG B 166 26.80 -12.99 -5.65
CA ARG B 166 27.57 -12.27 -6.67
C ARG B 166 28.95 -11.82 -6.19
N PRO B 167 29.09 -11.10 -5.09
CA PRO B 167 30.43 -10.63 -4.68
C PRO B 167 31.48 -11.74 -4.62
N ALA B 168 31.16 -12.89 -4.04
CA ALA B 168 32.15 -13.94 -3.90
C ALA B 168 32.31 -14.80 -5.15
N HIS B 169 31.42 -14.67 -6.15
CA HIS B 169 31.37 -15.67 -7.22
C HIS B 169 32.66 -15.73 -8.01
N ALA B 170 33.31 -14.59 -8.23
CA ALA B 170 34.53 -14.58 -9.02
C ALA B 170 35.60 -15.46 -8.40
N GLN B 171 35.54 -15.64 -7.08
CA GLN B 171 36.50 -16.45 -6.35
C GLN B 171 36.12 -17.92 -6.29
N ALA B 172 34.91 -18.31 -6.68
CA ALA B 172 34.60 -19.73 -6.69
C ALA B 172 35.50 -20.45 -7.71
N ARG B 173 35.63 -21.76 -7.54
CA ARG B 173 36.41 -22.58 -8.47
C ARG B 173 35.45 -23.34 -9.36
N THR B 174 35.76 -23.38 -10.66
CA THR B 174 34.94 -24.08 -11.64
C THR B 174 35.73 -25.25 -12.21
N SER B 175 35.13 -26.44 -12.19
CA SER B 175 35.72 -27.65 -12.71
C SER B 175 34.85 -28.26 -13.82
N VAL B 176 35.51 -28.85 -14.82
CA VAL B 176 34.85 -29.57 -15.90
C VAL B 176 35.29 -31.03 -15.86
N CYS B 177 34.35 -31.94 -15.61
CA CYS B 177 34.66 -33.36 -15.47
C CYS B 177 33.73 -34.18 -16.36
N GLU B 178 34.19 -35.39 -16.66
CA GLU B 178 33.44 -36.32 -17.48
C GLU B 178 32.45 -37.03 -16.57
N ARG B 179 31.18 -36.64 -16.64
CA ARG B 179 30.13 -37.32 -15.91
C ARG B 179 28.97 -37.65 -16.83
N PRO B 180 28.18 -38.64 -16.46
CA PRO B 180 26.91 -38.88 -17.17
C PRO B 180 25.96 -37.71 -16.94
N ALA B 181 25.31 -37.26 -18.00
CA ALA B 181 24.35 -36.17 -17.89
C ALA B 181 23.28 -36.36 -18.95
N ASP B 182 22.08 -35.88 -18.64
CA ASP B 182 20.91 -36.03 -19.50
C ASP B 182 20.32 -34.64 -19.67
N VAL B 183 20.73 -33.96 -20.75
CA VAL B 183 20.29 -32.58 -20.99
C VAL B 183 18.82 -32.60 -21.36
N ARG B 184 18.00 -31.86 -20.60
CA ARG B 184 16.60 -31.68 -20.98
C ARG B 184 16.16 -30.23 -21.08
N ILE B 185 17.01 -29.27 -20.71
CA ILE B 185 16.72 -27.85 -20.89
C ILE B 185 17.93 -27.19 -21.52
N ASN B 186 17.74 -26.48 -22.63
CA ASN B 186 18.80 -25.78 -23.32
C ASN B 186 18.43 -24.29 -23.41
N ALA B 187 19.13 -23.47 -22.61
CA ALA B 187 18.94 -22.01 -22.60
C ALA B 187 19.99 -21.41 -23.54
N GLY B 188 19.56 -21.06 -24.75
CA GLY B 188 20.44 -20.38 -25.67
C GLY B 188 20.67 -18.93 -25.27
N LEU B 189 21.83 -18.41 -25.61
CA LEU B 189 22.21 -17.07 -25.16
C LEU B 189 21.73 -16.02 -26.16
N TRP B 190 22.12 -14.78 -25.94
CA TRP B 190 21.56 -13.59 -26.60
C TRP B 190 22.68 -12.59 -26.86
N LEU B 191 22.75 -12.09 -28.09
CA LEU B 191 23.57 -10.94 -28.38
C LEU B 191 22.74 -9.66 -28.37
N GLY B 192 23.41 -8.53 -28.11
CA GLY B 192 22.73 -7.25 -28.05
C GLY B 192 22.47 -6.84 -26.61
N ASP B 193 21.21 -6.62 -26.26
CA ASP B 193 20.79 -6.41 -24.88
C ASP B 193 20.63 -7.77 -24.21
N PRO B 194 21.58 -8.19 -23.37
CA PRO B 194 21.50 -9.52 -22.75
C PRO B 194 20.43 -9.49 -21.67
N ASP B 195 20.04 -10.69 -21.21
CA ASP B 195 18.98 -10.81 -20.20
C ASP B 195 19.57 -10.54 -18.81
N VAL B 196 19.75 -9.27 -18.50
CA VAL B 196 20.12 -8.86 -17.16
C VAL B 196 18.90 -8.21 -16.49
N ASP B 197 18.92 -8.18 -15.16
CA ASP B 197 17.86 -7.51 -14.42
C ASP B 197 17.87 -5.99 -14.68
N ALA B 198 16.83 -5.32 -14.20
CA ALA B 198 16.71 -3.88 -14.35
C ALA B 198 17.85 -3.16 -13.64
N ILE B 199 18.22 -3.65 -12.46
CA ILE B 199 19.34 -3.09 -11.71
C ILE B 199 20.59 -3.03 -12.61
N THR B 200 20.91 -4.15 -13.26
CA THR B 200 22.13 -4.18 -14.06
C THR B 200 21.99 -3.35 -15.32
N ARG B 201 20.81 -3.39 -15.95
CA ARG B 201 20.59 -2.60 -17.15
C ARG B 201 20.80 -1.12 -16.86
N LEU B 202 20.18 -0.61 -15.78
CA LEU B 202 20.33 0.80 -15.43
C LEU B 202 21.78 1.16 -15.13
N ALA B 203 22.49 0.32 -14.38
CA ALA B 203 23.80 0.70 -13.86
C ALA B 203 24.88 0.72 -14.95
N VAL B 204 24.88 -0.26 -15.86
CA VAL B 204 25.99 -0.36 -16.81
C VAL B 204 25.50 -0.45 -18.25
N ARG B 205 24.21 -0.70 -18.46
CA ARG B 205 23.66 -0.75 -19.81
C ARG B 205 24.55 -1.67 -20.66
N PRO B 206 24.52 -2.98 -20.40
CA PRO B 206 25.50 -3.88 -21.01
C PRO B 206 25.21 -4.17 -22.47
N ASN B 207 26.26 -4.34 -23.26
CA ASN B 207 26.15 -4.76 -24.66
C ASN B 207 26.78 -6.14 -24.83
N ALA B 208 26.02 -7.09 -25.38
CA ALA B 208 26.50 -8.46 -25.54
C ALA B 208 27.05 -8.62 -26.95
N LEU B 209 28.38 -8.70 -27.06
CA LEU B 209 29.01 -8.59 -28.37
C LEU B 209 29.10 -9.91 -29.12
N ALA B 210 29.37 -11.01 -28.41
CA ALA B 210 29.67 -12.27 -29.09
C ALA B 210 29.55 -13.42 -28.11
N HIS B 211 29.16 -14.57 -28.64
CA HIS B 211 29.17 -15.81 -27.87
C HIS B 211 30.49 -16.52 -28.15
N SER B 212 31.49 -16.22 -27.32
CA SER B 212 32.83 -16.73 -27.45
C SER B 212 33.14 -17.85 -26.46
N GLY B 213 32.21 -18.20 -25.60
CA GLY B 213 32.51 -19.12 -24.53
C GLY B 213 32.17 -20.58 -24.78
N GLY B 214 31.55 -20.92 -25.90
CA GLY B 214 31.07 -22.28 -26.06
C GLY B 214 29.93 -22.56 -25.09
N SER B 215 29.56 -23.84 -25.02
CA SER B 215 28.41 -24.27 -24.22
C SER B 215 28.85 -25.11 -23.02
N VAL B 216 27.97 -25.14 -22.00
CA VAL B 216 28.25 -25.85 -20.75
C VAL B 216 27.01 -26.64 -20.34
N VAL B 217 27.23 -27.74 -19.64
CA VAL B 217 26.17 -28.57 -19.08
C VAL B 217 26.40 -28.63 -17.60
N LEU B 218 25.47 -28.10 -16.81
CA LEU B 218 25.76 -27.81 -15.41
C LEU B 218 25.66 -29.08 -14.58
N ALA B 219 26.73 -29.35 -13.82
CA ALA B 219 26.75 -30.50 -12.93
C ALA B 219 25.58 -30.45 -11.94
N GLU B 220 25.32 -31.58 -11.31
CA GLU B 220 24.37 -31.61 -10.22
C GLU B 220 24.83 -30.64 -9.14
N GLY B 221 23.89 -29.84 -8.63
CA GLY B 221 24.22 -28.90 -7.59
C GLY B 221 24.79 -27.56 -8.04
N THR B 222 25.03 -27.35 -9.32
CA THR B 222 25.39 -26.03 -9.82
C THR B 222 24.21 -25.47 -10.61
N TRP B 223 23.78 -24.26 -10.27
CA TRP B 223 22.56 -23.67 -10.81
C TRP B 223 22.86 -22.36 -11.55
N CYS B 224 22.00 -22.02 -12.50
CA CYS B 224 22.02 -20.74 -13.22
C CYS B 224 20.60 -20.43 -13.65
N PRO B 225 20.12 -19.21 -13.48
CA PRO B 225 18.73 -18.92 -13.85
C PRO B 225 18.51 -19.21 -15.33
N VAL B 226 17.31 -19.71 -15.64
CA VAL B 226 16.90 -20.03 -17.00
C VAL B 226 15.69 -19.17 -17.35
N ASN B 227 15.74 -18.49 -18.51
CA ASN B 227 14.71 -17.58 -18.93
C ASN B 227 13.85 -18.24 -20.01
N SER B 228 12.82 -17.53 -20.48
CA SER B 228 11.89 -18.12 -21.45
C SER B 228 11.96 -17.43 -22.81
N GLN B 229 13.08 -16.77 -23.12
CA GLN B 229 13.23 -16.01 -24.35
C GLN B 229 13.88 -16.79 -25.47
N ASN B 230 14.72 -17.78 -25.16
CA ASN B 230 15.47 -18.52 -26.16
C ASN B 230 15.90 -19.87 -25.60
N THR B 231 14.92 -20.71 -25.27
CA THR B 231 15.10 -21.81 -24.34
C THR B 231 14.27 -22.99 -24.83
N ALA B 232 14.94 -24.09 -25.14
CA ALA B 232 14.26 -25.34 -25.50
C ALA B 232 14.05 -26.20 -24.27
N VAL B 233 12.93 -26.91 -24.25
CA VAL B 233 12.60 -27.82 -23.16
C VAL B 233 12.08 -29.12 -23.75
N HIS B 234 12.65 -30.23 -23.32
CA HIS B 234 12.15 -31.54 -23.72
C HIS B 234 10.75 -31.76 -23.14
N ARG B 235 9.89 -32.41 -23.91
CA ARG B 235 8.47 -32.49 -23.51
C ARG B 235 8.27 -33.11 -22.12
N ASP B 236 9.17 -33.97 -21.64
CA ASP B 236 8.95 -34.53 -20.30
C ASP B 236 9.13 -33.48 -19.21
N ALA B 237 9.94 -32.42 -19.46
CA ALA B 237 10.15 -31.35 -18.50
C ALA B 237 9.14 -30.21 -18.65
N LEU B 238 8.48 -30.09 -19.79
CA LEU B 238 7.41 -29.10 -19.95
C LEU B 238 6.50 -28.99 -18.73
N PRO B 239 6.01 -30.08 -18.13
CA PRO B 239 5.05 -29.92 -17.02
C PRO B 239 5.61 -29.13 -15.86
N ALA B 240 6.92 -29.00 -15.72
CA ALA B 240 7.50 -28.16 -14.67
C ALA B 240 7.91 -26.78 -15.19
N TYR B 241 7.46 -26.40 -16.38
CA TYR B 241 7.89 -25.16 -17.01
C TYR B 241 6.78 -24.11 -17.08
N TYR B 242 5.72 -24.30 -16.28
CA TYR B 242 4.68 -23.29 -16.14
C TYR B 242 5.28 -21.93 -15.81
N PHE B 243 4.95 -20.95 -16.64
CA PHE B 243 5.40 -19.57 -16.47
C PHE B 243 4.59 -18.92 -15.34
N LEU B 244 5.27 -18.50 -14.27
CA LEU B 244 4.55 -18.13 -13.05
C LEU B 244 3.73 -16.87 -13.22
N ARG B 245 2.60 -16.84 -12.52
CA ARG B 245 1.74 -15.67 -12.50
C ARG B 245 2.37 -14.55 -11.67
N MET B 246 2.58 -13.38 -12.28
CA MET B 246 3.09 -12.19 -11.62
C MET B 246 1.94 -11.37 -11.04
N GLY B 247 2.30 -10.28 -10.37
CA GLY B 247 1.33 -9.38 -9.82
C GLY B 247 1.06 -9.53 -8.34
N GLN B 248 1.65 -10.49 -7.66
CA GLN B 248 1.42 -10.58 -6.21
C GLN B 248 2.24 -9.50 -5.52
N PRO B 249 1.65 -8.75 -4.59
CA PRO B 249 2.41 -7.67 -3.94
C PRO B 249 3.35 -8.22 -2.88
N VAL B 250 4.50 -7.59 -2.78
CA VAL B 250 5.49 -7.91 -1.75
C VAL B 250 5.62 -6.67 -0.91
N ASP B 251 5.04 -6.72 0.29
CA ASP B 251 5.09 -5.55 1.15
C ASP B 251 4.34 -4.39 0.51
N GLY B 252 3.30 -4.67 -0.27
CA GLY B 252 2.50 -3.65 -0.89
C GLY B 252 2.78 -3.42 -2.36
N VAL B 253 3.96 -3.76 -2.86
CA VAL B 253 4.34 -3.46 -4.24
C VAL B 253 4.15 -4.71 -5.10
N PRO B 254 3.44 -4.62 -6.23
CA PRO B 254 3.18 -5.83 -7.03
C PRO B 254 4.43 -6.25 -7.78
N MET B 255 4.72 -7.55 -7.76
CA MET B 255 5.88 -8.02 -8.51
C MET B 255 5.48 -8.30 -9.95
N GLU B 256 6.44 -8.12 -10.87
CA GLU B 256 6.23 -8.41 -12.28
C GLU B 256 7.58 -8.74 -12.91
N ARG B 257 7.54 -9.18 -14.16
CA ARG B 257 8.74 -9.44 -14.96
C ARG B 257 9.55 -10.66 -14.53
N PHE B 258 9.05 -11.53 -13.64
CA PHE B 258 9.89 -12.63 -13.13
C PHE B 258 9.21 -13.99 -13.28
N GLY B 259 8.22 -14.10 -14.17
CA GLY B 259 7.55 -15.36 -14.35
C GLY B 259 8.49 -16.47 -14.75
N ASP B 260 9.39 -16.18 -15.69
CA ASP B 260 10.33 -17.20 -16.15
C ASP B 260 11.51 -17.39 -15.21
N ILE B 261 11.77 -16.44 -14.30
CA ILE B 261 12.84 -16.65 -13.33
C ILE B 261 12.45 -17.75 -12.38
N PHE B 262 11.23 -17.71 -11.87
CA PHE B 262 10.75 -18.85 -11.11
C PHE B 262 10.62 -20.10 -11.99
N SER B 263 10.10 -19.97 -13.21
CA SER B 263 9.90 -21.15 -14.03
C SER B 263 11.24 -21.81 -14.38
N GLY B 264 12.23 -20.97 -14.71
CA GLY B 264 13.56 -21.50 -14.99
C GLY B 264 14.22 -22.16 -13.79
N TYR B 265 14.00 -21.61 -12.59
CA TYR B 265 14.53 -22.27 -11.39
C TYR B 265 13.73 -23.52 -11.02
N PHE B 266 12.43 -23.55 -11.32
CA PHE B 266 11.63 -24.68 -10.91
C PHE B 266 11.89 -25.90 -11.79
N VAL B 267 11.99 -25.69 -13.10
CA VAL B 267 12.27 -26.81 -14.02
C VAL B 267 13.69 -27.34 -13.82
N GLN B 268 14.62 -26.44 -13.52
CA GLN B 268 15.98 -26.84 -13.16
C GLN B 268 15.98 -27.72 -11.92
N VAL B 269 15.37 -27.23 -10.84
CA VAL B 269 15.32 -27.97 -9.58
C VAL B 269 14.70 -29.34 -9.79
N CYS B 270 13.59 -29.41 -10.52
CA CYS B 270 12.96 -30.70 -10.81
C CYS B 270 13.86 -31.58 -11.66
N ALA B 271 14.51 -30.98 -12.66
CA ALA B 271 15.38 -31.75 -13.53
C ALA B 271 16.50 -32.41 -12.72
N GLN B 272 17.19 -31.64 -11.89
CA GLN B 272 18.27 -32.23 -11.11
C GLN B 272 17.74 -33.30 -10.17
N HIS B 273 16.53 -33.10 -9.64
CA HIS B 273 15.94 -34.15 -8.81
C HIS B 273 15.83 -35.45 -9.58
N LEU B 274 15.34 -35.38 -10.82
CA LEU B 274 15.17 -36.51 -11.71
C LEU B 274 16.46 -36.93 -12.38
N GLY B 275 17.58 -36.30 -12.03
CA GLY B 275 18.84 -36.64 -12.66
C GLY B 275 19.04 -36.06 -14.03
N HIS B 276 18.31 -35.00 -14.40
CA HIS B 276 18.51 -34.35 -15.69
C HIS B 276 19.27 -33.04 -15.48
N ALA B 277 19.57 -32.37 -16.59
CA ALA B 277 20.60 -31.34 -16.62
C ALA B 277 20.12 -30.16 -17.46
N VAL B 278 20.75 -29.02 -17.18
CA VAL B 278 20.50 -27.78 -17.92
C VAL B 278 21.77 -27.47 -18.69
N ARG B 279 21.61 -27.12 -19.96
CA ARG B 279 22.69 -26.74 -20.84
C ARG B 279 22.61 -25.25 -21.13
N PHE B 280 23.76 -24.58 -21.24
CA PHE B 280 23.82 -23.17 -21.57
C PHE B 280 24.79 -22.94 -22.73
N GLY B 281 24.37 -22.11 -23.69
CA GLY B 281 25.23 -21.80 -24.83
C GLY B 281 24.46 -21.55 -26.11
N ASP B 282 24.78 -22.29 -27.17
CA ASP B 282 24.07 -22.14 -28.43
C ASP B 282 22.75 -22.89 -28.39
N PRO B 283 21.80 -22.55 -29.27
CA PRO B 283 21.83 -21.53 -30.33
C PRO B 283 21.56 -20.14 -29.80
N VAL B 284 22.07 -19.14 -30.51
CA VAL B 284 22.14 -17.75 -30.08
C VAL B 284 21.12 -16.94 -30.86
N VAL B 285 20.44 -16.01 -30.16
CA VAL B 285 19.55 -15.06 -30.81
C VAL B 285 20.09 -13.66 -30.58
N GLU B 286 19.70 -12.75 -31.47
CA GLU B 286 19.86 -11.33 -31.25
C GLU B 286 18.63 -10.74 -30.55
N HIS B 287 18.88 -10.05 -29.44
CA HIS B 287 17.83 -9.37 -28.69
C HIS B 287 18.02 -7.86 -28.80
N PRO B 288 17.19 -7.16 -29.59
CA PRO B 288 17.42 -5.72 -29.81
C PRO B 288 17.20 -4.90 -28.55
N ARG B 289 18.03 -3.87 -28.39
CA ARG B 289 18.03 -3.02 -27.20
C ARG B 289 16.96 -1.94 -27.33
N ASN B 290 15.71 -2.30 -27.06
CA ASN B 290 14.66 -1.28 -26.91
C ASN B 290 14.16 -1.30 -25.49
N GLU B 291 14.59 -0.28 -24.74
CA GLU B 291 14.46 -0.17 -23.29
C GLU B 291 13.16 0.51 -22.88
N HIS B 292 12.85 1.64 -23.50
CA HIS B 292 12.05 2.69 -22.90
C HIS B 292 12.27 2.75 -21.38
N ASP B 293 11.23 2.52 -20.58
CA ASP B 293 11.27 2.99 -19.19
C ASP B 293 11.93 1.96 -18.30
N LEU B 294 13.24 2.10 -18.14
CA LEU B 294 14.00 1.22 -17.28
C LEU B 294 13.63 1.39 -15.81
N LEU B 295 13.31 2.61 -15.39
CA LEU B 295 12.97 2.83 -13.99
C LEU B 295 11.67 2.12 -13.61
N ASP B 296 10.75 1.95 -14.56
CA ASP B 296 9.54 1.18 -14.29
C ASP B 296 9.84 -0.32 -14.27
N ASP B 297 10.70 -0.80 -15.17
CA ASP B 297 11.17 -2.18 -15.05
C ASP B 297 11.75 -2.42 -13.66
N LEU B 298 12.49 -1.45 -13.14
CA LEU B 298 13.15 -1.64 -11.84
C LEU B 298 12.13 -1.73 -10.73
N HIS B 299 11.18 -0.78 -10.71
CA HIS B 299 10.10 -0.79 -9.73
C HIS B 299 9.34 -2.11 -9.75
N LYS B 300 9.30 -2.79 -10.91
CA LYS B 300 8.57 -4.04 -11.06
C LYS B 300 9.35 -5.24 -10.52
N GLU B 301 10.66 -5.33 -10.83
CA GLU B 301 11.46 -6.50 -10.47
C GLU B 301 11.91 -6.50 -9.00
N VAL B 302 11.99 -5.35 -8.35
CA VAL B 302 12.54 -5.30 -6.98
C VAL B 302 11.79 -6.19 -6.01
N PRO B 303 10.45 -6.25 -6.02
CA PRO B 303 9.76 -7.12 -5.04
C PRO B 303 10.13 -8.59 -5.17
N ALA B 304 10.22 -9.12 -6.40
CA ALA B 304 10.70 -10.49 -6.54
C ALA B 304 12.16 -10.60 -6.15
N VAL B 305 12.99 -9.63 -6.56
CA VAL B 305 14.40 -9.66 -6.21
C VAL B 305 14.60 -9.63 -4.70
N ARG B 306 13.63 -9.08 -3.94
CA ARG B 306 13.79 -9.05 -2.48
C ARG B 306 13.55 -10.41 -1.85
N LEU B 307 12.80 -11.30 -2.50
CA LEU B 307 12.54 -12.61 -1.95
C LEU B 307 13.44 -13.71 -2.51
N LEU B 308 14.05 -13.51 -3.68
CA LEU B 308 14.58 -14.64 -4.46
C LEU B 308 15.76 -15.33 -3.79
N ASP B 309 16.71 -14.57 -3.24
CA ASP B 309 17.82 -15.17 -2.52
C ASP B 309 17.33 -16.17 -1.48
N ASP B 310 16.40 -15.75 -0.61
CA ASP B 310 15.90 -16.65 0.43
C ASP B 310 15.18 -17.86 -0.15
N ILE B 311 14.39 -17.65 -1.20
CA ILE B 311 13.71 -18.78 -1.82
C ILE B 311 14.72 -19.78 -2.35
N LEU B 312 15.81 -19.29 -2.95
CA LEU B 312 16.82 -20.21 -3.48
C LEU B 312 17.55 -20.95 -2.35
N ASP B 313 17.93 -20.25 -1.28
CA ASP B 313 18.56 -20.94 -0.16
C ASP B 313 17.71 -22.09 0.36
N HIS B 314 16.41 -21.87 0.57
CA HIS B 314 15.56 -22.95 1.08
C HIS B 314 15.34 -24.05 0.05
N LEU B 315 15.44 -23.74 -1.24
CA LEU B 315 15.25 -24.77 -2.26
C LEU B 315 16.43 -25.74 -2.29
N ARG B 316 17.64 -25.25 -2.06
CA ARG B 316 18.81 -26.14 -2.00
C ARG B 316 18.60 -27.23 -0.96
N ASP B 317 17.95 -26.88 0.16
CA ASP B 317 17.90 -27.82 1.27
C ASP B 317 16.67 -28.72 1.25
N HIS B 318 15.69 -28.44 0.39
CA HIS B 318 14.39 -29.07 0.52
C HIS B 318 14.33 -30.31 -0.34
N PRO B 319 14.38 -31.51 0.21
CA PRO B 319 14.31 -32.70 -0.62
C PRO B 319 12.92 -32.82 -1.23
N LEU B 320 12.89 -33.23 -2.51
CA LEU B 320 11.65 -33.43 -3.25
C LEU B 320 11.41 -34.90 -3.54
N GLU B 321 10.13 -35.28 -3.60
CA GLU B 321 9.69 -36.59 -4.06
C GLU B 321 9.11 -36.52 -5.47
N GLY B 322 9.00 -37.68 -6.11
CA GLY B 322 8.38 -37.77 -7.43
C GLY B 322 9.28 -38.44 -8.45
N GLY B 323 8.65 -39.10 -9.43
CA GLY B 323 9.36 -39.91 -10.40
C GLY B 323 9.35 -39.36 -11.81
N ASP B 324 8.40 -38.47 -12.10
CA ASP B 324 8.34 -37.75 -13.36
C ASP B 324 8.28 -36.26 -13.04
N TYR B 325 8.26 -35.42 -14.07
CA TYR B 325 8.27 -33.98 -13.83
C TYR B 325 6.96 -33.51 -13.20
N LEU B 326 5.84 -34.10 -13.60
CA LEU B 326 4.56 -33.71 -13.02
C LEU B 326 4.52 -34.04 -11.53
N GLU B 327 4.91 -35.25 -11.16
CA GLU B 327 4.93 -35.59 -9.74
C GLU B 327 5.86 -34.66 -8.97
N THR B 328 7.03 -34.38 -9.56
CA THR B 328 8.06 -33.64 -8.84
C THR B 328 7.67 -32.17 -8.70
N TYR B 329 7.02 -31.61 -9.72
CA TYR B 329 6.55 -30.23 -9.67
C TYR B 329 5.49 -30.04 -8.57
N GLU B 330 4.54 -30.97 -8.48
CA GLU B 330 3.55 -30.89 -7.40
C GLU B 330 4.21 -31.01 -6.04
N SER B 331 5.21 -31.90 -5.91
CA SER B 331 5.96 -31.99 -4.66
C SER B 331 6.69 -30.67 -4.37
N LEU B 332 7.20 -30.00 -5.42
CA LEU B 332 7.82 -28.69 -5.25
C LEU B 332 6.81 -27.66 -4.77
N SER B 333 5.60 -27.69 -5.34
CA SER B 333 4.57 -26.73 -4.93
C SER B 333 4.32 -26.83 -3.43
N TYR B 334 4.24 -28.05 -2.90
CA TYR B 334 4.06 -28.19 -1.47
C TYR B 334 5.30 -27.75 -0.71
N ALA B 335 6.48 -27.89 -1.32
CA ALA B 335 7.70 -27.44 -0.65
C ALA B 335 7.71 -25.92 -0.52
N LEU B 336 7.36 -25.23 -1.58
CA LEU B 336 7.19 -23.77 -1.53
C LEU B 336 6.31 -23.35 -0.35
N GLN B 337 5.25 -24.13 -0.07
CA GLN B 337 4.34 -23.78 1.01
C GLN B 337 4.96 -23.98 2.39
N GLU B 338 5.79 -25.00 2.58
CA GLU B 338 6.56 -25.10 3.82
C GLU B 338 7.53 -23.93 3.93
N ILE B 339 8.23 -23.64 2.83
CA ILE B 339 9.21 -22.57 2.84
C ILE B 339 8.54 -21.24 3.20
N ALA B 340 7.33 -21.01 2.67
CA ALA B 340 6.63 -19.74 2.92
C ALA B 340 6.52 -19.45 4.40
N GLU B 341 6.44 -20.49 5.22
CA GLU B 341 6.27 -20.35 6.66
C GLU B 341 7.59 -20.41 7.43
N ARG B 342 8.62 -21.07 6.89
CA ARG B 342 9.90 -21.13 7.58
C ARG B 342 10.79 -19.93 7.30
N VAL B 343 10.74 -19.37 6.08
CA VAL B 343 11.60 -18.25 5.74
C VAL B 343 11.37 -17.10 6.74
N ASN B 344 12.38 -16.23 6.86
CA ASN B 344 12.34 -15.09 7.76
C ASN B 344 13.21 -13.99 7.22
N GLY B 345 12.84 -12.75 7.51
CA GLY B 345 13.51 -11.58 6.99
C GLY B 345 12.57 -10.40 6.99
N ARG B 346 13.13 -9.24 6.61
CA ARG B 346 12.35 -7.99 6.58
C ARG B 346 11.36 -7.96 5.43
N ALA B 347 11.66 -8.64 4.32
CA ALA B 347 10.80 -8.59 3.14
C ALA B 347 9.61 -9.53 3.23
N TRP B 348 9.54 -10.39 4.24
CA TRP B 348 8.56 -11.49 4.27
C TRP B 348 7.33 -11.10 5.10
N SER B 349 6.64 -10.07 4.63
CA SER B 349 5.38 -9.67 5.22
C SER B 349 4.31 -10.70 4.86
N PRO B 350 3.14 -10.62 5.49
CA PRO B 350 2.09 -11.59 5.15
C PRO B 350 1.84 -11.70 3.66
N ASP B 351 1.86 -10.59 2.91
CA ASP B 351 1.52 -10.72 1.49
C ASP B 351 2.65 -11.40 0.73
N ALA B 352 3.89 -11.27 1.20
CA ALA B 352 5.00 -11.99 0.59
C ALA B 352 4.87 -13.50 0.83
N ARG B 353 4.58 -13.90 2.08
CA ARG B 353 4.36 -15.31 2.36
C ARG B 353 3.22 -15.87 1.50
N ALA B 354 2.08 -15.19 1.49
CA ALA B 354 0.91 -15.69 0.75
C ALA B 354 1.19 -15.79 -0.75
N PHE B 355 2.09 -14.95 -1.29
CA PHE B 355 2.54 -15.09 -2.68
C PHE B 355 2.91 -16.54 -3.00
N LEU B 356 3.81 -17.12 -2.20
CA LEU B 356 4.21 -18.50 -2.43
C LEU B 356 3.01 -19.44 -2.33
N HIS B 357 2.05 -19.12 -1.46
CA HIS B 357 0.92 -20.03 -1.29
C HIS B 357 0.00 -20.00 -2.50
N ARG B 358 -0.25 -18.82 -3.05
CA ARG B 358 -1.09 -18.77 -4.25
C ARG B 358 -0.34 -19.29 -5.46
N SER B 359 0.96 -19.01 -5.56
CA SER B 359 1.75 -19.61 -6.63
C SER B 359 1.65 -21.12 -6.59
N ALA B 360 1.73 -21.70 -5.39
CA ALA B 360 1.72 -23.15 -5.25
C ALA B 360 0.41 -23.74 -5.75
N HIS B 361 -0.71 -23.06 -5.44
CA HIS B 361 -2.00 -23.54 -5.94
C HIS B 361 -2.07 -23.39 -7.46
N LEU B 362 -1.58 -22.26 -8.00
CA LEU B 362 -1.56 -22.09 -9.45
C LEU B 362 -0.72 -23.17 -10.11
N MET B 363 0.39 -23.56 -9.48
CA MET B 363 1.23 -24.59 -10.06
C MET B 363 0.48 -25.92 -10.18
N ARG B 364 -0.30 -26.29 -9.15
CA ARG B 364 -0.99 -27.57 -9.17
C ARG B 364 -2.23 -27.53 -10.03
N SER B 365 -2.78 -26.34 -10.28
CA SER B 365 -3.91 -26.23 -11.16
C SER B 365 -3.45 -26.43 -12.60
N TRP B 366 -2.23 -25.97 -12.89
CA TRP B 366 -1.59 -26.24 -14.17
C TRP B 366 -1.35 -27.72 -14.37
N THR B 367 -0.77 -28.39 -13.37
CA THR B 367 -0.51 -29.81 -13.56
C THR B 367 -1.79 -30.62 -13.57
N GLY B 368 -2.81 -30.20 -12.82
CA GLY B 368 -4.12 -30.80 -12.97
C GLY B 368 -4.61 -30.69 -14.39
N ALA B 369 -4.35 -29.55 -15.03
CA ALA B 369 -4.72 -29.41 -16.44
C ALA B 369 -4.03 -30.48 -17.28
N LEU B 370 -2.70 -30.63 -17.13
CA LEU B 370 -1.98 -31.62 -17.92
C LEU B 370 -2.46 -33.04 -17.60
N ARG B 371 -2.68 -33.34 -16.32
CA ARG B 371 -3.26 -34.63 -15.96
C ARG B 371 -4.54 -34.89 -16.73
N THR B 372 -5.45 -33.93 -16.75
CA THR B 372 -6.71 -34.15 -17.45
C THR B 372 -6.48 -34.48 -18.92
N VAL B 373 -5.60 -33.72 -19.58
CA VAL B 373 -5.31 -34.00 -20.99
C VAL B 373 -4.87 -35.44 -21.16
N ALA B 374 -4.00 -35.91 -20.28
CA ALA B 374 -3.37 -37.22 -20.41
C ALA B 374 -4.26 -38.36 -19.93
N GLY B 375 -5.21 -38.11 -19.05
CA GLY B 375 -6.14 -39.15 -18.67
C GLY B 375 -7.25 -39.43 -19.67
N THR B 376 -7.31 -38.70 -20.77
CA THR B 376 -8.42 -38.83 -21.72
C THR B 376 -7.99 -39.46 -23.04
N ASP C 5 -35.08 41.59 -7.96
CA ASP C 5 -34.63 40.37 -8.62
C ASP C 5 -33.44 39.75 -7.87
N ILE C 6 -33.55 38.46 -7.57
CA ILE C 6 -32.46 37.71 -6.98
C ILE C 6 -32.06 36.64 -7.99
N SER C 7 -30.85 36.76 -8.52
CA SER C 7 -30.34 35.78 -9.49
C SER C 7 -29.83 34.55 -8.76
N THR C 8 -30.32 33.39 -9.18
CA THR C 8 -29.91 32.11 -8.62
C THR C 8 -29.37 31.21 -9.72
N ALA C 9 -28.27 30.52 -9.43
CA ALA C 9 -27.72 29.51 -10.35
C ALA C 9 -27.55 28.22 -9.56
N VAL C 10 -28.19 27.15 -10.04
CA VAL C 10 -28.01 25.81 -9.50
C VAL C 10 -26.86 25.15 -10.23
N VAL C 11 -25.98 24.49 -9.50
CA VAL C 11 -24.84 23.80 -10.09
C VAL C 11 -24.99 22.31 -9.82
N VAL C 12 -24.88 21.51 -10.89
CA VAL C 12 -24.88 20.05 -10.85
C VAL C 12 -23.81 19.53 -11.82
N THR C 13 -23.02 18.56 -11.37
CA THR C 13 -22.17 17.80 -12.29
C THR C 13 -22.70 16.36 -12.37
N THR C 14 -22.79 15.84 -13.59
CA THR C 14 -23.44 14.56 -13.83
C THR C 14 -22.70 13.74 -14.87
N ILE C 15 -22.82 12.41 -14.74
CA ILE C 15 -22.47 11.46 -15.78
C ILE C 15 -23.69 10.69 -16.27
N SER C 16 -24.89 11.19 -15.99
CA SER C 16 -26.11 10.47 -16.31
C SER C 16 -26.60 10.84 -17.71
N ASP C 17 -27.67 10.18 -18.15
CA ASP C 17 -28.29 10.49 -19.44
C ASP C 17 -29.01 11.83 -19.45
N GLY C 18 -29.13 12.51 -18.31
CA GLY C 18 -29.93 13.71 -18.21
C GLY C 18 -31.36 13.48 -17.79
N GLY C 19 -31.75 12.25 -17.47
CA GLY C 19 -33.11 11.99 -17.06
C GLY C 19 -33.55 12.80 -15.85
N PHE C 20 -32.60 13.15 -14.97
CA PHE C 20 -32.93 13.90 -13.77
C PHE C 20 -33.58 15.24 -14.07
N LEU C 21 -33.33 15.83 -15.25
CA LEU C 21 -33.84 17.16 -15.55
C LEU C 21 -35.37 17.21 -15.60
N ASP C 22 -36.01 16.11 -16.00
CA ASP C 22 -37.47 16.07 -16.03
C ASP C 22 -38.05 16.58 -14.72
N ARG C 23 -37.59 16.03 -13.61
CA ARG C 23 -38.15 16.29 -12.31
C ARG C 23 -37.48 17.45 -11.59
N LEU C 24 -36.48 18.10 -12.20
CA LEU C 24 -35.83 19.26 -11.60
C LEU C 24 -36.08 20.55 -12.36
N ALA C 25 -36.18 20.48 -13.67
CA ALA C 25 -36.33 21.67 -14.49
C ALA C 25 -37.54 22.51 -14.09
N PRO C 26 -38.65 21.92 -13.59
CA PRO C 26 -39.85 22.73 -13.31
C PRO C 26 -39.64 23.75 -12.20
N ALA C 27 -39.26 23.30 -11.00
CA ALA C 27 -39.10 24.22 -9.87
C ALA C 27 -38.08 25.32 -10.16
N LEU C 28 -37.12 25.08 -11.05
CA LEU C 28 -36.12 26.10 -11.38
C LEU C 28 -36.57 26.95 -12.56
N ARG C 29 -37.12 26.31 -13.59
CA ARG C 29 -37.69 27.06 -14.70
C ARG C 29 -38.75 28.03 -14.21
N ASP C 30 -39.71 27.54 -13.42
CA ASP C 30 -40.71 28.41 -12.83
C ASP C 30 -40.08 29.64 -12.22
N ALA C 31 -38.99 29.45 -11.47
CA ALA C 31 -38.31 30.54 -10.77
C ALA C 31 -37.35 31.32 -11.66
N GLY C 32 -37.23 30.96 -12.94
CA GLY C 32 -36.28 31.62 -13.81
C GLY C 32 -34.84 31.41 -13.42
N ALA C 33 -34.58 30.44 -12.55
CA ALA C 33 -33.22 30.13 -12.14
C ALA C 33 -32.41 29.63 -13.33
N ARG C 34 -31.11 29.91 -13.32
CA ARG C 34 -30.21 29.25 -14.26
C ARG C 34 -29.70 27.97 -13.62
N LEU C 35 -29.53 26.96 -14.45
CA LEU C 35 -28.99 25.69 -14.04
C LEU C 35 -27.70 25.44 -14.80
N ILE C 36 -26.62 25.21 -14.07
CA ILE C 36 -25.32 24.89 -14.68
C ILE C 36 -25.08 23.40 -14.50
N VAL C 37 -24.96 22.69 -15.61
CA VAL C 37 -24.68 21.25 -15.60
C VAL C 37 -23.26 21.05 -16.10
N ILE C 38 -22.41 20.44 -15.27
CA ILE C 38 -21.02 20.18 -15.64
C ILE C 38 -20.88 18.72 -16.03
N PRO C 39 -20.75 18.39 -17.31
CA PRO C 39 -20.46 17.02 -17.70
C PRO C 39 -18.97 16.71 -17.56
N ASP C 40 -18.64 15.43 -17.72
CA ASP C 40 -17.28 14.95 -17.52
C ASP C 40 -16.84 14.18 -18.76
N ARG C 41 -15.57 13.76 -18.77
CA ARG C 41 -15.06 12.97 -19.89
C ARG C 41 -15.97 11.77 -20.13
N ASN C 42 -16.50 11.19 -19.06
CA ASN C 42 -17.28 9.97 -19.11
C ASN C 42 -18.79 10.24 -19.09
N THR C 43 -19.22 11.37 -19.62
CA THR C 43 -20.65 11.68 -19.70
C THR C 43 -21.16 11.34 -21.08
N GLY C 44 -22.27 10.62 -21.13
CA GLY C 44 -22.86 10.21 -22.38
C GLY C 44 -23.18 11.38 -23.28
N PRO C 45 -23.45 11.09 -24.56
CA PRO C 45 -23.92 12.12 -25.48
C PRO C 45 -25.40 12.40 -25.32
N ALA C 46 -26.13 11.54 -24.63
CA ALA C 46 -27.54 11.81 -24.39
C ALA C 46 -27.72 13.02 -23.49
N LEU C 47 -26.88 13.15 -22.45
CA LEU C 47 -27.05 14.23 -21.48
C LEU C 47 -27.09 15.60 -22.16
N PHE C 48 -26.34 15.77 -23.25
CA PHE C 48 -26.41 17.04 -23.98
C PHE C 48 -27.75 17.20 -24.67
N ALA C 49 -28.29 16.10 -25.22
CA ALA C 49 -29.65 16.12 -25.74
C ALA C 49 -30.63 16.67 -24.69
N ALA C 50 -30.63 16.04 -23.51
CA ALA C 50 -31.57 16.43 -22.46
C ALA C 50 -31.52 17.93 -22.17
N CYS C 51 -30.32 18.49 -22.06
CA CYS C 51 -30.18 19.92 -21.78
C CYS C 51 -30.82 20.77 -22.86
N GLU C 52 -30.55 20.44 -24.12
CA GLU C 52 -31.07 21.29 -25.19
C GLU C 52 -32.60 21.27 -25.21
N ARG C 53 -33.17 20.08 -25.03
CA ARG C 53 -34.65 19.95 -25.00
C ARG C 53 -35.19 20.77 -23.82
N HIS C 54 -34.56 20.66 -22.65
CA HIS C 54 -35.07 21.34 -21.49
C HIS C 54 -34.92 22.85 -21.62
N ARG C 55 -33.96 23.34 -22.41
CA ARG C 55 -33.96 24.76 -22.72
C ARG C 55 -35.08 25.10 -23.70
N ARG C 56 -35.42 24.19 -24.61
CA ARG C 56 -36.50 24.45 -25.56
C ARG C 56 -37.82 24.69 -24.83
N LEU C 57 -37.98 24.10 -23.64
CA LEU C 57 -39.15 24.33 -22.82
C LEU C 57 -38.95 25.44 -21.79
N GLY C 58 -37.89 26.23 -21.91
CA GLY C 58 -37.75 27.45 -21.12
C GLY C 58 -36.76 27.37 -19.97
N LEU C 59 -36.19 26.20 -19.69
CA LEU C 59 -35.17 26.09 -18.66
C LEU C 59 -33.87 26.68 -19.18
N ASP C 60 -33.42 27.78 -18.58
CA ASP C 60 -32.12 28.37 -18.88
C ASP C 60 -31.03 27.46 -18.29
N VAL C 61 -30.78 26.36 -18.98
CA VAL C 61 -29.78 25.38 -18.57
C VAL C 61 -28.61 25.46 -19.53
N VAL C 62 -27.41 25.28 -19.00
CA VAL C 62 -26.18 25.32 -19.79
C VAL C 62 -25.33 24.12 -19.41
N CYS C 63 -24.69 23.52 -20.40
CA CYS C 63 -24.01 22.25 -20.22
C CYS C 63 -22.68 22.31 -20.94
N PRO C 64 -21.69 23.00 -20.37
CA PRO C 64 -20.46 23.27 -21.11
C PRO C 64 -19.62 22.02 -21.35
N SER C 65 -19.19 21.85 -22.59
CA SER C 65 -18.34 20.73 -22.99
C SER C 65 -17.02 20.75 -22.24
N VAL C 66 -16.42 19.55 -22.12
CA VAL C 66 -15.15 19.45 -21.39
C VAL C 66 -14.08 20.29 -22.08
N ALA C 67 -14.14 20.38 -23.42
CA ALA C 67 -13.29 21.32 -24.14
C ALA C 67 -13.55 22.75 -23.68
N GLU C 68 -14.82 23.13 -23.58
CA GLU C 68 -15.16 24.47 -23.08
C GLU C 68 -14.61 24.71 -21.68
N GLN C 69 -14.85 23.77 -20.76
CA GLN C 69 -14.34 23.93 -19.40
C GLN C 69 -12.83 24.09 -19.42
N GLN C 70 -12.12 23.23 -20.16
CA GLN C 70 -10.66 23.23 -20.11
C GLN C 70 -10.09 24.52 -20.70
N ASP C 71 -10.77 25.13 -21.66
CA ASP C 71 -10.34 26.44 -22.15
C ASP C 71 -10.37 27.50 -21.06
N LEU C 72 -11.43 27.50 -20.24
CA LEU C 72 -11.54 28.51 -19.18
C LEU C 72 -10.50 28.26 -18.10
N LEU C 73 -10.28 27.00 -17.74
CA LEU C 73 -9.34 26.69 -16.68
C LEU C 73 -7.91 27.01 -17.11
N GLU C 74 -7.62 26.85 -18.40
CA GLU C 74 -6.34 27.28 -18.93
C GLU C 74 -6.21 28.80 -18.89
N ARG C 75 -7.26 29.51 -19.30
CA ARG C 75 -7.19 30.97 -19.31
C ARG C 75 -7.05 31.54 -17.90
N LEU C 76 -7.48 30.80 -16.90
CA LEU C 76 -7.34 31.19 -15.51
C LEU C 76 -6.06 30.68 -14.90
N ALA C 77 -5.22 30.01 -15.70
CA ALA C 77 -3.93 29.50 -15.27
C ALA C 77 -4.04 28.31 -14.35
N VAL C 78 -5.18 27.62 -14.35
CA VAL C 78 -5.35 26.44 -13.49
C VAL C 78 -5.77 25.25 -14.34
N PRO C 79 -4.99 24.86 -15.34
CA PRO C 79 -5.40 23.72 -16.16
C PRO C 79 -5.43 22.41 -15.38
N ASP C 80 -4.60 22.26 -14.35
CA ASP C 80 -4.52 20.99 -13.64
C ASP C 80 -5.29 20.99 -12.33
N LEU C 81 -6.00 22.06 -12.00
CA LEU C 81 -6.63 22.14 -10.70
C LEU C 81 -7.68 21.04 -10.52
N ILE C 82 -8.61 20.93 -11.45
CA ILE C 82 -9.81 20.12 -11.29
C ILE C 82 -9.66 18.86 -12.14
N PRO C 83 -9.67 17.67 -11.54
CA PRO C 83 -9.46 16.44 -12.31
C PRO C 83 -10.72 16.04 -13.09
N TYR C 84 -10.54 15.08 -13.98
CA TYR C 84 -11.63 14.48 -14.72
C TYR C 84 -11.97 13.13 -14.12
N HIS C 85 -13.07 12.56 -14.58
CA HIS C 85 -13.58 11.33 -13.98
C HIS C 85 -13.83 11.54 -12.49
N SER C 86 -14.35 12.72 -12.15
CA SER C 86 -14.54 13.04 -10.74
C SER C 86 -15.65 14.06 -10.58
N ASP C 87 -16.53 13.80 -9.62
CA ASP C 87 -17.49 14.84 -9.26
C ASP C 87 -16.80 16.10 -8.73
N ASN C 88 -15.45 16.11 -8.67
CA ASN C 88 -14.78 17.38 -8.35
C ASN C 88 -15.17 18.47 -9.34
N ARG C 89 -15.64 18.10 -10.54
CA ARG C 89 -15.90 19.10 -11.56
C ARG C 89 -16.99 20.08 -11.13
N ARG C 90 -17.82 19.74 -10.14
CA ARG C 90 -18.63 20.69 -9.39
C ARG C 90 -18.02 22.07 -9.39
N ASN C 91 -16.75 22.10 -9.00
CA ASN C 91 -16.00 23.35 -8.87
C ASN C 91 -16.11 24.21 -10.13
N VAL C 92 -16.12 23.59 -11.31
CA VAL C 92 -16.28 24.37 -12.54
C VAL C 92 -17.59 25.13 -12.51
N GLY C 93 -18.67 24.48 -12.06
CA GLY C 93 -19.95 25.16 -11.92
C GLY C 93 -19.86 26.35 -10.96
N TYR C 94 -19.30 26.14 -9.77
CA TYR C 94 -19.12 27.24 -8.84
C TYR C 94 -18.42 28.42 -9.50
N LEU C 95 -17.29 28.14 -10.18
CA LEU C 95 -16.52 29.21 -10.82
C LEU C 95 -17.33 29.91 -11.89
N MET C 96 -17.98 29.17 -12.77
CA MET C 96 -18.76 29.82 -13.80
C MET C 96 -19.83 30.71 -13.17
N ALA C 97 -20.57 30.17 -12.19
CA ALA C 97 -21.68 30.92 -11.61
C ALA C 97 -21.19 32.14 -10.83
N TRP C 98 -20.04 32.01 -10.16
CA TRP C 98 -19.46 33.16 -9.49
C TRP C 98 -18.99 34.21 -10.50
N MET C 99 -18.37 33.76 -11.59
CA MET C 99 -17.94 34.69 -12.63
C MET C 99 -19.10 35.50 -13.17
N GLU C 100 -20.23 34.87 -13.40
CA GLU C 100 -21.34 35.57 -14.06
C GLU C 100 -22.08 36.49 -13.11
N GLY C 101 -21.68 36.55 -11.84
CA GLY C 101 -22.32 37.44 -10.90
C GLY C 101 -23.61 36.95 -10.30
N PHE C 102 -23.87 35.64 -10.29
CA PHE C 102 -25.10 35.15 -9.68
C PHE C 102 -25.07 35.41 -8.18
N ASP C 103 -26.19 35.89 -7.64
CA ASP C 103 -26.28 36.18 -6.21
C ASP C 103 -26.18 34.91 -5.37
N VAL C 104 -26.82 33.83 -5.84
CA VAL C 104 -27.02 32.63 -5.03
C VAL C 104 -26.67 31.44 -5.89
N ILE C 105 -25.76 30.60 -5.39
CA ILE C 105 -25.39 29.35 -6.03
C ILE C 105 -25.97 28.22 -5.19
N VAL C 106 -26.73 27.34 -5.83
CA VAL C 106 -27.31 26.18 -5.17
C VAL C 106 -26.61 24.93 -5.68
N SER C 107 -25.83 24.30 -4.81
CA SER C 107 -25.09 23.10 -5.16
C SER C 107 -25.96 21.88 -4.93
N MET C 108 -26.09 21.04 -5.97
CA MET C 108 -26.96 19.87 -5.91
C MET C 108 -26.25 18.65 -6.46
N ASP C 109 -26.76 17.48 -6.09
CA ASP C 109 -26.46 16.23 -6.78
C ASP C 109 -27.53 15.98 -7.82
N ASP C 110 -27.18 15.25 -8.88
CA ASP C 110 -28.17 15.09 -9.95
C ASP C 110 -29.33 14.17 -9.55
N ASP C 111 -29.30 13.57 -8.37
CA ASP C 111 -30.35 12.68 -7.92
C ASP C 111 -31.11 13.25 -6.71
N ASN C 112 -31.11 14.58 -6.54
CA ASN C 112 -31.80 15.24 -5.44
C ASN C 112 -32.93 16.09 -6.01
N LEU C 113 -34.14 15.68 -5.77
CA LEU C 113 -35.29 16.29 -6.41
C LEU C 113 -36.04 17.19 -5.44
N PRO C 114 -36.35 18.44 -5.82
CA PRO C 114 -37.12 19.32 -4.94
C PRO C 114 -38.54 18.78 -4.71
N THR C 115 -38.99 18.85 -3.46
CA THR C 115 -40.32 18.37 -3.09
C THR C 115 -41.36 19.49 -2.98
N THR C 116 -40.99 20.73 -3.28
CA THR C 116 -41.89 21.85 -3.12
C THR C 116 -41.67 22.80 -4.28
N ASP C 117 -42.66 23.65 -4.54
CA ASP C 117 -42.50 24.64 -5.60
C ASP C 117 -41.70 25.85 -5.15
N ASP C 118 -41.50 26.05 -3.85
CA ASP C 118 -40.78 27.22 -3.36
C ASP C 118 -39.29 26.95 -3.15
N PHE C 119 -38.77 25.90 -3.80
CA PHE C 119 -37.37 25.49 -3.67
C PHE C 119 -36.41 26.67 -3.82
N VAL C 120 -36.37 27.28 -5.01
CA VAL C 120 -35.44 28.39 -5.23
C VAL C 120 -35.66 29.50 -4.20
N GLU C 121 -36.90 29.98 -4.08
CA GLU C 121 -37.20 31.04 -3.13
C GLU C 121 -36.65 30.72 -1.75
N ARG C 122 -36.85 29.48 -1.28
CA ARG C 122 -36.44 29.16 0.09
C ARG C 122 -34.94 29.28 0.24
N HIS C 123 -34.18 28.81 -0.76
CA HIS C 123 -32.73 28.91 -0.72
C HIS C 123 -32.25 30.35 -0.78
N GLN C 124 -33.13 31.29 -1.14
CA GLN C 124 -32.78 32.71 -1.21
C GLN C 124 -32.72 33.34 0.16
N VAL C 125 -33.14 32.62 1.21
CA VAL C 125 -32.83 33.06 2.56
C VAL C 125 -31.37 33.49 2.67
N VAL C 126 -30.50 32.92 1.84
CA VAL C 126 -29.09 33.29 1.90
C VAL C 126 -28.85 34.72 1.46
N CYS C 127 -29.83 35.36 0.83
CA CYS C 127 -29.60 36.70 0.30
C CYS C 127 -30.39 37.76 1.06
N GLN C 128 -31.05 37.38 2.16
CA GLN C 128 -31.44 38.36 3.16
C GLN C 128 -30.22 38.65 4.02
N GLY C 129 -30.26 39.80 4.68
CA GLY C 129 -29.05 40.27 5.29
C GLY C 129 -28.99 39.94 6.77
N PRO C 130 -28.07 40.60 7.48
CA PRO C 130 -28.02 40.43 8.94
C PRO C 130 -29.25 41.03 9.62
N ARG C 131 -29.66 40.38 10.71
CA ARG C 131 -30.78 40.82 11.55
C ARG C 131 -30.74 40.02 12.83
N THR C 132 -31.44 40.51 13.86
CA THR C 132 -31.56 39.77 15.11
C THR C 132 -32.59 38.67 14.90
N GLN C 133 -32.24 37.43 15.22
CA GLN C 133 -33.12 36.32 14.88
C GLN C 133 -32.83 35.17 15.83
N PRO C 134 -33.75 34.20 15.92
CA PRO C 134 -33.49 33.01 16.74
C PRO C 134 -32.25 32.29 16.25
N VAL C 135 -31.33 32.07 17.18
CA VAL C 135 -30.02 31.50 16.91
C VAL C 135 -29.80 30.36 17.89
N THR C 136 -29.33 29.20 17.38
CA THR C 136 -29.28 27.96 18.15
C THR C 136 -27.84 27.64 18.54
N ALA C 137 -27.61 27.49 19.84
CA ALA C 137 -26.30 27.14 20.38
C ALA C 137 -26.37 25.84 21.17
N SER C 138 -25.27 25.07 21.11
CA SER C 138 -25.18 23.78 21.76
C SER C 138 -24.02 23.77 22.75
N SER C 139 -24.26 23.25 23.95
CA SER C 139 -23.21 23.29 24.96
C SER C 139 -21.97 22.51 24.52
N ASP C 140 -22.10 21.56 23.60
CA ASP C 140 -20.93 20.78 23.18
C ASP C 140 -20.28 21.30 21.91
N GLY C 141 -20.86 22.30 21.24
CA GLY C 141 -20.28 22.79 20.01
C GLY C 141 -20.84 22.18 18.74
N TRP C 142 -21.80 21.27 18.85
CA TRP C 142 -22.26 20.51 17.70
C TRP C 142 -23.76 20.50 17.67
N PHE C 143 -24.31 20.50 16.47
CA PHE C 143 -25.74 20.42 16.25
C PHE C 143 -26.02 19.32 15.23
N ASN C 144 -26.95 18.41 15.55
CA ASN C 144 -27.26 17.27 14.67
C ASN C 144 -28.48 17.63 13.82
N ASN C 145 -28.22 18.03 12.58
CA ASN C 145 -29.32 18.46 11.72
C ASN C 145 -30.31 17.33 11.41
N CYS C 146 -29.91 16.06 11.55
CA CYS C 146 -30.86 14.97 11.34
C CYS C 146 -31.94 14.93 12.42
N ALA C 147 -31.65 15.51 13.58
CA ALA C 147 -32.65 15.66 14.65
C ALA C 147 -33.84 16.50 14.22
N LEU C 148 -33.71 17.25 13.11
CA LEU C 148 -34.86 17.99 12.61
C LEU C 148 -35.79 17.10 11.80
N LEU C 149 -35.39 15.86 11.55
CA LEU C 149 -36.10 14.93 10.69
C LEU C 149 -36.68 13.79 11.51
N GLU C 150 -37.73 13.17 10.99
CA GLU C 150 -38.21 11.89 11.51
C GLU C 150 -37.45 10.78 10.78
N VAL C 151 -36.74 9.94 11.53
CA VAL C 151 -35.90 8.90 10.92
C VAL C 151 -36.35 7.53 11.39
N GLU C 152 -36.60 6.65 10.40
CA GLU C 152 -37.48 5.50 10.62
C GLU C 152 -36.99 4.54 11.67
N PRO C 153 -35.74 4.02 11.61
CA PRO C 153 -35.33 3.00 12.59
C PRO C 153 -34.93 3.63 13.91
N THR C 154 -34.10 4.66 13.86
CA THR C 154 -33.50 5.19 15.08
C THR C 154 -32.77 6.50 14.75
N GLU C 155 -32.19 7.10 15.78
CA GLU C 155 -31.54 8.38 15.64
C GLU C 155 -30.22 8.24 14.86
N VAL C 156 -29.93 9.19 13.96
CA VAL C 156 -28.70 9.17 13.19
C VAL C 156 -28.07 10.56 13.15
N PHE C 157 -26.76 10.58 12.92
CA PHE C 157 -26.04 11.81 12.65
C PHE C 157 -25.80 11.96 11.15
N PRO C 158 -25.55 13.18 10.66
CA PRO C 158 -25.25 13.35 9.24
C PRO C 158 -23.83 12.90 8.92
N ARG C 159 -23.61 12.63 7.63
CA ARG C 159 -22.25 12.39 7.14
C ARG C 159 -21.35 13.56 7.50
N GLY C 160 -20.16 13.25 8.06
CA GLY C 160 -19.20 14.25 8.44
C GLY C 160 -19.31 14.73 9.86
N PHE C 161 -20.35 14.33 10.59
CA PHE C 161 -20.43 14.66 12.01
C PHE C 161 -19.28 13.96 12.74
N PRO C 162 -18.54 14.66 13.61
CA PRO C 162 -17.43 14.01 14.29
C PRO C 162 -17.90 12.77 15.05
N PHE C 163 -17.00 11.81 15.23
CA PHE C 163 -17.38 10.60 15.94
C PHE C 163 -17.17 10.68 17.45
N HIS C 164 -16.11 11.36 17.89
CA HIS C 164 -15.90 11.47 19.34
C HIS C 164 -17.05 12.22 20.03
N ALA C 165 -17.71 13.16 19.37
CA ALA C 165 -18.77 13.92 20.02
C ALA C 165 -20.11 13.19 20.05
N ARG C 166 -20.24 12.06 19.35
CA ARG C 166 -21.56 11.46 19.18
C ARG C 166 -22.09 10.83 20.47
N PRO C 167 -21.33 10.02 21.20
CA PRO C 167 -21.90 9.38 22.41
C PRO C 167 -22.49 10.37 23.41
N ALA C 168 -21.80 11.48 23.65
CA ALA C 168 -22.23 12.42 24.66
C ALA C 168 -23.18 13.49 24.12
N HIS C 169 -23.52 13.43 22.83
CA HIS C 169 -24.22 14.56 22.24
C HIS C 169 -25.65 14.68 22.75
N ALA C 170 -26.31 13.56 23.03
CA ALA C 170 -27.66 13.62 23.57
C ALA C 170 -27.69 14.33 24.91
N GLN C 171 -26.57 14.39 25.62
CA GLN C 171 -26.48 15.07 26.90
C GLN C 171 -26.18 16.55 26.77
N ALA C 172 -25.98 17.05 25.57
CA ALA C 172 -25.70 18.46 25.41
C ALA C 172 -26.98 19.26 25.52
N ARG C 173 -26.85 20.47 26.07
CA ARG C 173 -27.97 21.39 26.20
C ARG C 173 -27.99 22.36 25.03
N THR C 174 -29.17 22.57 24.46
CA THR C 174 -29.37 23.48 23.35
C THR C 174 -30.28 24.65 23.74
N SER C 175 -29.88 25.85 23.36
CA SER C 175 -30.63 27.06 23.63
C SER C 175 -30.92 27.81 22.35
N VAL C 176 -31.99 28.61 22.37
CA VAL C 176 -32.39 29.43 21.23
C VAL C 176 -32.54 30.86 21.74
N CYS C 177 -31.66 31.75 21.27
CA CYS C 177 -31.58 33.12 21.74
C CYS C 177 -31.63 34.07 20.56
N GLU C 178 -32.35 35.19 20.73
CA GLU C 178 -32.29 36.27 19.75
C GLU C 178 -30.89 36.87 19.74
N ARG C 179 -30.24 36.86 18.58
CA ARG C 179 -28.91 37.41 18.37
C ARG C 179 -28.81 37.88 16.94
N PRO C 180 -28.03 38.92 16.66
CA PRO C 180 -27.74 39.26 15.26
C PRO C 180 -27.06 38.08 14.59
N ALA C 181 -27.48 37.81 13.36
CA ALA C 181 -26.86 36.77 12.54
C ALA C 181 -27.09 37.11 11.09
N ASP C 182 -26.21 36.60 10.24
CA ASP C 182 -26.23 36.88 8.81
C ASP C 182 -26.05 35.54 8.10
N VAL C 183 -27.14 35.03 7.54
CA VAL C 183 -27.16 33.71 6.93
C VAL C 183 -26.56 33.79 5.54
N ARG C 184 -25.44 33.12 5.35
CA ARG C 184 -24.81 33.05 4.04
C ARG C 184 -24.77 31.65 3.45
N ILE C 185 -25.12 30.62 4.22
CA ILE C 185 -25.14 29.26 3.71
C ILE C 185 -26.41 28.58 4.23
N ASN C 186 -27.17 27.98 3.31
CA ASN C 186 -28.41 27.32 3.67
C ASN C 186 -28.36 25.86 3.23
N ALA C 187 -28.27 24.95 4.21
CA ALA C 187 -28.23 23.51 3.98
C ALA C 187 -29.65 22.97 4.13
N GLY C 188 -30.32 22.78 3.01
CA GLY C 188 -31.65 22.19 3.05
C GLY C 188 -31.58 20.71 3.31
N LEU C 189 -32.63 20.18 3.93
CA LEU C 189 -32.59 18.80 4.37
C LEU C 189 -33.10 17.86 3.28
N TRP C 190 -33.15 16.57 3.60
CA TRP C 190 -33.41 15.51 2.61
C TRP C 190 -34.30 14.46 3.21
N LEU C 191 -35.34 14.10 2.49
CA LEU C 191 -36.20 12.99 2.83
C LEU C 191 -35.81 11.76 2.02
N GLY C 192 -36.29 10.60 2.48
CA GLY C 192 -35.89 9.34 1.89
C GLY C 192 -34.59 8.82 2.48
N ASP C 193 -33.51 8.84 1.67
CA ASP C 193 -32.19 8.43 2.11
C ASP C 193 -31.40 9.64 2.60
N PRO C 194 -31.35 9.86 3.92
CA PRO C 194 -30.69 11.06 4.44
C PRO C 194 -29.19 11.01 4.19
N ASP C 195 -28.53 12.16 4.32
CA ASP C 195 -27.08 12.22 4.09
C ASP C 195 -26.34 11.64 5.29
N VAL C 196 -26.31 10.31 5.36
CA VAL C 196 -25.60 9.64 6.42
C VAL C 196 -24.27 9.13 5.88
N ASP C 197 -23.36 8.81 6.78
CA ASP C 197 -22.13 8.18 6.33
C ASP C 197 -22.37 6.69 6.05
N ALA C 198 -21.33 6.04 5.52
CA ALA C 198 -21.43 4.63 5.14
C ALA C 198 -21.60 3.75 6.36
N ILE C 199 -20.87 4.06 7.43
CA ILE C 199 -21.05 3.39 8.71
C ILE C 199 -22.52 3.34 9.09
N THR C 200 -23.16 4.51 9.19
CA THR C 200 -24.55 4.56 9.60
C THR C 200 -25.44 3.88 8.58
N ARG C 201 -25.25 4.21 7.30
CA ARG C 201 -26.14 3.63 6.30
C ARG C 201 -26.07 2.12 6.34
N LEU C 202 -24.87 1.56 6.49
CA LEU C 202 -24.75 0.10 6.58
C LEU C 202 -25.44 -0.43 7.83
N ALA C 203 -25.30 0.26 8.96
CA ALA C 203 -25.77 -0.29 10.23
C ALA C 203 -27.30 -0.29 10.32
N VAL C 204 -27.94 0.85 10.00
CA VAL C 204 -29.37 1.00 10.26
C VAL C 204 -30.16 1.40 9.02
N ARG C 205 -29.51 1.62 7.87
CA ARG C 205 -30.21 2.07 6.66
C ARG C 205 -31.37 3.03 6.96
N PRO C 206 -31.06 4.25 7.42
CA PRO C 206 -32.13 5.14 7.89
C PRO C 206 -33.05 5.55 6.76
N ASN C 207 -34.32 5.69 7.10
CA ASN C 207 -35.32 6.28 6.20
C ASN C 207 -35.85 7.55 6.84
N ALA C 208 -35.59 8.69 6.20
CA ALA C 208 -36.06 10.00 6.70
C ALA C 208 -37.45 10.24 6.15
N LEU C 209 -38.45 10.11 7.01
CA LEU C 209 -39.84 10.15 6.58
C LEU C 209 -40.41 11.56 6.51
N ALA C 210 -39.93 12.48 7.35
CA ALA C 210 -40.56 13.79 7.39
C ALA C 210 -39.58 14.83 7.92
N HIS C 211 -39.85 16.09 7.58
CA HIS C 211 -39.12 17.25 8.11
C HIS C 211 -40.00 17.89 9.19
N SER C 212 -39.67 17.60 10.45
CA SER C 212 -40.55 17.91 11.58
C SER C 212 -40.07 19.03 12.48
N GLY C 213 -38.80 19.38 12.45
CA GLY C 213 -38.27 20.35 13.39
C GLY C 213 -38.12 21.77 12.89
N GLY C 214 -38.64 22.10 11.72
CA GLY C 214 -38.42 23.45 11.21
C GLY C 214 -36.97 23.68 10.81
N SER C 215 -36.53 24.94 10.92
CA SER C 215 -35.19 25.35 10.57
C SER C 215 -34.51 26.03 11.75
N VAL C 216 -33.18 26.04 11.73
CA VAL C 216 -32.37 26.66 12.78
C VAL C 216 -31.26 27.45 12.11
N VAL C 217 -30.67 28.36 12.89
CA VAL C 217 -29.52 29.14 12.48
C VAL C 217 -28.50 29.05 13.60
N LEU C 218 -27.29 28.58 13.26
CA LEU C 218 -26.33 28.15 14.27
C LEU C 218 -25.58 29.34 14.84
N ALA C 219 -25.56 29.43 16.17
CA ALA C 219 -24.78 30.43 16.87
C ALA C 219 -23.29 30.16 16.68
N GLU C 220 -22.51 31.23 16.72
CA GLU C 220 -21.06 31.12 16.68
C GLU C 220 -20.58 30.04 17.63
N GLY C 221 -19.66 29.19 17.16
CA GLY C 221 -19.11 28.12 17.97
C GLY C 221 -19.94 26.85 17.99
N THR C 222 -21.05 26.81 17.27
CA THR C 222 -21.84 25.59 17.11
C THR C 222 -21.78 25.21 15.64
N TRP C 223 -21.29 24.00 15.36
CA TRP C 223 -21.03 23.54 14.00
C TRP C 223 -21.90 22.35 13.66
N CYS C 224 -22.09 22.15 12.36
CA CYS C 224 -22.71 20.92 11.88
C CYS C 224 -22.26 20.74 10.43
N PRO C 225 -21.87 19.54 9.99
CA PRO C 225 -21.40 19.38 8.61
C PRO C 225 -22.42 19.90 7.60
N VAL C 226 -21.89 20.44 6.51
CA VAL C 226 -22.70 20.96 5.39
C VAL C 226 -22.27 20.21 4.13
N ASN C 227 -23.22 19.58 3.44
CA ASN C 227 -22.88 18.87 2.21
C ASN C 227 -23.10 19.75 0.98
N SER C 228 -22.83 19.19 -0.20
CA SER C 228 -23.02 19.91 -1.46
C SER C 228 -24.17 19.36 -2.29
N GLN C 229 -25.14 18.70 -1.63
CA GLN C 229 -26.25 18.06 -2.33
C GLN C 229 -27.48 18.95 -2.45
N ASN C 230 -27.65 19.87 -1.51
CA ASN C 230 -28.85 20.69 -1.45
C ASN C 230 -28.54 21.95 -0.65
N THR C 231 -27.59 22.74 -1.14
CA THR C 231 -26.97 23.76 -0.31
C THR C 231 -26.76 25.04 -1.13
N ALA C 232 -27.42 26.11 -0.68
CA ALA C 232 -27.28 27.41 -1.30
C ALA C 232 -26.16 28.18 -0.59
N VAL C 233 -25.28 28.79 -1.37
CA VAL C 233 -24.21 29.63 -0.86
C VAL C 233 -24.37 31.02 -1.46
N HIS C 234 -24.36 32.04 -0.59
CA HIS C 234 -24.27 33.41 -1.08
C HIS C 234 -22.95 33.65 -1.82
N ARG C 235 -23.03 34.39 -2.91
CA ARG C 235 -21.89 34.92 -3.67
C ARG C 235 -20.61 35.13 -2.88
N ASP C 236 -20.67 35.94 -1.82
CA ASP C 236 -19.43 36.26 -1.10
C ASP C 236 -18.79 35.04 -0.46
N ALA C 237 -19.55 33.99 -0.18
CA ALA C 237 -18.99 32.83 0.50
C ALA C 237 -18.44 31.80 -0.46
N LEU C 238 -18.84 31.86 -1.72
CA LEU C 238 -18.37 30.89 -2.70
C LEU C 238 -16.86 30.71 -2.72
N PRO C 239 -16.04 31.75 -2.58
CA PRO C 239 -14.58 31.49 -2.57
C PRO C 239 -14.16 30.45 -1.54
N ALA C 240 -14.90 30.31 -0.43
CA ALA C 240 -14.53 29.36 0.62
C ALA C 240 -15.19 28.00 0.45
N TYR C 241 -15.94 27.80 -0.64
CA TYR C 241 -16.75 26.61 -0.85
C TYR C 241 -16.10 25.63 -1.85
N TYR C 242 -14.84 25.86 -2.21
CA TYR C 242 -14.16 24.94 -3.12
C TYR C 242 -14.28 23.50 -2.64
N PHE C 243 -14.81 22.65 -3.50
CA PHE C 243 -15.00 21.23 -3.23
C PHE C 243 -13.65 20.50 -3.27
N LEU C 244 -13.27 19.91 -2.14
CA LEU C 244 -11.88 19.47 -1.99
C LEU C 244 -11.58 18.24 -2.83
N ARG C 245 -10.37 18.18 -3.36
CA ARG C 245 -9.94 17.05 -4.20
C ARG C 245 -9.71 15.81 -3.37
N MET C 246 -10.33 14.71 -3.78
CA MET C 246 -10.18 13.45 -3.08
C MET C 246 -9.07 12.63 -3.76
N GLY C 247 -8.78 11.46 -3.21
CA GLY C 247 -7.81 10.57 -3.84
C GLY C 247 -6.49 10.47 -3.12
N GLN C 248 -6.25 11.30 -2.11
CA GLN C 248 -5.02 11.23 -1.34
C GLN C 248 -5.08 10.05 -0.38
N PRO C 249 -4.03 9.24 -0.28
CA PRO C 249 -4.08 8.09 0.63
C PRO C 249 -3.77 8.49 2.06
N VAL C 250 -4.50 7.88 2.98
CA VAL C 250 -4.24 7.91 4.41
C VAL C 250 -3.69 6.54 4.75
N ASP C 251 -2.41 6.45 5.09
CA ASP C 251 -1.83 5.16 5.41
C ASP C 251 -2.07 4.17 4.27
N GLY C 252 -1.76 4.60 3.05
CA GLY C 252 -1.92 3.75 1.89
C GLY C 252 -3.29 3.72 1.27
N VAL C 253 -4.34 4.12 1.98
CA VAL C 253 -5.72 3.95 1.52
C VAL C 253 -6.25 5.28 0.98
N PRO C 254 -6.66 5.35 -0.28
CA PRO C 254 -7.14 6.62 -0.83
C PRO C 254 -8.47 7.04 -0.21
N MET C 255 -8.56 8.30 0.20
CA MET C 255 -9.83 8.84 0.66
C MET C 255 -10.69 9.24 -0.53
N GLU C 256 -12.01 9.15 -0.36
CA GLU C 256 -12.95 9.59 -1.39
C GLU C 256 -14.26 9.96 -0.69
N ARG C 257 -15.16 10.57 -1.45
CA ARG C 257 -16.53 10.86 -1.03
C ARG C 257 -16.63 11.94 0.05
N PHE C 258 -15.55 12.65 0.36
CA PHE C 258 -15.59 13.63 1.44
C PHE C 258 -15.17 15.01 0.98
N GLY C 259 -15.19 15.27 -0.33
CA GLY C 259 -14.81 16.58 -0.83
C GLY C 259 -15.65 17.69 -0.25
N ASP C 260 -16.95 17.43 -0.02
CA ASP C 260 -17.88 18.43 0.48
C ASP C 260 -18.03 18.39 2.00
N ILE C 261 -17.62 17.32 2.66
CA ILE C 261 -17.47 17.37 4.11
C ILE C 261 -16.45 18.45 4.48
N PHE C 262 -15.29 18.46 3.80
CA PHE C 262 -14.28 19.49 4.05
C PHE C 262 -14.79 20.86 3.62
N SER C 263 -15.29 20.97 2.38
CA SER C 263 -15.79 22.26 1.92
C SER C 263 -16.86 22.79 2.87
N GLY C 264 -17.81 21.92 3.26
CA GLY C 264 -18.86 22.34 4.19
C GLY C 264 -18.33 22.81 5.53
N TYR C 265 -17.22 22.25 6.01
CA TYR C 265 -16.62 22.75 7.24
C TYR C 265 -15.75 23.98 6.97
N PHE C 266 -15.05 23.98 5.85
CA PHE C 266 -14.18 25.11 5.56
C PHE C 266 -14.98 26.36 5.31
N VAL C 267 -16.09 26.24 4.57
CA VAL C 267 -16.91 27.43 4.34
C VAL C 267 -17.54 27.88 5.65
N GLN C 268 -17.94 26.93 6.48
CA GLN C 268 -18.59 27.24 7.75
C GLN C 268 -17.63 27.95 8.69
N VAL C 269 -16.37 27.50 8.72
CA VAL C 269 -15.41 28.09 9.63
C VAL C 269 -15.03 29.50 9.18
N CYS C 270 -15.00 29.73 7.86
CA CYS C 270 -14.72 31.06 7.36
C CYS C 270 -15.89 31.98 7.65
N ALA C 271 -17.11 31.50 7.43
CA ALA C 271 -18.31 32.29 7.69
C ALA C 271 -18.33 32.82 9.12
N GLN C 272 -18.03 31.95 10.08
CA GLN C 272 -18.11 32.40 11.47
C GLN C 272 -16.98 33.37 11.78
N HIS C 273 -15.79 33.14 11.23
CA HIS C 273 -14.73 34.12 11.39
C HIS C 273 -15.20 35.50 10.94
N LEU C 274 -15.95 35.55 9.84
CA LEU C 274 -16.47 36.79 9.28
C LEU C 274 -17.79 37.23 9.92
N GLY C 275 -18.22 36.56 10.98
CA GLY C 275 -19.50 36.88 11.61
C GLY C 275 -20.72 36.49 10.80
N HIS C 276 -20.62 35.46 9.97
CA HIS C 276 -21.75 34.96 9.19
C HIS C 276 -22.18 33.60 9.73
N ALA C 277 -23.30 33.10 9.21
CA ALA C 277 -23.94 31.96 9.85
C ALA C 277 -24.37 30.91 8.84
N VAL C 278 -24.60 29.69 9.33
CA VAL C 278 -25.10 28.58 8.54
C VAL C 278 -26.52 28.26 8.98
N ARG C 279 -27.40 28.00 8.01
CA ARG C 279 -28.78 27.59 8.27
C ARG C 279 -28.99 26.14 7.86
N PHE C 280 -29.87 25.45 8.59
CA PHE C 280 -30.31 24.10 8.27
C PHE C 280 -31.83 24.07 8.33
N GLY C 281 -32.45 23.44 7.33
CA GLY C 281 -33.89 23.33 7.31
C GLY C 281 -34.46 23.24 5.91
N ASP C 282 -35.44 24.08 5.59
CA ASP C 282 -36.02 24.07 4.26
C ASP C 282 -35.09 24.77 3.27
N PRO C 283 -35.29 24.56 1.96
CA PRO C 283 -36.25 23.56 1.46
C PRO C 283 -35.66 22.14 1.39
N VAL C 284 -36.54 21.15 1.27
CA VAL C 284 -36.22 19.74 1.40
C VAL C 284 -36.29 19.08 0.02
N VAL C 285 -35.33 18.20 -0.25
CA VAL C 285 -35.36 17.39 -1.45
C VAL C 285 -35.68 15.95 -1.05
N GLU C 286 -36.06 15.15 -2.04
CA GLU C 286 -36.15 13.71 -1.89
C GLU C 286 -34.84 13.11 -2.39
N HIS C 287 -34.17 12.35 -1.54
CA HIS C 287 -32.99 11.62 -1.95
C HIS C 287 -33.40 10.15 -2.11
N PRO C 288 -33.65 9.66 -3.33
CA PRO C 288 -34.08 8.28 -3.49
C PRO C 288 -32.99 7.32 -3.03
N ARG C 289 -33.38 6.28 -2.30
CA ARG C 289 -32.43 5.26 -1.92
C ARG C 289 -31.66 4.84 -3.16
N ASN C 290 -30.33 4.93 -3.11
CA ASN C 290 -29.57 4.47 -4.24
C ASN C 290 -29.08 3.04 -4.04
N GLU C 291 -28.57 2.70 -2.85
CA GLU C 291 -28.30 1.33 -2.51
C GLU C 291 -27.05 0.72 -3.18
N HIS C 292 -26.13 1.51 -3.68
CA HIS C 292 -25.18 0.84 -4.49
C HIS C 292 -23.96 0.54 -3.65
N ASP C 293 -22.82 0.06 -4.23
CA ASP C 293 -21.88 -0.74 -3.40
C ASP C 293 -21.51 -0.12 -2.04
N LEU C 294 -22.29 -0.48 -1.00
CA LEU C 294 -22.12 0.20 0.28
C LEU C 294 -20.81 -0.16 0.94
N LEU C 295 -20.37 -1.42 0.81
CA LEU C 295 -19.06 -1.76 1.36
C LEU C 295 -17.95 -0.98 0.66
N ASP C 296 -18.16 -0.62 -0.61
CA ASP C 296 -17.16 0.20 -1.27
C ASP C 296 -17.19 1.65 -0.77
N ASP C 297 -18.39 2.24 -0.65
CA ASP C 297 -18.50 3.54 0.02
C ASP C 297 -17.73 3.54 1.32
N LEU C 298 -17.88 2.47 2.11
CA LEU C 298 -17.24 2.43 3.42
C LEU C 298 -15.73 2.36 3.28
N HIS C 299 -15.24 1.56 2.35
CA HIS C 299 -13.81 1.50 2.11
C HIS C 299 -13.28 2.86 1.67
N LYS C 300 -14.09 3.61 0.94
CA LYS C 300 -13.64 4.91 0.43
C LYS C 300 -13.64 5.98 1.53
N GLU C 301 -14.65 5.97 2.41
CA GLU C 301 -14.82 7.03 3.41
C GLU C 301 -13.91 6.85 4.62
N VAL C 302 -13.58 5.62 5.01
CA VAL C 302 -12.92 5.41 6.29
C VAL C 302 -11.64 6.26 6.38
N PRO C 303 -10.81 6.36 5.33
CA PRO C 303 -9.57 7.17 5.48
C PRO C 303 -9.84 8.63 5.87
N ALA C 304 -10.86 9.26 5.29
CA ALA C 304 -11.20 10.62 5.71
C ALA C 304 -11.71 10.62 7.14
N VAL C 305 -12.58 9.67 7.47
CA VAL C 305 -13.16 9.59 8.81
C VAL C 305 -12.07 9.47 9.87
N ARG C 306 -10.95 8.82 9.55
CA ARG C 306 -9.86 8.61 10.52
C ARG C 306 -9.14 9.92 10.87
N LEU C 307 -9.22 10.92 10.01
CA LEU C 307 -8.57 12.20 10.26
C LEU C 307 -9.52 13.30 10.73
N LEU C 308 -10.82 13.22 10.42
CA LEU C 308 -11.69 14.40 10.50
C LEU C 308 -11.83 14.93 11.93
N ASP C 309 -11.98 14.04 12.92
CA ASP C 309 -12.11 14.53 14.30
C ASP C 309 -10.91 15.37 14.72
N ASP C 310 -9.69 14.93 14.40
CA ASP C 310 -8.51 15.71 14.77
C ASP C 310 -8.47 17.06 14.05
N ILE C 311 -8.76 17.08 12.75
CA ILE C 311 -8.74 18.33 12.01
C ILE C 311 -9.73 19.32 12.62
N LEU C 312 -10.96 18.88 12.88
CA LEU C 312 -11.95 19.78 13.45
C LEU C 312 -11.47 20.31 14.79
N ASP C 313 -10.97 19.43 15.66
CA ASP C 313 -10.50 19.89 16.97
C ASP C 313 -9.42 20.96 16.81
N HIS C 314 -8.52 20.79 15.83
CA HIS C 314 -7.46 21.76 15.65
C HIS C 314 -7.97 23.05 15.05
N LEU C 315 -9.03 22.97 14.26
CA LEU C 315 -9.59 24.19 13.70
C LEU C 315 -10.17 25.10 14.78
N ARG C 316 -10.75 24.51 15.84
CA ARG C 316 -11.33 25.31 16.92
C ARG C 316 -10.28 26.18 17.61
N ASP C 317 -9.06 25.66 17.76
CA ASP C 317 -7.99 26.40 18.43
C ASP C 317 -7.14 27.22 17.47
N HIS C 318 -7.60 27.41 16.24
CA HIS C 318 -6.74 28.13 15.32
C HIS C 318 -7.38 29.44 14.88
N PRO C 319 -6.90 30.57 15.37
CA PRO C 319 -7.47 31.86 14.95
C PRO C 319 -7.09 32.15 13.50
N LEU C 320 -8.02 32.72 12.76
CA LEU C 320 -7.83 33.06 11.36
C LEU C 320 -7.69 34.57 11.19
N GLU C 321 -7.33 34.96 9.96
CA GLU C 321 -7.28 36.36 9.55
C GLU C 321 -7.91 36.53 8.17
N GLY C 322 -8.50 37.68 7.94
CA GLY C 322 -9.00 38.04 6.63
C GLY C 322 -10.30 38.81 6.76
N GLY C 323 -10.58 39.65 5.75
CA GLY C 323 -11.71 40.54 5.81
C GLY C 323 -12.78 40.16 4.80
N ASP C 324 -12.48 39.14 4.00
CA ASP C 324 -13.45 38.54 3.11
C ASP C 324 -13.12 37.05 3.00
N TYR C 325 -13.94 36.33 2.22
CA TYR C 325 -13.81 34.88 2.20
C TYR C 325 -12.54 34.44 1.47
N LEU C 326 -12.16 35.10 0.38
CA LEU C 326 -10.88 34.79 -0.26
C LEU C 326 -9.74 34.86 0.74
N GLU C 327 -9.61 36.00 1.43
CA GLU C 327 -8.50 36.19 2.37
C GLU C 327 -8.58 35.18 3.50
N THR C 328 -9.80 34.94 4.00
CA THR C 328 -9.97 34.03 5.12
C THR C 328 -9.70 32.58 4.72
N TYR C 329 -10.09 32.22 3.49
CA TYR C 329 -9.81 30.88 2.97
C TYR C 329 -8.31 30.64 2.82
N GLU C 330 -7.60 31.62 2.27
CA GLU C 330 -6.16 31.49 2.15
C GLU C 330 -5.51 31.40 3.53
N SER C 331 -6.04 32.17 4.48
CA SER C 331 -5.57 32.05 5.86
C SER C 331 -5.81 30.64 6.39
N LEU C 332 -6.97 30.05 6.08
CA LEU C 332 -7.26 28.70 6.56
C LEU C 332 -6.29 27.68 5.94
N SER C 333 -5.99 27.82 4.65
CA SER C 333 -5.08 26.90 4.00
C SER C 333 -3.74 26.87 4.73
N TYR C 334 -3.24 28.03 5.16
CA TYR C 334 -1.99 28.04 5.93
C TYR C 334 -2.16 27.39 7.31
N ALA C 335 -3.33 27.58 7.95
CA ALA C 335 -3.53 26.93 9.24
C ALA C 335 -3.52 25.42 9.11
N LEU C 336 -4.06 24.89 8.00
CA LEU C 336 -4.02 23.44 7.80
C LEU C 336 -2.58 22.92 7.74
N GLN C 337 -1.71 23.66 7.07
CA GLN C 337 -0.32 23.24 6.98
C GLN C 337 0.34 23.20 8.35
N GLU C 338 0.01 24.16 9.21
CA GLU C 338 0.53 24.10 10.57
C GLU C 338 -0.05 22.91 11.32
N ILE C 339 -1.35 22.71 11.17
CA ILE C 339 -2.03 21.58 11.80
C ILE C 339 -1.44 20.25 11.31
N ALA C 340 -1.14 20.15 10.01
CA ALA C 340 -0.57 18.92 9.46
C ALA C 340 0.68 18.47 10.20
N GLU C 341 1.39 19.40 10.85
CA GLU C 341 2.63 19.05 11.54
C GLU C 341 2.46 19.01 13.05
N ARG C 342 1.31 19.44 13.57
CA ARG C 342 1.05 19.43 15.00
C ARG C 342 0.21 18.25 15.44
N VAL C 343 -0.72 17.82 14.59
CA VAL C 343 -1.66 16.78 15.00
C VAL C 343 -0.89 15.52 15.33
N ASN C 344 -1.43 14.72 16.26
CA ASN C 344 -0.84 13.42 16.55
C ASN C 344 -1.91 12.34 16.59
N GLY C 345 -1.50 11.13 16.32
CA GLY C 345 -2.43 10.01 16.29
C GLY C 345 -1.98 8.94 15.32
N ARG C 346 -2.61 7.78 15.44
CA ARG C 346 -2.17 6.63 14.66
C ARG C 346 -2.40 6.85 13.17
N ALA C 347 -3.52 7.47 12.79
CA ALA C 347 -3.79 7.63 11.37
C ALA C 347 -2.87 8.64 10.72
N TRP C 348 -2.00 9.27 11.48
CA TRP C 348 -1.27 10.42 10.94
C TRP C 348 0.09 10.03 10.38
N SER C 349 0.06 9.07 9.46
CA SER C 349 1.25 8.69 8.71
C SER C 349 1.69 9.84 7.81
N PRO C 350 2.92 9.76 7.27
CA PRO C 350 3.40 10.87 6.41
C PRO C 350 2.46 11.20 5.27
N ASP C 351 1.86 10.20 4.62
CA ASP C 351 0.97 10.54 3.52
C ASP C 351 -0.26 11.30 4.03
N ALA C 352 -0.74 10.96 5.24
CA ALA C 352 -1.90 11.66 5.77
C ALA C 352 -1.57 13.12 6.07
N ARG C 353 -0.39 13.38 6.63
CA ARG C 353 0.02 14.76 6.87
C ARG C 353 0.19 15.50 5.55
N ALA C 354 0.86 14.88 4.60
CA ALA C 354 1.04 15.53 3.30
C ALA C 354 -0.30 15.79 2.62
N PHE C 355 -1.33 14.99 2.93
CA PHE C 355 -2.65 15.25 2.39
C PHE C 355 -3.11 16.69 2.65
N LEU C 356 -2.90 17.19 3.87
CA LEU C 356 -3.28 18.57 4.17
C LEU C 356 -2.45 19.58 3.37
N HIS C 357 -1.14 19.34 3.22
CA HIS C 357 -0.30 20.30 2.52
C HIS C 357 -0.67 20.43 1.05
N ARG C 358 -0.97 19.31 0.37
CA ARG C 358 -1.38 19.39 -1.02
C ARG C 358 -2.75 20.05 -1.17
N SER C 359 -3.65 19.85 -0.20
CA SER C 359 -4.97 20.45 -0.24
C SER C 359 -4.89 21.95 -0.09
N ALA C 360 -4.14 22.42 0.91
CA ALA C 360 -3.93 23.83 1.09
C ALA C 360 -3.43 24.48 -0.21
N HIS C 361 -2.47 23.84 -0.90
CA HIS C 361 -1.96 24.41 -2.15
C HIS C 361 -3.07 24.48 -3.20
N LEU C 362 -3.89 23.44 -3.28
CA LEU C 362 -5.00 23.46 -4.21
C LEU C 362 -6.03 24.53 -3.81
N MET C 363 -6.27 24.67 -2.50
CA MET C 363 -7.14 25.77 -2.05
C MET C 363 -6.61 27.12 -2.54
N ARG C 364 -5.29 27.37 -2.40
CA ARG C 364 -4.74 28.66 -2.84
C ARG C 364 -4.70 28.78 -4.38
N SER C 365 -4.55 27.66 -5.08
CA SER C 365 -4.73 27.65 -6.54
C SER C 365 -6.14 28.06 -6.92
N TRP C 366 -7.13 27.64 -6.14
CA TRP C 366 -8.53 27.96 -6.43
C TRP C 366 -8.80 29.44 -6.20
N THR C 367 -8.37 29.98 -5.05
CA THR C 367 -8.55 31.41 -4.82
C THR C 367 -7.76 32.23 -5.83
N GLY C 368 -6.57 31.76 -6.21
CA GLY C 368 -5.81 32.44 -7.23
C GLY C 368 -6.60 32.60 -8.53
N ALA C 369 -7.25 31.52 -8.97
CA ALA C 369 -8.09 31.63 -10.16
C ALA C 369 -9.25 32.60 -9.95
N LEU C 370 -9.82 32.64 -8.75
CA LEU C 370 -10.87 33.63 -8.50
C LEU C 370 -10.29 35.04 -8.53
N ARG C 371 -9.08 35.23 -7.99
CA ARG C 371 -8.45 36.54 -8.06
C ARG C 371 -8.19 36.95 -9.50
N THR C 372 -7.69 36.03 -10.32
CA THR C 372 -7.52 36.35 -11.72
C THR C 372 -8.83 36.80 -12.37
N VAL C 373 -9.97 36.23 -11.97
CA VAL C 373 -11.21 36.66 -12.58
C VAL C 373 -11.58 38.07 -12.15
N ALA C 374 -11.10 38.52 -10.98
CA ALA C 374 -11.48 39.80 -10.41
C ALA C 374 -10.41 40.88 -10.52
N GLY C 375 -9.22 40.56 -11.04
CA GLY C 375 -8.16 41.55 -11.13
C GLY C 375 -7.61 42.02 -9.81
N THR C 376 -7.63 41.18 -8.78
CA THR C 376 -7.20 41.59 -7.45
C THR C 376 -5.87 40.95 -7.05
N ASP D 5 -19.02 -37.18 34.99
CA ASP D 5 -19.24 -37.73 33.67
C ASP D 5 -18.58 -36.87 32.59
N ILE D 6 -19.10 -35.66 32.40
CA ILE D 6 -18.69 -34.81 31.29
C ILE D 6 -17.52 -33.95 31.71
N SER D 7 -16.38 -34.11 31.03
CA SER D 7 -15.24 -33.24 31.25
C SER D 7 -15.38 -31.96 30.43
N THR D 8 -15.04 -30.84 31.05
CA THR D 8 -15.16 -29.53 30.41
C THR D 8 -13.90 -28.75 30.66
N ALA D 9 -13.36 -28.14 29.60
CA ALA D 9 -12.22 -27.23 29.69
C ALA D 9 -12.61 -25.90 29.05
N VAL D 10 -12.40 -24.82 29.80
CA VAL D 10 -12.52 -23.48 29.25
C VAL D 10 -11.15 -23.01 28.76
N VAL D 11 -11.14 -22.21 27.70
CA VAL D 11 -9.91 -21.77 27.03
C VAL D 11 -9.95 -20.26 26.89
N VAL D 12 -8.92 -19.59 27.44
CA VAL D 12 -8.79 -18.12 27.40
C VAL D 12 -7.33 -17.76 27.16
N THR D 13 -7.08 -16.85 26.20
CA THR D 13 -5.80 -16.18 26.08
C THR D 13 -5.89 -14.85 26.79
N THR D 14 -4.77 -14.41 27.35
CA THR D 14 -4.83 -13.16 28.09
C THR D 14 -3.46 -12.52 28.14
N ILE D 15 -3.46 -11.19 28.04
CA ILE D 15 -2.31 -10.38 28.40
C ILE D 15 -2.63 -9.53 29.63
N SER D 16 -3.55 -10.00 30.47
CA SER D 16 -4.13 -9.24 31.58
C SER D 16 -3.27 -9.42 32.84
N ASP D 17 -3.82 -8.96 33.98
CA ASP D 17 -3.20 -9.20 35.27
C ASP D 17 -3.52 -10.59 35.81
N GLY D 18 -4.54 -11.24 35.27
CA GLY D 18 -5.21 -12.31 35.96
C GLY D 18 -6.39 -11.86 36.78
N GLY D 19 -6.77 -10.58 36.66
CA GLY D 19 -7.81 -10.05 37.52
C GLY D 19 -9.15 -10.71 37.25
N PHE D 20 -9.53 -10.84 35.98
CA PHE D 20 -10.76 -11.53 35.60
C PHE D 20 -10.90 -12.88 36.30
N LEU D 21 -9.78 -13.53 36.62
CA LEU D 21 -9.83 -14.81 37.34
C LEU D 21 -10.73 -14.71 38.57
N ASP D 22 -10.57 -13.63 39.33
CA ASP D 22 -11.54 -13.15 40.30
C ASP D 22 -12.90 -13.83 40.23
N ARG D 23 -13.73 -13.38 39.29
CA ARG D 23 -15.15 -13.66 39.22
C ARG D 23 -15.49 -14.73 38.19
N LEU D 24 -14.66 -14.92 37.18
CA LEU D 24 -14.84 -16.03 36.26
C LEU D 24 -14.64 -17.37 36.96
N ALA D 25 -13.82 -17.42 38.00
CA ALA D 25 -13.43 -18.68 38.61
C ALA D 25 -14.59 -19.39 39.29
N PRO D 26 -15.46 -18.70 40.04
CA PRO D 26 -16.54 -19.41 40.75
C PRO D 26 -17.31 -20.40 39.88
N ALA D 27 -18.00 -19.91 38.85
CA ALA D 27 -18.88 -20.77 38.08
C ALA D 27 -18.16 -22.02 37.58
N LEU D 28 -16.87 -21.93 37.30
CA LEU D 28 -16.13 -23.07 36.79
C LEU D 28 -15.64 -23.98 37.91
N ARG D 29 -15.23 -23.41 39.05
CA ARG D 29 -14.71 -24.23 40.13
C ARG D 29 -15.78 -25.18 40.66
N ASP D 30 -16.96 -24.65 40.98
CA ASP D 30 -18.03 -25.49 41.52
C ASP D 30 -18.44 -26.57 40.55
N ALA D 31 -18.30 -26.34 39.26
CA ALA D 31 -18.55 -27.34 38.24
C ALA D 31 -17.33 -28.19 37.96
N GLY D 32 -16.23 -27.95 38.68
CA GLY D 32 -15.03 -28.76 38.49
C GLY D 32 -14.60 -28.90 37.05
N ALA D 33 -14.61 -27.80 36.31
CA ALA D 33 -14.15 -27.80 34.93
C ALA D 33 -12.74 -27.24 34.87
N ARG D 34 -11.95 -27.78 33.95
CA ARG D 34 -10.59 -27.29 33.78
C ARG D 34 -10.60 -25.93 33.07
N LEU D 35 -9.77 -25.02 33.56
CA LEU D 35 -9.59 -23.72 32.92
C LEU D 35 -8.15 -23.66 32.41
N ILE D 36 -7.98 -23.45 31.12
CA ILE D 36 -6.67 -23.38 30.47
C ILE D 36 -6.46 -21.92 30.07
N VAL D 37 -5.52 -21.25 30.72
CA VAL D 37 -5.15 -19.87 30.37
C VAL D 37 -3.87 -19.94 29.55
N ILE D 38 -3.91 -19.38 28.34
CA ILE D 38 -2.76 -19.37 27.43
C ILE D 38 -2.16 -17.98 27.48
N PRO D 39 -1.02 -17.77 28.14
CA PRO D 39 -0.38 -16.46 28.14
C PRO D 39 0.50 -16.29 26.91
N ASP D 40 0.86 -15.04 26.65
CA ASP D 40 1.62 -14.62 25.47
C ASP D 40 2.95 -14.01 25.88
N ARG D 41 3.78 -13.69 24.88
CA ARG D 41 5.05 -13.04 25.19
C ARG D 41 4.81 -11.66 25.77
N ASN D 42 3.75 -10.97 25.36
CA ASN D 42 3.44 -9.64 25.85
C ASN D 42 2.49 -9.66 27.04
N THR D 43 2.58 -10.66 27.92
CA THR D 43 1.70 -10.76 29.09
C THR D 43 2.49 -10.52 30.37
N GLY D 44 1.81 -9.96 31.37
CA GLY D 44 2.42 -9.69 32.66
C GLY D 44 2.63 -10.93 33.49
N PRO D 45 3.63 -10.89 34.38
CA PRO D 45 3.85 -12.02 35.29
C PRO D 45 2.88 -12.06 36.46
N ALA D 46 2.21 -10.95 36.77
CA ALA D 46 1.13 -10.98 37.75
C ALA D 46 0.10 -12.02 37.39
N LEU D 47 -0.05 -12.31 36.09
CA LEU D 47 -0.98 -13.33 35.62
C LEU D 47 -0.74 -14.67 36.31
N PHE D 48 0.53 -15.10 36.36
CA PHE D 48 0.81 -16.43 36.87
C PHE D 48 0.57 -16.53 38.36
N ALA D 49 0.80 -15.45 39.11
CA ALA D 49 0.38 -15.42 40.50
C ALA D 49 -1.12 -15.74 40.61
N ALA D 50 -1.94 -14.96 39.90
CA ALA D 50 -3.38 -15.23 39.86
C ALA D 50 -3.63 -16.69 39.55
N CYS D 51 -2.92 -17.24 38.59
CA CYS D 51 -3.27 -18.64 38.25
C CYS D 51 -3.13 -19.52 39.49
N GLU D 52 -1.92 -19.66 40.03
CA GLU D 52 -1.74 -20.62 41.12
C GLU D 52 -2.42 -20.22 42.43
N ARG D 53 -2.84 -18.96 42.51
CA ARG D 53 -3.64 -18.56 43.69
C ARG D 53 -4.89 -19.44 43.66
N HIS D 54 -5.69 -19.31 42.60
CA HIS D 54 -6.91 -20.08 42.49
C HIS D 54 -6.64 -21.58 42.50
N ARG D 55 -5.51 -22.03 41.94
CA ARG D 55 -5.25 -23.47 41.96
C ARG D 55 -5.17 -23.98 43.39
N ARG D 56 -4.67 -23.16 44.31
CA ARG D 56 -4.82 -23.45 45.73
C ARG D 56 -6.29 -23.39 46.14
N LEU D 57 -6.99 -22.32 45.74
CA LEU D 57 -8.35 -22.05 46.17
C LEU D 57 -9.34 -23.04 45.58
N GLY D 58 -8.85 -24.04 44.82
CA GLY D 58 -9.66 -25.15 44.37
C GLY D 58 -9.90 -25.24 42.88
N LEU D 59 -9.52 -24.22 42.10
CA LEU D 59 -9.83 -24.23 40.67
C LEU D 59 -8.73 -24.94 39.90
N ASP D 60 -9.12 -25.94 39.11
CA ASP D 60 -8.16 -26.68 38.27
C ASP D 60 -7.82 -25.81 37.06
N VAL D 61 -6.97 -24.81 37.29
CA VAL D 61 -6.50 -23.92 36.24
C VAL D 61 -5.07 -24.32 35.88
N VAL D 62 -4.76 -24.20 34.58
CA VAL D 62 -3.39 -24.49 34.07
C VAL D 62 -3.04 -23.40 33.04
N CYS D 63 -2.03 -22.58 33.32
CA CYS D 63 -1.65 -21.48 32.39
C CYS D 63 -0.15 -21.62 32.07
N PRO D 64 0.20 -22.24 30.94
CA PRO D 64 1.57 -22.62 30.61
C PRO D 64 2.34 -21.51 29.93
N SER D 65 3.64 -21.54 30.17
CA SER D 65 4.56 -20.54 29.66
C SER D 65 4.73 -20.66 28.15
N VAL D 66 5.11 -19.53 27.54
CA VAL D 66 5.50 -19.48 26.14
C VAL D 66 6.40 -20.67 25.80
N ALA D 67 7.25 -21.07 26.74
CA ALA D 67 8.24 -22.10 26.48
C ALA D 67 7.61 -23.50 26.44
N GLU D 68 6.79 -23.84 27.43
CA GLU D 68 6.03 -25.08 27.34
C GLU D 68 5.18 -25.07 26.08
N GLN D 69 4.46 -23.97 25.86
CA GLN D 69 3.70 -23.82 24.63
C GLN D 69 4.55 -24.15 23.41
N GLN D 70 5.64 -23.41 23.21
CA GLN D 70 6.50 -23.66 22.06
C GLN D 70 7.08 -25.07 22.07
N ASP D 71 7.33 -25.64 23.25
CA ASP D 71 7.78 -27.03 23.30
C ASP D 71 6.79 -27.95 22.60
N LEU D 72 5.48 -27.74 22.85
CA LEU D 72 4.47 -28.65 22.31
C LEU D 72 4.29 -28.43 20.82
N LEU D 73 4.16 -27.16 20.40
CA LEU D 73 4.09 -26.84 18.98
C LEU D 73 5.30 -27.38 18.23
N GLU D 74 6.47 -27.38 18.88
CA GLU D 74 7.64 -28.02 18.28
C GLU D 74 7.47 -29.53 18.19
N ARG D 75 7.06 -30.16 19.30
CA ARG D 75 6.86 -31.61 19.25
C ARG D 75 5.74 -32.03 18.31
N LEU D 76 4.92 -31.09 17.81
CA LEU D 76 3.84 -31.43 16.89
C LEU D 76 4.13 -30.91 15.49
N ALA D 77 5.33 -30.36 15.28
CA ALA D 77 5.83 -30.00 13.97
C ALA D 77 5.14 -28.77 13.41
N VAL D 78 4.65 -27.91 14.29
CA VAL D 78 3.99 -26.68 13.84
C VAL D 78 4.56 -25.52 14.64
N PRO D 79 5.89 -25.35 14.65
CA PRO D 79 6.50 -24.29 15.47
C PRO D 79 6.24 -22.88 14.95
N ASP D 80 5.83 -22.72 13.69
CA ASP D 80 5.50 -21.39 13.16
C ASP D 80 4.01 -21.19 12.91
N LEU D 81 3.17 -22.13 13.35
CA LEU D 81 1.74 -22.08 13.06
C LEU D 81 1.02 -21.02 13.88
N ILE D 82 1.45 -20.78 15.11
CA ILE D 82 0.72 -19.86 15.97
C ILE D 82 1.62 -18.68 16.32
N PRO D 83 1.35 -17.51 15.77
CA PRO D 83 2.19 -16.34 16.06
C PRO D 83 2.01 -15.88 17.50
N TYR D 84 2.92 -14.98 17.90
CA TYR D 84 2.89 -14.36 19.22
C TYR D 84 2.34 -12.93 19.13
N HIS D 85 2.07 -12.32 20.28
CA HIS D 85 1.45 -11.00 20.31
C HIS D 85 0.11 -11.00 19.57
N SER D 86 -0.70 -12.02 19.80
CA SER D 86 -1.97 -12.15 19.09
C SER D 86 -2.85 -13.14 19.81
N ASP D 87 -4.13 -12.81 19.92
CA ASP D 87 -5.07 -13.74 20.54
C ASP D 87 -5.21 -15.04 19.76
N ASN D 88 -4.60 -15.16 18.57
CA ASN D 88 -4.51 -16.44 17.90
C ASN D 88 -4.02 -17.55 18.83
N ARG D 89 -3.44 -17.21 19.97
CA ARG D 89 -2.90 -18.27 20.82
C ARG D 89 -3.98 -19.04 21.58
N ARG D 90 -5.25 -18.64 21.47
CA ARG D 90 -6.37 -19.51 21.82
C ARG D 90 -6.08 -20.92 21.35
N ASN D 91 -5.59 -21.01 20.12
CA ASN D 91 -5.47 -22.30 19.46
C ASN D 91 -4.63 -23.25 20.30
N VAL D 92 -3.70 -22.71 21.09
CA VAL D 92 -2.93 -23.56 21.98
C VAL D 92 -3.84 -24.19 23.01
N GLY D 93 -4.80 -23.41 23.54
CA GLY D 93 -5.77 -23.97 24.47
C GLY D 93 -6.67 -25.01 23.83
N TYR D 94 -7.15 -24.73 22.62
CA TYR D 94 -7.98 -25.71 21.92
C TYR D 94 -7.22 -27.03 21.78
N LEU D 95 -5.96 -26.96 21.37
CA LEU D 95 -5.22 -28.19 21.10
C LEU D 95 -4.97 -28.97 22.37
N MET D 96 -4.43 -28.30 23.39
CA MET D 96 -4.22 -28.96 24.68
C MET D 96 -5.50 -29.62 25.17
N ALA D 97 -6.60 -28.86 25.14
CA ALA D 97 -7.91 -29.36 25.61
C ALA D 97 -8.35 -30.59 24.83
N TRP D 98 -8.20 -30.56 23.50
CA TRP D 98 -8.47 -31.75 22.71
C TRP D 98 -7.53 -32.87 23.11
N MET D 99 -6.22 -32.58 23.17
CA MET D 99 -5.21 -33.58 23.49
C MET D 99 -5.56 -34.34 24.76
N GLU D 100 -5.98 -33.61 25.80
CA GLU D 100 -6.23 -34.24 27.09
C GLU D 100 -7.57 -34.99 27.15
N GLY D 101 -8.43 -34.85 26.15
CA GLY D 101 -9.64 -35.66 26.11
C GLY D 101 -10.86 -35.05 26.74
N PHE D 102 -10.86 -33.76 27.03
CA PHE D 102 -12.08 -33.11 27.48
C PHE D 102 -13.19 -33.29 26.45
N ASP D 103 -14.42 -33.44 26.93
CA ASP D 103 -15.55 -33.62 26.03
C ASP D 103 -15.98 -32.30 25.42
N VAL D 104 -15.92 -31.23 26.19
CA VAL D 104 -16.54 -29.95 25.86
C VAL D 104 -15.49 -28.87 26.05
N ILE D 105 -15.09 -28.23 24.96
CA ILE D 105 -14.18 -27.10 25.02
C ILE D 105 -15.03 -25.84 24.91
N VAL D 106 -14.92 -24.97 25.91
CA VAL D 106 -15.66 -23.72 25.94
C VAL D 106 -14.67 -22.60 25.69
N SER D 107 -14.86 -21.87 24.60
CA SER D 107 -13.97 -20.78 24.25
C SER D 107 -14.52 -19.48 24.84
N MET D 108 -13.66 -18.74 25.54
CA MET D 108 -14.05 -17.50 26.19
C MET D 108 -13.00 -16.42 25.95
N ASP D 109 -13.43 -15.16 26.05
CA ASP D 109 -12.55 -14.01 26.22
C ASP D 109 -12.46 -13.68 27.71
N ASP D 110 -11.34 -13.05 28.10
CA ASP D 110 -11.05 -12.76 29.50
C ASP D 110 -11.82 -11.57 30.03
N ASP D 111 -12.77 -11.03 29.24
CA ASP D 111 -13.61 -9.95 29.71
C ASP D 111 -15.09 -10.33 29.65
N ASN D 112 -15.38 -11.63 29.60
CA ASN D 112 -16.75 -12.15 29.58
C ASN D 112 -16.96 -12.98 30.84
N LEU D 113 -18.04 -12.67 31.57
CA LEU D 113 -18.24 -13.29 32.88
C LEU D 113 -19.61 -13.95 32.98
N PRO D 114 -19.67 -15.23 33.32
CA PRO D 114 -20.96 -15.92 33.41
C PRO D 114 -21.91 -15.17 34.33
N THR D 115 -23.20 -15.33 34.07
CA THR D 115 -24.24 -14.65 34.84
C THR D 115 -25.15 -15.63 35.58
N THR D 116 -24.83 -16.92 35.57
CA THR D 116 -25.68 -17.90 36.23
C THR D 116 -24.82 -19.05 36.73
N ASP D 117 -25.31 -19.73 37.77
CA ASP D 117 -24.53 -20.82 38.34
C ASP D 117 -24.47 -22.03 37.43
N ASP D 118 -25.35 -22.10 36.41
CA ASP D 118 -25.42 -23.28 35.56
C ASP D 118 -24.56 -23.13 34.30
N PHE D 119 -23.64 -22.16 34.27
CA PHE D 119 -22.91 -21.84 33.06
C PHE D 119 -22.31 -23.08 32.41
N VAL D 120 -21.53 -23.83 33.17
CA VAL D 120 -20.89 -25.01 32.58
C VAL D 120 -21.95 -26.01 32.12
N GLU D 121 -23.06 -26.12 32.86
CA GLU D 121 -24.05 -27.15 32.55
C GLU D 121 -24.84 -26.81 31.30
N ARG D 122 -25.12 -25.52 31.08
CA ARG D 122 -25.80 -25.11 29.84
C ARG D 122 -24.91 -25.38 28.64
N HIS D 123 -23.63 -25.04 28.72
CA HIS D 123 -22.75 -25.35 27.60
C HIS D 123 -22.66 -26.84 27.36
N GLN D 124 -22.95 -27.67 28.37
CA GLN D 124 -22.82 -29.10 28.14
C GLN D 124 -23.92 -29.65 27.25
N VAL D 125 -24.90 -28.84 26.88
CA VAL D 125 -25.92 -29.19 25.89
C VAL D 125 -25.33 -29.85 24.65
N VAL D 126 -24.02 -29.65 24.40
CA VAL D 126 -23.38 -30.16 23.20
C VAL D 126 -23.03 -31.64 23.28
N CYS D 127 -23.17 -32.26 24.45
CA CYS D 127 -22.98 -33.69 24.60
C CYS D 127 -24.29 -34.45 24.71
N GLN D 128 -25.40 -33.84 24.27
CA GLN D 128 -26.70 -34.51 24.34
C GLN D 128 -26.87 -35.61 23.31
N GLY D 129 -26.06 -35.62 22.25
CA GLY D 129 -26.27 -36.56 21.16
C GLY D 129 -27.50 -36.19 20.37
N PRO D 130 -27.81 -36.98 19.35
CA PRO D 130 -28.97 -36.68 18.51
C PRO D 130 -30.27 -36.93 19.27
N ARG D 131 -31.19 -35.99 19.16
CA ARG D 131 -32.49 -36.12 19.79
C ARG D 131 -33.44 -35.23 19.03
N THR D 132 -34.67 -35.70 18.84
CA THR D 132 -35.66 -34.87 18.16
C THR D 132 -36.00 -33.68 19.02
N GLN D 133 -36.08 -32.52 18.39
CA GLN D 133 -36.10 -31.26 19.11
C GLN D 133 -36.54 -30.16 18.16
N PRO D 134 -36.95 -29.02 18.71
CA PRO D 134 -37.32 -27.87 17.87
C PRO D 134 -36.11 -27.33 17.12
N VAL D 135 -36.27 -27.13 15.81
CA VAL D 135 -35.20 -26.67 14.94
C VAL D 135 -35.75 -25.54 14.11
N THR D 136 -34.94 -24.52 13.90
CA THR D 136 -35.38 -23.28 13.30
C THR D 136 -34.74 -23.10 11.94
N ALA D 137 -35.53 -22.64 10.97
CA ALA D 137 -35.01 -22.36 9.64
C ALA D 137 -35.43 -20.96 9.21
N SER D 138 -34.67 -20.40 8.27
CA SER D 138 -35.01 -19.12 7.69
C SER D 138 -34.97 -19.24 6.17
N SER D 139 -36.01 -18.75 5.51
CA SER D 139 -36.09 -18.90 4.06
C SER D 139 -34.93 -18.22 3.36
N ASP D 140 -34.27 -17.28 4.00
CA ASP D 140 -33.15 -16.65 3.33
C ASP D 140 -31.83 -17.29 3.69
N GLY D 141 -31.87 -18.35 4.50
CA GLY D 141 -30.65 -19.04 4.90
C GLY D 141 -29.90 -18.44 6.07
N TRP D 142 -30.44 -17.39 6.72
CA TRP D 142 -29.75 -16.70 7.80
C TRP D 142 -30.65 -16.50 9.01
N PHE D 143 -30.03 -16.52 10.18
CA PHE D 143 -30.69 -16.24 11.44
C PHE D 143 -29.90 -15.19 12.20
N ASN D 144 -30.60 -14.27 12.85
CA ASN D 144 -30.00 -13.19 13.64
C ASN D 144 -30.13 -13.54 15.11
N ASN D 145 -29.04 -14.01 15.72
CA ASN D 145 -29.13 -14.37 17.13
C ASN D 145 -29.41 -13.16 18.02
N CYS D 146 -29.03 -11.95 17.58
CA CYS D 146 -29.31 -10.76 18.38
C CYS D 146 -30.80 -10.52 18.57
N ALA D 147 -31.63 -11.02 17.67
CA ALA D 147 -33.06 -10.91 17.85
C ALA D 147 -33.57 -11.74 19.01
N LEU D 148 -32.71 -12.55 19.62
CA LEU D 148 -33.02 -13.22 20.88
C LEU D 148 -32.78 -12.34 22.09
N LEU D 149 -32.12 -11.20 21.90
CA LEU D 149 -31.82 -10.24 22.96
C LEU D 149 -32.73 -9.02 22.80
N GLU D 150 -32.93 -8.31 23.90
CA GLU D 150 -33.52 -6.98 23.86
C GLU D 150 -32.36 -5.99 23.81
N VAL D 151 -32.27 -5.21 22.73
CA VAL D 151 -31.12 -4.34 22.49
C VAL D 151 -31.56 -2.87 22.43
N GLU D 152 -30.73 -2.00 23.02
CA GLU D 152 -31.25 -0.74 23.57
C GLU D 152 -31.72 0.25 22.51
N PRO D 153 -30.89 0.72 21.61
CA PRO D 153 -31.36 1.75 20.68
C PRO D 153 -32.19 1.15 19.56
N THR D 154 -31.76 0.03 18.98
CA THR D 154 -32.47 -0.48 17.81
C THR D 154 -31.98 -1.89 17.52
N GLU D 155 -32.57 -2.52 16.51
CA GLU D 155 -32.19 -3.89 16.16
C GLU D 155 -30.77 -3.94 15.61
N VAL D 156 -30.04 -4.98 15.97
CA VAL D 156 -28.68 -5.18 15.49
C VAL D 156 -28.53 -6.61 14.97
N PHE D 157 -27.46 -6.81 14.22
CA PHE D 157 -26.94 -8.06 13.73
C PHE D 157 -25.61 -8.37 14.40
N PRO D 158 -25.31 -9.65 14.64
CA PRO D 158 -24.00 -10.00 15.19
C PRO D 158 -22.88 -9.65 14.22
N ARG D 159 -21.71 -9.38 14.78
CA ARG D 159 -20.51 -9.30 13.96
C ARG D 159 -20.39 -10.55 13.10
N GLY D 160 -19.91 -10.38 11.87
CA GLY D 160 -19.74 -11.48 10.95
C GLY D 160 -20.98 -11.82 10.14
N PHE D 161 -22.13 -11.20 10.45
CA PHE D 161 -23.37 -11.41 9.69
C PHE D 161 -23.19 -10.79 8.31
N PRO D 162 -23.53 -11.50 7.23
CA PRO D 162 -23.27 -10.98 5.89
C PRO D 162 -24.11 -9.73 5.59
N PHE D 163 -23.49 -8.73 4.96
CA PHE D 163 -24.20 -7.46 4.81
C PHE D 163 -25.27 -7.53 3.72
N HIS D 164 -25.03 -8.28 2.65
CA HIS D 164 -26.02 -8.27 1.58
C HIS D 164 -27.37 -8.81 2.04
N ALA D 165 -27.40 -9.69 3.04
CA ALA D 165 -28.66 -10.27 3.50
C ALA D 165 -29.39 -9.37 4.51
N ARG D 166 -28.73 -8.37 5.10
CA ARG D 166 -29.35 -7.59 6.17
C ARG D 166 -30.60 -6.83 5.75
N PRO D 167 -30.70 -6.22 4.57
CA PRO D 167 -31.88 -5.38 4.31
C PRO D 167 -33.15 -6.19 4.13
N ALA D 168 -33.03 -7.40 3.58
CA ALA D 168 -34.21 -8.22 3.36
C ALA D 168 -34.51 -9.17 4.51
N HIS D 169 -33.61 -9.28 5.49
CA HIS D 169 -33.74 -10.35 6.47
C HIS D 169 -35.04 -10.27 7.23
N ALA D 170 -35.55 -9.06 7.48
CA ALA D 170 -36.75 -8.96 8.29
C ALA D 170 -37.94 -9.59 7.59
N GLN D 171 -37.87 -9.75 6.28
CA GLN D 171 -38.95 -10.35 5.50
C GLN D 171 -38.74 -11.83 5.22
N ALA D 172 -37.63 -12.41 5.64
CA ALA D 172 -37.50 -13.85 5.50
C ALA D 172 -38.52 -14.51 6.40
N ARG D 173 -38.95 -15.70 6.00
CA ARG D 173 -39.84 -16.51 6.81
C ARG D 173 -39.02 -17.41 7.73
N THR D 174 -39.33 -17.34 9.02
CA THR D 174 -38.75 -18.22 10.04
C THR D 174 -39.75 -19.34 10.35
N SER D 175 -39.27 -20.58 10.37
CA SER D 175 -40.14 -21.71 10.68
C SER D 175 -39.45 -22.64 11.66
N VAL D 176 -40.25 -23.34 12.47
CA VAL D 176 -39.72 -24.27 13.46
C VAL D 176 -40.40 -25.62 13.28
N CYS D 177 -39.60 -26.67 13.17
CA CYS D 177 -40.03 -28.06 13.06
C CYS D 177 -39.37 -28.80 14.23
N GLU D 178 -40.06 -29.76 14.81
CA GLU D 178 -39.37 -30.76 15.62
C GLU D 178 -38.74 -31.78 14.68
N ARG D 179 -37.44 -32.04 14.87
CA ARG D 179 -36.75 -32.99 14.01
C ARG D 179 -35.47 -33.42 14.70
N PRO D 180 -34.84 -34.48 14.23
CA PRO D 180 -33.64 -34.98 14.91
C PRO D 180 -32.47 -34.06 14.65
N ALA D 181 -31.78 -33.66 15.73
CA ALA D 181 -30.65 -32.76 15.62
C ALA D 181 -29.60 -33.16 16.65
N ASP D 182 -28.33 -33.06 16.25
CA ASP D 182 -27.19 -33.38 17.10
C ASP D 182 -26.38 -32.09 17.29
N VAL D 183 -26.56 -31.42 18.44
CA VAL D 183 -25.92 -30.13 18.67
C VAL D 183 -24.47 -30.37 19.06
N ARG D 184 -23.55 -29.78 18.29
CA ARG D 184 -22.13 -29.87 18.61
C ARG D 184 -21.46 -28.52 18.87
N ILE D 185 -22.13 -27.42 18.57
CA ILE D 185 -21.61 -26.08 18.87
C ILE D 185 -22.72 -25.33 19.58
N ASN D 186 -22.40 -24.78 20.75
CA ASN D 186 -23.35 -23.98 21.51
C ASN D 186 -22.79 -22.57 21.68
N ALA D 187 -23.39 -21.64 20.96
CA ALA D 187 -22.93 -20.25 20.93
C ALA D 187 -23.86 -19.45 21.86
N GLY D 188 -23.41 -19.24 23.09
CA GLY D 188 -24.20 -18.51 24.06
C GLY D 188 -24.04 -17.00 23.88
N LEU D 189 -25.12 -16.28 24.21
CA LEU D 189 -25.24 -14.85 23.90
C LEU D 189 -24.57 -14.00 24.99
N TRP D 190 -24.78 -12.69 24.92
CA TRP D 190 -24.02 -11.71 25.67
C TRP D 190 -24.92 -10.54 26.01
N LEU D 191 -24.87 -10.10 27.26
CA LEU D 191 -25.54 -8.89 27.71
C LEU D 191 -24.52 -7.76 27.92
N GLY D 192 -25.04 -6.54 28.01
CA GLY D 192 -24.19 -5.37 28.05
C GLY D 192 -23.76 -4.94 26.66
N ASP D 193 -22.50 -5.19 26.31
CA ASP D 193 -22.02 -4.88 24.97
C ASP D 193 -22.13 -6.11 24.12
N PRO D 194 -23.03 -6.16 23.14
CA PRO D 194 -23.18 -7.39 22.34
C PRO D 194 -22.09 -7.48 21.27
N ASP D 195 -21.81 -8.71 20.84
CA ASP D 195 -20.79 -8.93 19.82
C ASP D 195 -21.33 -8.48 18.47
N VAL D 196 -21.28 -7.17 18.25
CA VAL D 196 -21.62 -6.62 16.95
C VAL D 196 -20.32 -6.17 16.29
N ASP D 197 -20.39 -5.92 14.98
CA ASP D 197 -19.19 -5.47 14.28
C ASP D 197 -18.95 -3.97 14.50
N ALA D 198 -17.72 -3.54 14.21
CA ALA D 198 -17.31 -2.17 14.48
C ALA D 198 -18.26 -1.15 13.83
N ILE D 199 -18.74 -1.45 12.62
CA ILE D 199 -19.71 -0.57 11.97
C ILE D 199 -20.89 -0.33 12.90
N THR D 200 -21.49 -1.41 13.41
CA THR D 200 -22.68 -1.28 14.23
C THR D 200 -22.36 -0.56 15.54
N ARG D 201 -21.28 -0.94 16.20
CA ARG D 201 -20.93 -0.29 17.45
C ARG D 201 -20.81 1.22 17.27
N LEU D 202 -20.12 1.66 16.20
CA LEU D 202 -19.95 3.08 15.94
C LEU D 202 -21.30 3.75 15.67
N ALA D 203 -22.17 3.08 14.91
CA ALA D 203 -23.41 3.72 14.49
C ALA D 203 -24.44 3.85 15.62
N VAL D 204 -24.55 2.86 16.51
CA VAL D 204 -25.66 2.90 17.46
C VAL D 204 -25.24 2.46 18.85
N ARG D 205 -23.96 2.19 19.03
CA ARG D 205 -23.39 1.77 20.31
C ARG D 205 -24.42 0.96 21.10
N PRO D 206 -24.74 -0.24 20.65
CA PRO D 206 -25.90 -0.95 21.22
C PRO D 206 -25.62 -1.47 22.62
N ASN D 207 -26.72 -1.64 23.36
CA ASN D 207 -26.66 -2.22 24.70
C ASN D 207 -27.69 -3.34 24.76
N ALA D 208 -27.25 -4.54 25.07
CA ALA D 208 -28.12 -5.71 25.12
C ALA D 208 -28.66 -5.82 26.54
N LEU D 209 -29.94 -5.52 26.71
CA LEU D 209 -30.51 -5.36 28.05
C LEU D 209 -30.83 -6.71 28.70
N ALA D 210 -31.33 -7.66 27.92
CA ALA D 210 -31.71 -8.95 28.47
C ALA D 210 -31.72 -9.99 27.35
N HIS D 211 -31.79 -11.26 27.76
CA HIS D 211 -31.95 -12.38 26.84
C HIS D 211 -33.42 -12.76 26.86
N SER D 212 -34.18 -12.24 25.90
CA SER D 212 -35.62 -12.37 25.89
C SER D 212 -36.13 -13.57 25.10
N GLY D 213 -35.31 -14.22 24.29
CA GLY D 213 -35.84 -15.04 23.20
C GLY D 213 -35.63 -16.54 23.31
N GLY D 214 -35.04 -17.00 24.40
CA GLY D 214 -34.80 -18.43 24.53
C GLY D 214 -33.70 -18.86 23.59
N SER D 215 -33.71 -20.14 23.26
CA SER D 215 -32.63 -20.70 22.46
C SER D 215 -33.18 -21.32 21.19
N VAL D 216 -32.29 -21.50 20.21
CA VAL D 216 -32.68 -22.10 18.95
C VAL D 216 -31.58 -23.03 18.47
N VAL D 217 -31.99 -23.99 17.65
CA VAL D 217 -31.07 -24.88 16.96
C VAL D 217 -31.34 -24.67 15.48
N LEU D 218 -30.30 -24.29 14.74
CA LEU D 218 -30.50 -23.89 13.37
C LEU D 218 -30.58 -25.11 12.47
N ALA D 219 -31.55 -25.09 11.56
CA ALA D 219 -31.66 -26.14 10.56
C ALA D 219 -30.52 -26.07 9.55
N GLU D 220 -30.23 -27.22 8.93
CA GLU D 220 -29.26 -27.24 7.84
C GLU D 220 -29.66 -26.23 6.77
N GLY D 221 -28.68 -25.46 6.29
CA GLY D 221 -28.97 -24.41 5.37
C GLY D 221 -29.21 -23.07 6.02
N THR D 222 -29.46 -23.04 7.33
CA THR D 222 -29.65 -21.80 8.06
C THR D 222 -28.37 -21.51 8.83
N TRP D 223 -27.77 -20.36 8.57
CA TRP D 223 -26.51 -19.98 9.18
C TRP D 223 -26.66 -18.75 10.07
N CYS D 224 -25.75 -18.65 11.05
CA CYS D 224 -25.57 -17.45 11.85
C CYS D 224 -24.13 -17.43 12.33
N PRO D 225 -23.42 -16.30 12.27
CA PRO D 225 -22.03 -16.28 12.74
C PRO D 225 -21.91 -16.79 14.18
N VAL D 226 -20.78 -17.43 14.47
CA VAL D 226 -20.48 -17.97 15.79
C VAL D 226 -19.15 -17.38 16.20
N ASN D 227 -19.07 -16.84 17.40
CA ASN D 227 -17.81 -16.27 17.86
C ASN D 227 -17.11 -17.22 18.84
N SER D 228 -15.91 -16.81 19.27
CA SER D 228 -15.13 -17.60 20.21
C SER D 228 -15.10 -16.97 21.60
N GLN D 229 -16.11 -16.14 21.93
CA GLN D 229 -16.13 -15.45 23.21
C GLN D 229 -16.90 -16.19 24.29
N ASN D 230 -17.96 -16.92 23.94
CA ASN D 230 -18.79 -17.63 24.91
C ASN D 230 -19.43 -18.83 24.22
N THR D 231 -18.59 -19.74 23.72
CA THR D 231 -19.02 -20.72 22.72
C THR D 231 -18.44 -22.08 23.05
N ALA D 232 -19.32 -23.07 23.24
CA ALA D 232 -18.91 -24.42 23.61
C ALA D 232 -18.86 -25.28 22.36
N VAL D 233 -17.78 -26.04 22.21
CA VAL D 233 -17.61 -26.94 21.08
C VAL D 233 -17.44 -28.35 21.62
N HIS D 234 -18.10 -29.31 20.98
CA HIS D 234 -17.89 -30.69 21.35
C HIS D 234 -16.59 -31.20 20.75
N ARG D 235 -15.99 -32.15 21.47
CA ARG D 235 -14.64 -32.60 21.15
C ARG D 235 -14.47 -32.95 19.68
N ASP D 236 -15.43 -33.68 19.12
CA ASP D 236 -15.29 -34.11 17.72
C ASP D 236 -15.22 -32.92 16.76
N ALA D 237 -15.87 -31.80 17.10
CA ALA D 237 -15.89 -30.65 16.22
C ALA D 237 -14.65 -29.76 16.37
N LEU D 238 -13.95 -29.88 17.47
CA LEU D 238 -12.83 -29.01 17.77
C LEU D 238 -11.79 -28.99 16.66
N PRO D 239 -11.57 -30.08 15.91
CA PRO D 239 -10.63 -30.00 14.77
C PRO D 239 -10.90 -28.85 13.80
N ALA D 240 -12.16 -28.51 13.57
CA ALA D 240 -12.55 -27.51 12.59
C ALA D 240 -12.70 -26.13 13.21
N TYR D 241 -12.40 -26.01 14.50
CA TYR D 241 -12.58 -24.75 15.18
C TYR D 241 -11.28 -23.93 15.24
N TYR D 242 -10.30 -24.29 14.42
CA TYR D 242 -9.04 -23.55 14.37
C TYR D 242 -9.31 -22.07 14.10
N PHE D 243 -8.74 -21.22 14.94
CA PHE D 243 -8.97 -19.78 14.92
C PHE D 243 -8.04 -19.12 13.91
N LEU D 244 -8.61 -18.50 12.89
CA LEU D 244 -7.83 -18.11 11.70
C LEU D 244 -6.84 -16.98 11.99
N ARG D 245 -5.65 -17.10 11.41
CA ARG D 245 -4.59 -16.11 11.62
C ARG D 245 -4.90 -14.81 10.86
N MET D 246 -5.09 -13.71 11.60
CA MET D 246 -5.34 -12.41 10.99
C MET D 246 -4.04 -11.85 10.42
N GLY D 247 -4.12 -10.62 9.95
CA GLY D 247 -2.95 -9.89 9.53
C GLY D 247 -2.70 -9.88 8.04
N GLN D 248 -3.43 -10.68 7.26
CA GLN D 248 -3.22 -10.65 5.81
C GLN D 248 -3.80 -9.37 5.23
N PRO D 249 -3.12 -8.73 4.29
CA PRO D 249 -3.66 -7.52 3.69
C PRO D 249 -4.69 -7.81 2.61
N VAL D 250 -5.68 -6.94 2.55
CA VAL D 250 -6.69 -6.93 1.49
C VAL D 250 -6.55 -5.56 0.86
N ASP D 251 -6.08 -5.54 -0.39
CA ASP D 251 -5.80 -4.29 -1.07
C ASP D 251 -4.78 -3.45 -0.31
N GLY D 252 -3.84 -4.12 0.36
CA GLY D 252 -2.80 -3.48 1.14
C GLY D 252 -3.15 -3.24 2.60
N VAL D 253 -4.42 -3.35 2.97
CA VAL D 253 -4.86 -3.07 4.32
C VAL D 253 -4.99 -4.39 5.06
N PRO D 254 -4.25 -4.60 6.14
CA PRO D 254 -4.27 -5.90 6.81
C PRO D 254 -5.54 -6.08 7.62
N MET D 255 -6.11 -7.29 7.56
CA MET D 255 -7.35 -7.54 8.29
C MET D 255 -7.03 -7.97 9.71
N GLU D 256 -7.99 -7.73 10.60
CA GLU D 256 -7.86 -8.24 11.95
C GLU D 256 -9.27 -8.42 12.53
N ARG D 257 -9.32 -9.02 13.71
CA ARG D 257 -10.52 -9.13 14.53
C ARG D 257 -11.54 -10.12 14.00
N PHE D 258 -11.23 -10.91 12.98
CA PHE D 258 -12.21 -11.84 12.42
C PHE D 258 -11.75 -13.29 12.45
N GLY D 259 -10.70 -13.61 13.20
CA GLY D 259 -10.28 -14.99 13.31
C GLY D 259 -11.43 -15.92 13.64
N ASP D 260 -12.33 -15.50 14.54
CA ASP D 260 -13.41 -16.41 14.92
C ASP D 260 -14.65 -16.29 14.03
N ILE D 261 -14.79 -15.19 13.28
CA ILE D 261 -15.85 -15.13 12.28
C ILE D 261 -15.65 -16.24 11.26
N PHE D 262 -14.40 -16.47 10.84
CA PHE D 262 -14.13 -17.57 9.92
C PHE D 262 -14.24 -18.92 10.63
N SER D 263 -13.71 -19.04 11.84
CA SER D 263 -13.77 -20.33 12.52
C SER D 263 -15.22 -20.72 12.81
N GLY D 264 -16.03 -19.75 13.25
CA GLY D 264 -17.42 -20.03 13.54
C GLY D 264 -18.19 -20.46 12.31
N TYR D 265 -17.88 -19.86 11.16
CA TYR D 265 -18.52 -20.32 9.93
C TYR D 265 -17.94 -21.66 9.49
N PHE D 266 -16.62 -21.83 9.67
CA PHE D 266 -15.98 -23.04 9.18
C PHE D 266 -16.43 -24.25 10.00
N VAL D 267 -16.44 -24.12 11.34
CA VAL D 267 -16.91 -25.23 12.16
C VAL D 267 -18.36 -25.54 11.84
N GLN D 268 -19.14 -24.49 11.56
CA GLN D 268 -20.57 -24.62 11.29
C GLN D 268 -20.82 -25.34 9.96
N VAL D 269 -20.10 -24.96 8.91
CA VAL D 269 -20.27 -25.60 7.62
C VAL D 269 -19.82 -27.06 7.69
N CYS D 270 -18.74 -27.33 8.43
CA CYS D 270 -18.32 -28.70 8.61
C CYS D 270 -19.36 -29.49 9.38
N ALA D 271 -19.90 -28.88 10.45
CA ALA D 271 -20.84 -29.59 11.31
C ALA D 271 -22.08 -30.00 10.53
N GLN D 272 -22.60 -29.10 9.68
CA GLN D 272 -23.80 -29.41 8.93
C GLN D 272 -23.54 -30.48 7.87
N HIS D 273 -22.35 -30.45 7.27
CA HIS D 273 -21.98 -31.53 6.36
C HIS D 273 -22.07 -32.87 7.07
N LEU D 274 -21.58 -32.94 8.30
CA LEU D 274 -21.63 -34.18 9.06
C LEU D 274 -22.96 -34.44 9.73
N GLY D 275 -24.01 -33.65 9.42
CA GLY D 275 -25.31 -33.86 10.04
C GLY D 275 -25.44 -33.37 11.45
N HIS D 276 -24.58 -32.44 11.88
CA HIS D 276 -24.64 -31.85 13.21
C HIS D 276 -25.18 -30.43 13.13
N ALA D 277 -25.48 -29.85 14.29
CA ALA D 277 -26.19 -28.58 14.36
C ALA D 277 -25.48 -27.60 15.28
N VAL D 278 -25.85 -26.32 15.12
CA VAL D 278 -25.35 -25.23 15.97
C VAL D 278 -26.52 -24.66 16.77
N ARG D 279 -26.29 -24.44 18.04
CA ARG D 279 -27.27 -23.89 18.95
C ARG D 279 -26.85 -22.48 19.35
N PHE D 280 -27.85 -21.60 19.51
CA PHE D 280 -27.65 -20.26 20.05
C PHE D 280 -28.60 -20.02 21.22
N GLY D 281 -28.09 -19.41 22.29
CA GLY D 281 -28.93 -19.08 23.42
C GLY D 281 -28.21 -19.02 24.76
N ASP D 282 -28.77 -19.67 25.77
CA ASP D 282 -28.09 -19.74 27.06
C ASP D 282 -26.88 -20.66 26.92
N PRO D 283 -25.89 -20.54 27.84
CA PRO D 283 -25.83 -19.55 28.92
C PRO D 283 -25.28 -18.20 28.47
N VAL D 284 -25.71 -17.16 29.16
CA VAL D 284 -25.44 -15.76 28.82
C VAL D 284 -24.30 -15.24 29.67
N VAL D 285 -23.32 -14.58 29.06
CA VAL D 285 -22.29 -13.88 29.81
C VAL D 285 -22.58 -12.38 29.76
N GLU D 286 -21.93 -11.63 30.64
CA GLU D 286 -21.95 -10.18 30.58
C GLU D 286 -20.65 -9.69 29.94
N HIS D 287 -20.78 -8.87 28.91
CA HIS D 287 -19.61 -8.36 28.22
C HIS D 287 -19.56 -6.86 28.45
N PRO D 288 -18.65 -6.36 29.29
CA PRO D 288 -18.66 -4.93 29.61
C PRO D 288 -18.18 -4.11 28.43
N ARG D 289 -18.88 -3.01 28.20
CA ARG D 289 -18.52 -1.99 27.23
C ARG D 289 -17.07 -1.57 27.37
N ASN D 290 -16.13 -2.19 26.65
CA ASN D 290 -14.78 -1.65 26.68
C ASN D 290 -14.44 -1.10 25.30
N GLU D 291 -15.22 -0.12 24.86
CA GLU D 291 -15.14 0.42 23.51
C GLU D 291 -13.81 1.15 23.35
N HIS D 292 -12.74 0.50 22.86
CA HIS D 292 -11.48 1.18 22.94
C HIS D 292 -10.93 1.48 21.57
N ASP D 293 -11.25 2.69 21.11
CA ASP D 293 -10.92 3.29 19.79
C ASP D 293 -11.67 2.61 18.65
N LEU D 294 -12.96 2.93 18.55
CA LEU D 294 -13.82 2.27 17.59
C LEU D 294 -13.39 2.51 16.16
N LEU D 295 -12.81 3.68 15.87
CA LEU D 295 -12.38 3.90 14.51
C LEU D 295 -11.24 2.95 14.13
N ASP D 296 -10.35 2.67 15.09
CA ASP D 296 -9.32 1.67 14.84
C ASP D 296 -9.93 0.29 14.61
N ASP D 297 -10.90 -0.10 15.44
CA ASP D 297 -11.60 -1.36 15.21
C ASP D 297 -12.15 -1.42 13.79
N LEU D 298 -12.76 -0.32 13.34
CA LEU D 298 -13.33 -0.26 11.99
C LEU D 298 -12.25 -0.46 10.93
N HIS D 299 -11.17 0.31 11.05
CA HIS D 299 -10.07 0.19 10.10
C HIS D 299 -9.54 -1.23 10.03
N LYS D 300 -9.68 -1.99 11.11
CA LYS D 300 -9.14 -3.34 11.16
C LYS D 300 -10.09 -4.36 10.52
N GLU D 301 -11.39 -4.18 10.73
CA GLU D 301 -12.39 -5.15 10.28
C GLU D 301 -12.76 -4.97 8.81
N VAL D 302 -12.63 -3.77 8.27
CA VAL D 302 -13.13 -3.50 6.92
C VAL D 302 -12.54 -4.45 5.89
N PRO D 303 -11.23 -4.72 5.86
CA PRO D 303 -10.70 -5.69 4.88
C PRO D 303 -11.44 -7.03 4.93
N ALA D 304 -11.58 -7.61 6.13
CA ALA D 304 -12.29 -8.89 6.23
C ALA D 304 -13.73 -8.73 5.78
N VAL D 305 -14.39 -7.64 6.18
CA VAL D 305 -15.78 -7.46 5.81
C VAL D 305 -15.97 -7.36 4.30
N ARG D 306 -14.99 -6.82 3.57
CA ARG D 306 -15.17 -6.69 2.12
C ARG D 306 -15.09 -8.04 1.41
N LEU D 307 -14.58 -9.07 2.07
CA LEU D 307 -14.49 -10.37 1.43
C LEU D 307 -15.61 -11.33 1.83
N LEU D 308 -16.17 -11.19 3.04
CA LEU D 308 -16.89 -12.29 3.68
C LEU D 308 -18.19 -12.64 2.94
N ASP D 309 -18.95 -11.64 2.48
CA ASP D 309 -20.18 -11.94 1.74
C ASP D 309 -19.91 -12.87 0.57
N ASP D 310 -18.89 -12.56 -0.24
CA ASP D 310 -18.56 -13.42 -1.37
C ASP D 310 -18.14 -14.80 -0.90
N ILE D 311 -17.37 -14.86 0.19
CA ILE D 311 -16.91 -16.16 0.66
C ILE D 311 -18.10 -17.01 1.08
N LEU D 312 -19.06 -16.41 1.79
CA LEU D 312 -20.21 -17.18 2.26
C LEU D 312 -21.05 -17.67 1.07
N ASP D 313 -21.21 -16.83 0.04
CA ASP D 313 -21.98 -17.25 -1.13
C ASP D 313 -21.36 -18.52 -1.73
N HIS D 314 -20.09 -18.46 -2.12
CA HIS D 314 -19.42 -19.59 -2.75
C HIS D 314 -19.42 -20.81 -1.83
N LEU D 315 -19.33 -20.62 -0.53
CA LEU D 315 -19.39 -21.77 0.36
C LEU D 315 -20.72 -22.50 0.24
N ARG D 316 -21.81 -21.78 -0.02
CA ARG D 316 -23.10 -22.44 -0.14
C ARG D 316 -23.10 -23.44 -1.28
N ASP D 317 -22.44 -23.12 -2.40
CA ASP D 317 -22.45 -23.97 -3.58
C ASP D 317 -21.28 -24.94 -3.64
N HIS D 318 -20.50 -25.08 -2.58
CA HIS D 318 -19.33 -25.94 -2.66
C HIS D 318 -19.52 -27.18 -1.77
N PRO D 319 -19.91 -28.31 -2.32
CA PRO D 319 -20.09 -29.50 -1.49
C PRO D 319 -18.74 -30.09 -1.06
N LEU D 320 -18.72 -30.61 0.17
CA LEU D 320 -17.50 -31.04 0.83
C LEU D 320 -17.44 -32.57 0.90
N GLU D 321 -16.28 -33.06 1.34
CA GLU D 321 -16.03 -34.49 1.54
C GLU D 321 -15.46 -34.71 2.92
N GLY D 322 -15.81 -35.82 3.53
CA GLY D 322 -15.24 -36.16 4.82
C GLY D 322 -16.24 -36.93 5.63
N GLY D 323 -15.73 -37.73 6.55
CA GLY D 323 -16.57 -38.53 7.42
C GLY D 323 -16.40 -38.12 8.87
N ASP D 324 -15.43 -37.25 9.13
CA ASP D 324 -15.30 -36.62 10.45
C ASP D 324 -14.89 -35.16 10.23
N TYR D 325 -14.61 -34.45 11.32
CA TYR D 325 -14.35 -33.02 11.19
C TYR D 325 -12.98 -32.75 10.59
N LEU D 326 -11.95 -33.53 10.96
CA LEU D 326 -10.65 -33.38 10.33
C LEU D 326 -10.78 -33.47 8.81
N GLU D 327 -11.29 -34.60 8.33
CA GLU D 327 -11.43 -34.78 6.88
C GLU D 327 -12.24 -33.64 6.28
N THR D 328 -13.38 -33.30 6.90
CA THR D 328 -14.21 -32.27 6.30
C THR D 328 -13.48 -30.92 6.28
N TYR D 329 -12.84 -30.57 7.40
CA TYR D 329 -12.05 -29.33 7.45
C TYR D 329 -11.01 -29.28 6.35
N GLU D 330 -10.31 -30.39 6.10
CA GLU D 330 -9.30 -30.36 5.05
C GLU D 330 -9.95 -30.22 3.68
N SER D 331 -11.10 -30.88 3.49
CA SER D 331 -11.87 -30.69 2.26
C SER D 331 -12.28 -29.23 2.11
N LEU D 332 -12.76 -28.62 3.19
CA LEU D 332 -13.07 -27.19 3.20
C LEU D 332 -11.85 -26.38 2.75
N SER D 333 -10.69 -26.60 3.38
CA SER D 333 -9.51 -25.81 3.04
C SER D 333 -9.25 -25.82 1.54
N TYR D 334 -9.49 -26.95 0.87
CA TYR D 334 -9.28 -27.01 -0.58
C TYR D 334 -10.36 -26.25 -1.34
N ALA D 335 -11.62 -26.40 -0.94
CA ALA D 335 -12.68 -25.60 -1.54
C ALA D 335 -12.32 -24.12 -1.53
N LEU D 336 -11.80 -23.62 -0.40
CA LEU D 336 -11.45 -22.21 -0.31
C LEU D 336 -10.43 -21.82 -1.38
N GLN D 337 -9.50 -22.74 -1.69
CA GLN D 337 -8.51 -22.44 -2.72
C GLN D 337 -9.16 -22.32 -4.08
N GLU D 338 -10.15 -23.16 -4.37
CA GLU D 338 -10.93 -22.97 -5.59
C GLU D 338 -11.67 -21.63 -5.55
N ILE D 339 -12.25 -21.31 -4.40
CA ILE D 339 -13.07 -20.10 -4.32
C ILE D 339 -12.19 -18.89 -4.54
N ALA D 340 -10.99 -18.89 -3.96
CA ALA D 340 -10.04 -17.80 -4.11
C ALA D 340 -9.71 -17.51 -5.57
N GLU D 341 -9.82 -18.50 -6.47
CA GLU D 341 -9.58 -18.25 -7.89
C GLU D 341 -10.84 -17.98 -8.70
N ARG D 342 -12.02 -18.34 -8.17
CA ARG D 342 -13.27 -18.22 -8.91
C ARG D 342 -14.02 -16.93 -8.63
N VAL D 343 -13.86 -16.35 -7.43
CA VAL D 343 -14.60 -15.18 -7.01
C VAL D 343 -14.24 -13.95 -7.85
N ASN D 344 -15.09 -12.92 -7.76
CA ASN D 344 -14.87 -11.69 -8.49
C ASN D 344 -15.39 -10.48 -7.72
N GLY D 345 -14.75 -9.34 -7.92
CA GLY D 345 -15.10 -8.12 -7.24
C GLY D 345 -13.91 -7.19 -7.14
N ARG D 346 -14.18 -5.94 -6.78
CA ARG D 346 -13.10 -4.96 -6.71
C ARG D 346 -12.18 -5.25 -5.53
N ALA D 347 -12.72 -5.86 -4.47
CA ALA D 347 -11.90 -6.19 -3.31
C ALA D 347 -10.97 -7.37 -3.56
N TRP D 348 -11.22 -8.13 -4.63
CA TRP D 348 -10.49 -9.38 -4.86
C TRP D 348 -9.21 -9.11 -5.67
N SER D 349 -8.32 -8.34 -5.06
CA SER D 349 -7.00 -8.12 -5.63
C SER D 349 -6.08 -9.31 -5.31
N PRO D 350 -4.89 -9.35 -5.88
CA PRO D 350 -4.05 -10.54 -5.67
C PRO D 350 -3.80 -10.86 -4.20
N ASP D 351 -3.62 -9.86 -3.34
CA ASP D 351 -3.32 -10.22 -1.96
C ASP D 351 -4.55 -10.78 -1.24
N ALA D 352 -5.75 -10.40 -1.69
CA ALA D 352 -6.96 -10.90 -1.06
C ALA D 352 -7.20 -12.36 -1.41
N ARG D 353 -6.95 -12.76 -2.65
CA ARG D 353 -7.01 -14.18 -3.00
C ARG D 353 -5.90 -14.96 -2.31
N ALA D 354 -4.69 -14.41 -2.22
CA ALA D 354 -3.60 -15.10 -1.53
C ALA D 354 -3.92 -15.34 -0.05
N PHE D 355 -4.61 -14.39 0.60
CA PHE D 355 -5.14 -14.62 1.94
C PHE D 355 -5.83 -15.98 2.05
N LEU D 356 -6.69 -16.30 1.07
CA LEU D 356 -7.40 -17.57 1.16
C LEU D 356 -6.46 -18.74 0.99
N HIS D 357 -5.41 -18.60 0.16
CA HIS D 357 -4.49 -19.72 -0.06
C HIS D 357 -3.60 -19.94 1.15
N ARG D 358 -3.05 -18.88 1.75
CA ARG D 358 -2.23 -19.09 2.92
C ARG D 358 -3.07 -19.64 4.08
N SER D 359 -4.28 -19.10 4.26
CA SER D 359 -5.15 -19.61 5.31
C SER D 359 -5.40 -21.11 5.13
N ALA D 360 -5.69 -21.54 3.89
CA ALA D 360 -5.94 -22.97 3.67
C ALA D 360 -4.74 -23.79 4.09
N HIS D 361 -3.53 -23.32 3.77
CA HIS D 361 -2.33 -24.03 4.21
C HIS D 361 -2.23 -24.06 5.73
N LEU D 362 -2.59 -22.96 6.38
CA LEU D 362 -2.50 -22.92 7.84
C LEU D 362 -3.52 -23.87 8.47
N MET D 363 -4.72 -23.96 7.88
CA MET D 363 -5.74 -24.88 8.39
C MET D 363 -5.32 -26.32 8.23
N ARG D 364 -4.60 -26.65 7.16
CA ARG D 364 -4.16 -28.02 7.01
C ARG D 364 -2.95 -28.31 7.90
N SER D 365 -2.17 -27.28 8.23
CA SER D 365 -1.11 -27.43 9.21
C SER D 365 -1.68 -27.74 10.58
N TRP D 366 -2.80 -27.09 10.92
CA TRP D 366 -3.48 -27.36 12.18
C TRP D 366 -4.00 -28.80 12.23
N THR D 367 -4.65 -29.26 11.16
CA THR D 367 -5.14 -30.63 11.17
C THR D 367 -3.99 -31.61 11.15
N GLY D 368 -2.87 -31.23 10.53
CA GLY D 368 -1.69 -32.07 10.56
C GLY D 368 -1.12 -32.22 11.96
N ALA D 369 -1.21 -31.16 12.77
CA ALA D 369 -0.76 -31.26 14.15
C ALA D 369 -1.62 -32.23 14.96
N LEU D 370 -2.95 -32.17 14.77
CA LEU D 370 -3.82 -33.07 15.51
C LEU D 370 -3.68 -34.51 15.02
N ARG D 371 -3.55 -34.71 13.71
CA ARG D 371 -3.22 -36.03 13.20
C ARG D 371 -2.00 -36.58 13.91
N THR D 372 -0.97 -35.75 14.06
CA THR D 372 0.23 -36.20 14.73
C THR D 372 -0.09 -36.73 16.12
N VAL D 373 -0.91 -35.99 16.87
CA VAL D 373 -1.28 -36.45 18.21
C VAL D 373 -1.94 -37.81 18.14
N ALA D 374 -2.87 -37.97 17.20
CA ALA D 374 -3.65 -39.19 17.12
C ALA D 374 -2.97 -40.32 16.36
N GLY D 375 -1.82 -40.07 15.73
CA GLY D 375 -1.30 -41.05 14.80
C GLY D 375 -2.16 -41.10 13.55
N THR D 376 -2.53 -39.93 13.05
CA THR D 376 -3.47 -39.74 11.94
C THR D 376 -4.72 -40.60 12.16
PB GDP E . 25.60 4.47 4.36
O1B GDP E . 25.23 3.08 3.95
O2B GDP E . 27.04 4.66 4.72
O3B GDP E . 25.40 5.44 2.94
O3A GDP E . 24.44 5.02 5.47
PA GDP E . 24.40 5.01 7.11
O1A GDP E . 25.59 4.38 7.75
O2A GDP E . 23.04 4.59 7.56
O5' GDP E . 24.52 6.71 7.92
C5' GDP E . 25.68 7.42 8.08
C4' GDP E . 25.43 8.58 9.07
O4' GDP E . 24.12 8.56 9.56
C3' GDP E . 26.39 8.36 10.28
O3' GDP E . 26.83 9.64 10.69
C2' GDP E . 25.41 7.67 11.29
O2' GDP E . 25.86 7.90 12.54
C1' GDP E . 24.08 8.45 10.95
N9 GDP E . 22.81 7.82 11.42
C8 GDP E . 22.30 6.53 10.97
N7 GDP E . 21.14 6.24 11.59
C5 GDP E . 20.87 7.36 12.44
C6 GDP E . 19.76 7.63 13.32
O6 GDP E . 18.80 6.90 13.55
N1 GDP E . 19.75 8.91 14.09
C2 GDP E . 20.82 9.83 13.93
N2 GDP E . 20.78 11.08 14.67
N3 GDP E . 21.84 9.58 13.08
C4 GDP E . 21.87 8.33 12.34
HOB3 GDP E . 25.00 6.18 3.03
H5' GDP E . 26.05 7.82 7.28
H5'' GDP E . 26.44 6.93 8.42
H4' GDP E . 25.68 9.44 8.70
H3' GDP E . 27.10 7.76 10.03
HO3' GDP E . 27.24 10.05 10.05
H2' GDP E . 25.24 6.72 11.18
HO2' GDP E . 25.36 8.48 12.84
H1' GDP E . 24.04 9.33 11.37
H8 GDP E . 22.73 5.97 10.36
HN1 GDP E . 19.10 9.08 14.63
HN21 GDP E . 20.21 11.32 15.26
HN22 GDP E . 21.34 11.73 14.59
MG MG F . 23.91 17.78 0.02
MG MG G . 33.58 32.07 -2.16
MG MG H . 28.30 6.26 5.00
PB GDP I . 11.83 -7.75 -22.66
O1B GDP I . 12.66 -7.41 -23.85
O2B GDP I . 12.49 -7.51 -21.35
O3B GDP I . 11.62 -9.45 -22.79
O3A GDP I . 10.23 -7.09 -22.51
PA GDP I . 8.98 -6.76 -23.51
O1A GDP I . 9.35 -6.42 -24.92
O2A GDP I . 8.01 -5.86 -22.85
O5' GDP I . 7.89 -8.27 -23.85
C5' GDP I . 8.35 -9.46 -24.30
C4' GDP I . 7.15 -10.39 -24.65
O4' GDP I . 5.90 -10.15 -24.12
C3' GDP I . 6.96 -10.18 -26.21
O3' GDP I . 6.75 -11.39 -26.86
C2' GDP I . 5.66 -9.27 -26.30
O2' GDP I . 4.98 -9.52 -27.48
C1' GDP I . 4.92 -9.91 -25.10
N9 GDP I . 3.86 -9.13 -24.37
C8 GDP I . 4.08 -7.82 -23.79
N7 GDP I . 2.96 -7.37 -23.17
C5 GDP I . 2.00 -8.41 -23.33
C6 GDP I . 0.64 -8.51 -22.89
O6 GDP I . -0.03 -7.70 -22.25
N1 GDP I . -0.09 -9.77 -23.21
C2 GDP I . 0.56 -10.80 -23.92
N2 GDP I . -0.18 -12.01 -24.19
N3 GDP I . 1.83 -10.69 -24.33
C4 GDP I . 2.56 -9.51 -24.04
HOB3 GDP I . 11.23 -9.86 -22.14
H5' GDP I . 8.91 -9.96 -23.70
H5'' GDP I . 8.90 -9.43 -25.10
H4' GDP I . 7.41 -11.30 -24.41
H3' GDP I . 7.77 -9.69 -26.46
HO3' GDP I . 7.44 -11.87 -26.81
H2' GDP I . 5.78 -8.31 -26.20
HO2' GDP I . 4.19 -9.71 -27.24
H1' GDP I . 4.46 -10.69 -25.45
H8 GDP I . 4.88 -7.35 -23.83
HN1 GDP I . -0.91 -9.84 -22.95
HN21 GDP I . -0.97 -12.22 -23.88
HN22 GDP I . 0.08 -12.66 -24.68
MG MG J . 8.31 -20.92 -18.45
MG MG K . 18.59 -35.69 -23.05
MG MG L . 11.89 -7.56 -25.73
PB GDP M . -23.72 9.11 -3.87
O1B GDP M . -23.83 7.65 -3.55
O2B GDP M . -25.00 9.90 -3.81
O3B GDP M . -22.71 9.81 -2.68
O3A GDP M . -22.85 9.17 -5.28
PA GDP M . -23.41 9.16 -6.76
O1A GDP M . -22.67 8.18 -7.61
O2A GDP M . -24.91 9.19 -6.88
O5' GDP M . -23.03 10.78 -7.54
C5' GDP M . -23.57 11.97 -7.16
C4' GDP M . -23.17 12.95 -8.26
O4' GDP M . -21.85 12.70 -8.63
C3' GDP M . -24.05 12.66 -9.53
O3' GDP M . -24.59 13.94 -9.89
C2' GDP M . -23.03 12.11 -10.57
O2' GDP M . -23.43 12.50 -11.82
C1' GDP M . -21.70 12.73 -10.00
N9 GDP M . -20.59 11.93 -10.42
C8 GDP M . -20.39 10.56 -10.01
N7 GDP M . -19.28 10.05 -10.60
C5 GDP M . -18.76 11.12 -11.39
C6 GDP M . -17.61 11.22 -12.23
O6 GDP M . -16.76 10.36 -12.47
N1 GDP M . -17.37 12.51 -12.93
C2 GDP M . -18.27 13.57 -12.73
N2 GDP M . -18.01 14.80 -13.40
N3 GDP M . -19.33 13.47 -11.94
C4 GDP M . -19.58 12.26 -11.28
HOB3 GDP M . -22.74 10.65 -2.61
H5' GDP M . -23.28 12.35 -6.32
H5'' GDP M . -24.53 12.00 -7.06
H4' GDP M . -23.37 13.86 -8.04
H3' GDP M . -24.69 11.96 -9.31
HO3' GDP M . -24.96 14.34 -9.21
H2' GDP M . -22.87 11.15 -10.60
HO2' GDP M . -23.26 13.31 -11.85
H1' GDP M . -21.52 13.64 -10.27
H8 GDP M . -20.95 10.10 -9.43
HN1 GDP M . -16.69 12.58 -13.44
HN21 GDP M . -17.39 14.98 -13.95
HN22 GDP M . -18.45 15.53 -13.29
MG MG N . -20.45 21.35 1.50
MG MG O . -26.72 10.04 -5.24
S SO4 P . -41.93 19.11 2.96
O1 SO4 P . -43.31 18.95 2.47
O2 SO4 P . -41.16 17.95 2.49
O3 SO4 P . -41.92 19.22 4.42
O4 SO4 P . -41.30 20.29 2.37
S SO4 Q . -23.63 -4.45 0.30
O1 SO4 Q . -22.22 -4.01 0.26
O2 SO4 Q . -23.81 -5.64 -0.55
O3 SO4 Q . -24.47 -3.30 -0.12
O4 SO4 Q . -24.05 -4.84 1.65
PB GDP R . -12.69 -7.21 21.94
O1B GDP R . -13.49 -7.95 22.98
O2B GDP R . -13.37 -6.00 21.36
O3B GDP R . -12.51 -8.34 20.66
O3A GDP R . -11.13 -6.73 22.34
PA GDP R . -9.81 -7.65 22.53
O1A GDP R . -9.22 -7.92 21.19
O2A GDP R . -8.89 -7.26 23.63
O5' GDP R . -10.31 -9.37 23.12
C5' GDP R . -10.19 -9.79 24.41
C4' GDP R . -9.15 -10.89 24.50
O4' GDP R . -8.06 -10.67 23.65
C3' GDP R . -8.59 -10.91 25.97
O3' GDP R . -8.87 -12.23 26.42
C2' GDP R . -7.08 -10.65 25.77
O2' GDP R . -6.41 -11.37 26.71
C1' GDP R . -6.89 -11.10 24.28
N9 GDP R . -5.72 -10.50 23.66
C8 GDP R . -5.66 -9.14 23.15
N7 GDP R . -4.44 -8.88 22.64
C5 GDP R . -3.72 -10.08 22.85
C6 GDP R . -2.36 -10.40 22.52
O6 GDP R . -1.54 -9.69 21.98
N1 GDP R . -1.88 -11.77 22.86
C2 GDP R . -2.77 -12.70 23.49
N2 GDP R . -2.26 -14.00 23.81
N3 GDP R . -4.04 -12.37 23.80
C4 GDP R . -4.50 -11.05 23.48
HOB3 GDP R . -11.74 -8.70 20.58
H5' GDP R . -11.00 -10.13 24.82
H5'' GDP R . -9.94 -9.11 25.06
H4' GDP R . -9.55 -11.76 24.37
H3' GDP R . -8.98 -10.18 26.47
HO3' GDP R . -8.75 -12.80 25.77
H2' GDP R . -6.77 -9.73 25.79
HO2' GDP R . -5.88 -11.81 26.27
H1' GDP R . -6.79 -12.06 24.17
H8 GDP R . -6.37 -8.54 23.16
HN1 GDP R . -1.07 -11.98 22.67
HN21 GDP R . -1.45 -14.28 23.72
HN22 GDP R . -2.72 -14.65 24.14
MG MG S . -15.93 -18.90 16.39
MG MG T . -24.60 -33.97 20.68
MG MG U . -12.41 -7.58 25.13
#